data_3CEJ
#
_entry.id   3CEJ
#
_cell.length_a   123.270
_cell.length_b   123.270
_cell.length_c   121.880
_cell.angle_alpha   90.00
_cell.angle_beta   90.00
_cell.angle_gamma   120.00
#
_symmetry.space_group_name_H-M   'P 31'
#
loop_
_entity.id
_entity.type
_entity.pdbx_description
1 polymer 'Glycogen phosphorylase, liver form'
2 non-polymer N-acetyl-beta-D-glucopyranosylamine
3 non-polymer "PYRIDOXAL-5'-PHOSPHATE"
4 non-polymer '1-{2-[3-(2-Chloro-4,5-difluoro-benzoyl)-ureido]-4-fluoro-phenyl}-piperidine-4-carboxylic acid'
5 water water
#
_entity_poly.entity_id   1
_entity_poly.type   'polypeptide(L)'
_entity_poly.pdbx_seq_one_letter_code
;NVAELKKSFNRHLHFTLVKDRNVATTRDYYFALAHTVRDHLVGRWIRTQQHYYDKCPKRVYYLSLEFYMGRTLQNTMINL
GLQNACDEAIYQLGLDIEELEEIEEDAGLGNGGLGRLAACFLDSMATLGLAAYGYGIRYEYGIFNQKIRDGWQVEEADDW
LRYGNPWEKSRPEFMLPVHFYGKVEHTNTGTKWIDTQVVLALPYDTPVPGYMNNTVNTMRLWSARAPNDFNLRDFNVGDY
IQAVLDRNLAENISRVLYPNDNFFEGKELRLKQEYFVVAATLQDIIRRFKASKFGSTRGAGTVFDAFPDQVAIQLNDTHP
ALAIPELMRIFVDIEKLPWSKAWELTQKTFAYTNHTVLPEALERWPVDLVEKLLPRHLEIIYEINQKHLDRIVALFPKDV
DRLRRMSLIEEEGSKRINMAHLCIVGSHAVNGVAKIHSDIVKTKVFKDFSELEPDKFQNKTNGITPRRWLLLCNPGLAEL
IAEKIGEDYVKDLSQLTKLHSFLGDDVFLRELAKVKQENKLKFSQFLETEYKVKINPSSMFDVQVKRIHEYKRQLLNCLH
VITMYNRIKKDPKKLFVPRTVIIGGKAAPGYHMAKMIIKLITSVADVVNNDPMVGSKLKVIFLENYRVSLAEKVIPATDL
SEQISTAGTEASGTGNMKFMLNGALTIGTMDGANVEMAEEAGEENLFIFGMRIDDVAALDKKGYEAKEYYEALPELKLVI
DQIDNGFFSPKQPDLFKDIINMLFYHDRFKVFADYEAYVKCQDKVSQLYMNPKAWNTMVLKNIAASGKFSSDRTIKEYAQ
NIWNVEPSD
;
_entity_poly.pdbx_strand_id   A,B
#
# COMPACT_ATOMS: atom_id res chain seq x y z
N ASN A 1 22.53 -21.86 16.41
CA ASN A 1 21.97 -22.86 17.39
C ASN A 1 20.55 -22.62 17.90
N VAL A 2 19.84 -23.73 18.06
CA VAL A 2 18.43 -23.78 18.46
C VAL A 2 18.04 -22.75 19.51
N ALA A 3 18.80 -22.70 20.59
CA ALA A 3 18.45 -21.90 21.76
C ALA A 3 18.31 -20.44 21.42
N GLU A 4 19.28 -19.91 20.68
CA GLU A 4 19.31 -18.50 20.32
C GLU A 4 18.31 -18.18 19.23
N LEU A 5 18.00 -19.21 18.43
CA LEU A 5 16.85 -19.19 17.52
C LEU A 5 15.54 -19.11 18.29
N LYS A 6 15.41 -19.90 19.35
CA LYS A 6 14.23 -19.83 20.20
C LYS A 6 14.04 -18.40 20.69
N LYS A 7 15.12 -17.81 21.22
CA LYS A 7 15.12 -16.42 21.66
C LYS A 7 14.68 -15.46 20.56
N SER A 8 15.40 -15.46 19.43
CA SER A 8 15.09 -14.59 18.28
C SER A 8 13.63 -14.63 17.83
N PHE A 9 13.02 -15.81 17.90
CA PHE A 9 11.61 -15.98 17.54
C PHE A 9 10.67 -15.22 18.47
N ASN A 10 11.03 -15.15 19.75
CA ASN A 10 10.18 -14.53 20.77
C ASN A 10 10.34 -13.03 20.85
N ARG A 11 11.56 -12.54 20.60
CA ARG A 11 11.86 -11.10 20.65
C ARG A 11 11.13 -10.34 19.55
N HIS A 12 10.81 -11.05 18.47
CA HIS A 12 10.00 -10.50 17.40
C HIS A 12 8.51 -10.54 17.71
N LEU A 13 8.05 -11.69 18.18
CA LEU A 13 6.67 -11.86 18.56
C LEU A 13 6.31 -10.78 19.57
N HIS A 14 7.26 -10.49 20.45
CA HIS A 14 7.07 -9.43 21.42
C HIS A 14 7.10 -8.10 20.67
N PHE A 15 8.29 -7.76 20.14
CA PHE A 15 8.62 -6.41 19.66
C PHE A 15 8.03 -6.01 18.30
N THR A 16 8.01 -6.94 17.35
CA THR A 16 7.58 -6.66 15.99
C THR A 16 6.07 -6.91 15.84
N LEU A 17 5.58 -7.89 16.60
CA LEU A 17 4.22 -8.40 16.48
C LEU A 17 3.33 -8.05 17.68
N VAL A 18 3.95 -7.63 18.78
CA VAL A 18 3.21 -7.10 19.93
C VAL A 18 2.13 -8.10 20.38
N LYS A 19 2.57 -9.27 20.87
CA LYS A 19 1.66 -10.38 21.23
C LYS A 19 2.20 -11.30 22.34
N ASP A 20 1.30 -11.77 23.21
CA ASP A 20 1.59 -12.89 24.11
C ASP A 20 1.35 -14.20 23.41
N ARG A 21 2.09 -15.22 23.81
CA ARG A 21 1.82 -16.58 23.38
C ARG A 21 0.35 -16.91 23.57
N ASN A 22 -0.24 -16.27 24.58
CA ASN A 22 -1.66 -16.37 24.85
C ASN A 22 -2.58 -15.93 23.72
N VAL A 23 -2.16 -14.93 22.93
CA VAL A 23 -3.05 -14.34 21.94
C VAL A 23 -2.55 -14.36 20.49
N ALA A 24 -1.31 -14.78 20.27
CA ALA A 24 -0.78 -14.83 18.91
C ALA A 24 -1.59 -15.73 17.97
N THR A 25 -1.82 -15.26 16.75
CA THR A 25 -2.51 -16.05 15.72
C THR A 25 -1.57 -17.14 15.18
N THR A 26 -1.99 -17.85 14.12
CA THR A 26 -1.08 -18.72 13.40
C THR A 26 -0.17 -17.85 12.57
N ARG A 27 -0.77 -16.84 11.96
CA ARG A 27 -0.06 -15.83 11.17
C ARG A 27 1.11 -15.17 11.96
N ASP A 28 0.81 -14.65 13.14
CA ASP A 28 1.80 -13.96 13.96
C ASP A 28 3.09 -14.75 14.21
N TYR A 29 2.94 -16.05 14.41
CA TYR A 29 4.10 -16.88 14.62
C TYR A 29 4.93 -16.91 13.35
N TYR A 30 4.27 -17.11 12.21
CA TYR A 30 4.97 -17.12 10.93
C TYR A 30 5.87 -15.90 10.86
N PHE A 31 5.28 -14.71 10.95
CA PHE A 31 6.05 -13.48 10.91
C PHE A 31 7.18 -13.45 11.92
N ALA A 32 6.91 -13.84 13.15
CA ALA A 32 7.96 -13.93 14.15
C ALA A 32 9.09 -14.80 13.61
N LEU A 33 8.74 -15.98 13.07
CA LEU A 33 9.77 -16.91 12.58
C LEU A 33 10.42 -16.47 11.26
N ALA A 34 9.65 -15.79 10.41
CA ALA A 34 10.17 -15.33 9.13
C ALA A 34 11.23 -14.27 9.39
N HIS A 35 10.93 -13.40 10.35
CA HIS A 35 11.83 -12.33 10.74
C HIS A 35 13.06 -12.92 11.34
N THR A 36 12.91 -14.00 12.10
CA THR A 36 14.05 -14.70 12.64
C THR A 36 14.90 -15.22 11.48
N VAL A 37 14.24 -15.73 10.45
CA VAL A 37 14.91 -16.32 9.31
C VAL A 37 15.51 -15.26 8.40
N ARG A 38 14.88 -14.08 8.32
CA ARG A 38 15.47 -12.99 7.56
C ARG A 38 16.70 -12.45 8.27
N ASP A 39 16.60 -12.34 9.60
CA ASP A 39 17.66 -11.85 10.48
C ASP A 39 19.05 -12.45 10.16
N HIS A 40 19.12 -13.78 10.11
CA HIS A 40 20.38 -14.54 9.94
C HIS A 40 20.81 -14.62 8.46
N LEU A 41 20.57 -13.55 7.72
CA LEU A 41 20.80 -13.50 6.29
C LEU A 41 21.24 -12.10 5.95
N VAL A 42 20.59 -11.15 6.61
CA VAL A 42 20.96 -9.76 6.60
C VAL A 42 22.48 -9.64 6.65
N GLY A 43 23.11 -10.41 7.54
CA GLY A 43 24.54 -10.43 7.66
C GLY A 43 25.20 -10.61 6.30
N ARG A 44 24.87 -11.75 5.66
CA ARG A 44 25.50 -12.18 4.40
C ARG A 44 24.90 -11.53 3.14
N TRP A 45 23.90 -10.70 3.33
CA TRP A 45 23.29 -9.96 2.25
C TRP A 45 24.08 -8.66 2.06
N ILE A 46 24.28 -7.94 3.18
CA ILE A 46 25.10 -6.72 3.23
C ILE A 46 26.50 -6.99 2.72
N ARG A 47 27.19 -7.94 3.35
CA ARG A 47 28.49 -8.39 2.86
C ARG A 47 28.47 -8.77 1.37
N THR A 48 27.56 -9.65 0.96
CA THR A 48 27.53 -10.07 -0.42
C THR A 48 27.43 -8.88 -1.34
N GLN A 49 26.43 -8.02 -1.09
CA GLN A 49 26.24 -6.81 -1.91
C GLN A 49 27.44 -5.89 -1.82
N GLN A 50 27.87 -5.62 -0.59
CA GLN A 50 29.09 -4.87 -0.30
C GLN A 50 30.25 -5.38 -1.14
N HIS A 51 30.42 -6.71 -1.13
CA HIS A 51 31.49 -7.34 -1.87
C HIS A 51 31.42 -7.05 -3.38
N TYR A 52 30.27 -7.33 -4.00
CA TYR A 52 30.06 -7.09 -5.43
C TYR A 52 30.22 -5.62 -5.81
N TYR A 53 30.01 -4.74 -4.82
CA TYR A 53 30.24 -3.31 -4.96
C TYR A 53 31.73 -2.96 -4.84
N ASP A 54 32.34 -3.46 -3.77
CA ASP A 54 33.76 -3.19 -3.50
C ASP A 54 34.65 -3.61 -4.65
N LYS A 55 34.42 -4.82 -5.16
CA LYS A 55 35.35 -5.45 -6.09
C LYS A 55 35.01 -5.34 -7.57
N CYS A 56 33.77 -5.02 -7.92
CA CYS A 56 33.31 -5.01 -9.32
C CYS A 56 33.64 -6.30 -10.12
N PRO A 57 32.91 -7.38 -9.86
CA PRO A 57 32.88 -8.39 -10.92
C PRO A 57 31.89 -7.91 -12.00
N LYS A 58 31.81 -8.59 -13.13
CA LYS A 58 30.77 -8.25 -14.08
C LYS A 58 29.46 -8.66 -13.43
N ARG A 59 28.58 -7.69 -13.22
CA ARG A 59 27.29 -7.97 -12.61
C ARG A 59 26.30 -8.45 -13.67
N VAL A 60 25.60 -9.54 -13.36
CA VAL A 60 24.51 -10.04 -14.22
C VAL A 60 23.22 -9.34 -13.84
N TYR A 61 22.33 -9.19 -14.83
CA TYR A 61 21.02 -8.60 -14.58
C TYR A 61 19.95 -9.36 -15.35
N TYR A 62 19.14 -10.11 -14.60
CA TYR A 62 18.08 -10.88 -15.22
C TYR A 62 16.80 -10.06 -15.21
N LEU A 63 16.57 -9.29 -16.27
CA LEU A 63 15.40 -8.42 -16.39
C LEU A 63 14.17 -9.17 -16.88
N SER A 64 13.19 -9.37 -16.01
CA SER A 64 11.99 -10.13 -16.38
C SER A 64 10.71 -9.50 -15.82
N LEU A 65 9.60 -9.71 -16.52
CA LEU A 65 8.29 -9.30 -16.04
C LEU A 65 7.73 -10.33 -15.06
N GLU A 66 8.32 -11.52 -15.04
CA GLU A 66 7.79 -12.60 -14.23
C GLU A 66 8.88 -13.27 -13.42
N PHE A 67 8.61 -13.37 -12.11
CA PHE A 67 9.45 -14.10 -11.17
C PHE A 67 8.54 -14.97 -10.29
N TYR A 68 8.20 -16.17 -10.77
CA TYR A 68 7.29 -17.09 -10.08
C TYR A 68 7.98 -17.73 -8.87
N MET A 69 8.09 -16.93 -7.81
CA MET A 69 9.00 -17.23 -6.70
C MET A 69 8.45 -18.20 -5.67
N GLY A 70 7.12 -18.27 -5.53
CA GLY A 70 6.50 -19.12 -4.53
C GLY A 70 6.85 -18.69 -3.12
N ARG A 71 6.99 -19.66 -2.22
CA ARG A 71 7.20 -19.40 -0.81
C ARG A 71 8.68 -19.30 -0.43
N THR A 72 9.02 -18.25 0.31
CA THR A 72 10.40 -17.98 0.73
C THR A 72 10.84 -18.59 2.07
N LEU A 73 9.95 -18.65 3.07
CA LEU A 73 10.30 -19.06 4.44
C LEU A 73 11.14 -20.35 4.54
N GLN A 74 10.52 -21.48 4.22
CA GLN A 74 11.20 -22.78 4.29
C GLN A 74 12.44 -22.74 3.42
N ASN A 75 12.26 -22.36 2.16
CA ASN A 75 13.36 -22.36 1.20
C ASN A 75 14.63 -21.74 1.74
N THR A 76 14.48 -20.61 2.44
CA THR A 76 15.61 -19.85 2.97
C THR A 76 16.36 -20.60 4.07
N MET A 77 15.59 -21.21 4.98
CA MET A 77 16.14 -22.07 6.03
C MET A 77 16.94 -23.23 5.43
N ILE A 78 16.31 -23.96 4.51
CA ILE A 78 17.01 -25.00 3.79
C ILE A 78 18.32 -24.47 3.17
N ASN A 79 18.22 -23.43 2.36
CA ASN A 79 19.40 -22.88 1.66
C ASN A 79 20.47 -22.34 2.62
N LEU A 80 20.02 -21.75 3.73
CA LEU A 80 20.92 -21.22 4.74
C LEU A 80 21.29 -22.29 5.75
N GLY A 81 20.97 -23.54 5.44
CA GLY A 81 21.25 -24.65 6.35
C GLY A 81 20.80 -24.36 7.76
N LEU A 82 19.74 -23.57 7.88
CA LEU A 82 19.19 -23.24 9.19
C LEU A 82 17.84 -23.88 9.48
N GLN A 83 17.36 -24.71 8.54
CA GLN A 83 16.05 -25.34 8.67
C GLN A 83 15.96 -26.21 9.91
N ASN A 84 16.83 -27.20 9.99
CA ASN A 84 16.80 -28.16 11.07
C ASN A 84 16.72 -27.46 12.44
N ALA A 85 17.68 -26.58 12.72
CA ALA A 85 17.68 -25.83 13.98
C ALA A 85 16.43 -24.96 14.16
N CYS A 86 15.85 -24.48 13.06
CA CYS A 86 14.61 -23.70 13.13
C CYS A 86 13.41 -24.57 13.45
N ASP A 87 13.39 -25.76 12.84
CA ASP A 87 12.35 -26.76 13.05
C ASP A 87 12.38 -27.15 14.52
N GLU A 88 13.58 -27.13 15.09
CA GLU A 88 13.81 -27.59 16.44
C GLU A 88 13.39 -26.51 17.44
N ALA A 89 13.64 -25.25 17.09
CA ALA A 89 13.26 -24.12 17.93
C ALA A 89 11.74 -24.01 18.03
N ILE A 90 11.06 -24.15 16.90
CA ILE A 90 9.60 -24.14 16.84
C ILE A 90 8.96 -25.36 17.54
N TYR A 91 9.66 -26.50 17.51
CA TYR A 91 9.21 -27.69 18.25
C TYR A 91 9.25 -27.46 19.74
N GLN A 92 10.43 -27.21 20.27
CA GLN A 92 10.57 -26.96 21.69
C GLN A 92 9.55 -25.92 22.15
N LEU A 93 9.28 -24.94 21.29
CA LEU A 93 8.26 -23.92 21.56
C LEU A 93 6.83 -24.38 21.26
N GLY A 94 6.62 -25.70 21.35
CA GLY A 94 5.33 -26.33 21.13
C GLY A 94 4.46 -25.72 20.05
N LEU A 95 5.08 -25.32 18.94
CA LEU A 95 4.32 -24.83 17.80
C LEU A 95 4.41 -25.81 16.64
N ASP A 96 3.35 -25.90 15.83
CA ASP A 96 3.35 -26.75 14.61
C ASP A 96 4.06 -26.03 13.46
N ILE A 97 5.24 -26.54 13.08
CA ILE A 97 6.05 -25.88 12.05
C ILE A 97 5.36 -25.83 10.67
N GLU A 98 4.73 -26.93 10.24
CA GLU A 98 4.05 -26.95 8.94
C GLU A 98 3.05 -25.81 8.84
N GLU A 99 2.20 -25.73 9.85
CA GLU A 99 1.15 -24.73 9.98
C GLU A 99 1.65 -23.34 9.65
N LEU A 100 2.72 -22.93 10.32
CA LEU A 100 3.34 -21.63 10.12
C LEU A 100 3.74 -21.41 8.66
N GLU A 101 4.35 -22.43 8.05
CA GLU A 101 4.86 -22.35 6.67
C GLU A 101 3.76 -22.12 5.65
N GLU A 102 2.58 -22.69 5.92
CA GLU A 102 1.42 -22.60 5.04
C GLU A 102 0.71 -21.25 5.10
N ILE A 103 0.99 -20.51 6.17
CA ILE A 103 0.50 -19.14 6.31
C ILE A 103 1.02 -18.25 5.19
N GLU A 104 2.24 -18.55 4.72
CA GLU A 104 2.95 -17.77 3.70
C GLU A 104 2.32 -17.89 2.33
N GLU A 105 2.15 -16.75 1.68
CA GLU A 105 1.50 -16.68 0.35
C GLU A 105 2.48 -16.93 -0.79
N ASP A 106 1.94 -17.48 -1.88
CA ASP A 106 2.67 -17.56 -3.13
C ASP A 106 2.93 -16.18 -3.74
N ALA A 107 4.21 -15.83 -3.85
CA ALA A 107 4.62 -14.73 -4.71
C ALA A 107 4.35 -15.18 -6.14
N GLY A 108 3.08 -15.13 -6.51
CA GLY A 108 2.62 -15.66 -7.79
C GLY A 108 2.90 -14.67 -8.89
N LEU A 109 4.07 -14.06 -8.84
CA LEU A 109 4.49 -12.99 -9.75
C LEU A 109 5.02 -13.54 -11.08
N GLY A 110 4.24 -14.44 -11.68
CA GLY A 110 4.58 -15.09 -12.93
C GLY A 110 3.52 -16.09 -13.31
N ASN A 111 3.40 -16.37 -14.60
CA ASN A 111 2.40 -17.31 -15.10
C ASN A 111 2.85 -18.75 -14.98
N GLY A 112 3.80 -19.15 -15.81
CA GLY A 112 4.14 -20.57 -15.97
C GLY A 112 5.59 -20.90 -15.79
N GLY A 113 6.14 -21.56 -16.80
CA GLY A 113 7.51 -22.12 -16.75
C GLY A 113 8.60 -21.07 -16.75
N LEU A 114 8.43 -20.06 -17.63
CA LEU A 114 9.37 -18.94 -17.77
C LEU A 114 9.47 -18.16 -16.47
N GLY A 115 8.33 -18.03 -15.79
CA GLY A 115 8.27 -17.40 -14.46
C GLY A 115 9.13 -18.20 -13.49
N ARG A 116 8.90 -19.51 -13.45
CA ARG A 116 9.68 -20.40 -12.59
C ARG A 116 11.15 -20.51 -13.02
N LEU A 117 11.38 -20.42 -14.32
CA LEU A 117 12.73 -20.37 -14.82
C LEU A 117 13.44 -19.12 -14.27
N ALA A 118 12.79 -17.96 -14.33
CA ALA A 118 13.39 -16.71 -13.80
C ALA A 118 13.71 -16.87 -12.32
N ALA A 119 12.85 -17.63 -11.64
CA ALA A 119 12.96 -17.92 -10.24
C ALA A 119 14.13 -18.86 -9.96
N CYS A 120 14.08 -20.07 -10.52
CA CYS A 120 15.16 -21.02 -10.39
C CYS A 120 16.55 -20.45 -10.73
N PHE A 121 16.65 -19.67 -11.81
CA PHE A 121 17.92 -19.01 -12.18
C PHE A 121 18.45 -18.17 -11.02
N LEU A 122 17.58 -17.35 -10.43
CA LEU A 122 17.94 -16.64 -9.23
C LEU A 122 18.64 -17.56 -8.24
N ASP A 123 18.00 -18.68 -7.90
CA ASP A 123 18.51 -19.61 -6.90
C ASP A 123 19.92 -20.08 -7.22
N SER A 124 20.15 -20.41 -8.49
CA SER A 124 21.42 -20.97 -8.91
C SER A 124 22.49 -19.89 -8.93
N MET A 125 22.29 -18.86 -9.74
CA MET A 125 23.18 -17.69 -9.77
C MET A 125 23.72 -17.30 -8.39
N ALA A 126 22.90 -17.49 -7.36
CA ALA A 126 23.35 -17.34 -5.99
C ALA A 126 24.25 -18.52 -5.59
N THR A 127 23.67 -19.72 -5.59
CA THR A 127 24.39 -20.96 -5.27
C THR A 127 25.71 -21.12 -6.04
N LEU A 128 25.79 -20.49 -7.22
CA LEU A 128 27.02 -20.44 -8.03
C LEU A 128 27.96 -19.29 -7.61
N GLY A 129 27.51 -18.46 -6.68
CA GLY A 129 28.29 -17.31 -6.23
C GLY A 129 28.49 -16.27 -7.32
N LEU A 130 27.60 -16.29 -8.31
CA LEU A 130 27.61 -15.30 -9.39
C LEU A 130 27.02 -14.00 -8.88
N ALA A 131 27.67 -12.89 -9.24
CA ALA A 131 27.17 -11.57 -8.88
C ALA A 131 25.96 -11.15 -9.73
N ALA A 132 24.85 -11.88 -9.59
CA ALA A 132 23.65 -11.66 -10.41
C ALA A 132 22.62 -10.86 -9.67
N TYR A 133 21.58 -10.45 -10.37
CA TYR A 133 20.48 -9.76 -9.71
C TYR A 133 19.14 -10.31 -10.13
N GLY A 134 18.10 -9.49 -10.01
CA GLY A 134 16.79 -9.89 -10.46
C GLY A 134 16.01 -8.61 -10.58
N TYR A 135 15.69 -8.24 -11.82
CA TYR A 135 14.90 -7.04 -12.08
C TYR A 135 13.51 -7.33 -12.57
N GLY A 136 12.54 -6.85 -11.81
CA GLY A 136 11.13 -7.14 -12.05
C GLY A 136 10.14 -6.16 -11.44
N ILE A 137 8.88 -6.31 -11.81
CA ILE A 137 7.77 -5.49 -11.28
C ILE A 137 7.14 -6.10 -10.02
N ARG A 138 7.11 -5.33 -8.95
CA ARG A 138 6.42 -5.76 -7.75
C ARG A 138 4.92 -5.60 -7.95
N TYR A 139 4.28 -6.66 -8.45
CA TYR A 139 2.84 -6.66 -8.71
C TYR A 139 2.12 -6.81 -7.39
N GLU A 140 1.04 -6.05 -7.20
CA GLU A 140 0.32 -6.14 -5.95
C GLU A 140 -0.61 -7.35 -5.91
N TYR A 141 -1.11 -7.74 -7.07
CA TYR A 141 -1.85 -8.98 -7.22
C TYR A 141 -1.10 -9.82 -8.24
N GLY A 142 -0.68 -11.01 -7.86
CA GLY A 142 0.02 -11.90 -8.79
C GLY A 142 -0.88 -12.61 -9.79
N ILE A 143 -0.58 -13.89 -10.05
CA ILE A 143 -1.49 -14.74 -10.80
C ILE A 143 -2.67 -15.13 -9.90
N PHE A 144 -3.87 -15.13 -10.49
CA PHE A 144 -5.13 -15.30 -9.77
C PHE A 144 -5.28 -16.63 -9.02
N ASN A 145 -6.05 -16.59 -7.93
CA ASN A 145 -6.53 -17.80 -7.27
C ASN A 145 -7.62 -18.45 -8.11
N GLN A 146 -7.53 -19.77 -8.23
CA GLN A 146 -8.40 -20.53 -9.10
C GLN A 146 -9.40 -21.35 -8.26
N LYS A 147 -10.68 -21.04 -8.39
CA LYS A 147 -11.69 -21.78 -7.67
C LYS A 147 -12.52 -22.59 -8.66
N ILE A 148 -12.75 -23.87 -8.31
CA ILE A 148 -13.61 -24.76 -9.08
C ILE A 148 -15.02 -24.63 -8.54
N ARG A 149 -15.84 -23.86 -9.26
CA ARG A 149 -17.20 -23.55 -8.85
C ARG A 149 -18.19 -23.93 -9.95
N ASP A 150 -18.82 -25.09 -9.77
CA ASP A 150 -19.76 -25.64 -10.73
C ASP A 150 -18.95 -26.10 -11.96
N GLY A 151 -17.81 -26.72 -11.67
CA GLY A 151 -16.85 -27.19 -12.67
C GLY A 151 -16.32 -26.13 -13.64
N TRP A 152 -16.19 -24.87 -13.19
CA TRP A 152 -15.75 -23.76 -14.03
C TRP A 152 -14.64 -22.98 -13.34
N GLN A 153 -13.63 -22.56 -14.09
CA GLN A 153 -12.59 -21.74 -13.46
C GLN A 153 -13.11 -20.38 -13.02
N VAL A 154 -13.06 -20.16 -11.69
CA VAL A 154 -13.34 -18.86 -11.07
C VAL A 154 -12.04 -18.23 -10.56
N GLU A 155 -11.80 -16.98 -10.94
CA GLU A 155 -10.59 -16.24 -10.50
C GLU A 155 -10.90 -15.24 -9.41
N GLU A 156 -9.96 -15.07 -8.49
CA GLU A 156 -10.01 -14.05 -7.45
C GLU A 156 -8.68 -13.34 -7.42
N ALA A 157 -8.65 -12.15 -6.81
CA ALA A 157 -7.41 -11.41 -6.67
C ALA A 157 -6.39 -12.20 -5.84
N ASP A 158 -5.10 -12.04 -6.18
CA ASP A 158 -4.03 -12.65 -5.40
C ASP A 158 -3.49 -11.65 -4.38
N ASP A 159 -4.40 -11.17 -3.52
CA ASP A 159 -4.14 -10.12 -2.54
C ASP A 159 -3.06 -10.52 -1.52
N TRP A 160 -1.89 -10.90 -2.03
CA TRP A 160 -0.82 -11.46 -1.22
C TRP A 160 -0.09 -10.46 -0.34
N LEU A 161 -0.23 -9.17 -0.67
CA LEU A 161 0.41 -8.11 0.13
C LEU A 161 -0.52 -7.48 1.18
N ARG A 162 -1.76 -7.97 1.23
CA ARG A 162 -2.80 -7.48 2.15
C ARG A 162 -2.29 -7.25 3.57
N TYR A 163 -1.56 -8.24 4.08
CA TYR A 163 -1.07 -8.19 5.44
C TYR A 163 0.41 -7.84 5.47
N GLY A 164 1.13 -8.14 4.40
CA GLY A 164 2.54 -7.73 4.29
C GLY A 164 3.54 -8.77 3.79
N ASN A 165 4.82 -8.43 3.94
CA ASN A 165 5.92 -9.21 3.37
C ASN A 165 7.23 -8.96 4.10
N PRO A 166 7.68 -9.93 4.94
CA PRO A 166 8.93 -9.76 5.70
C PRO A 166 10.17 -9.98 4.82
N TRP A 167 9.94 -10.58 3.65
CA TRP A 167 11.01 -10.92 2.75
C TRP A 167 11.48 -9.70 1.99
N GLU A 168 10.59 -8.76 1.73
CA GLU A 168 10.94 -7.53 1.02
C GLU A 168 11.32 -6.39 1.95
N LYS A 169 12.19 -5.52 1.46
CA LYS A 169 12.63 -4.31 2.15
C LYS A 169 12.72 -3.16 1.15
N SER A 170 12.01 -2.07 1.43
CA SER A 170 11.97 -0.94 0.49
C SER A 170 13.32 -0.21 0.44
N ARG A 171 13.68 0.30 -0.74
CA ARG A 171 14.95 1.00 -0.95
C ARG A 171 14.72 2.44 -1.41
N PRO A 172 14.15 3.28 -0.53
CA PRO A 172 13.64 4.59 -0.92
C PRO A 172 14.69 5.48 -1.56
N GLU A 173 15.91 5.45 -1.04
CA GLU A 173 16.95 6.30 -1.61
C GLU A 173 17.16 6.01 -3.11
N PHE A 174 16.66 4.88 -3.59
CA PHE A 174 16.98 4.43 -4.96
C PHE A 174 15.80 4.54 -5.89
N MET A 175 14.79 5.25 -5.42
CA MET A 175 13.57 5.47 -6.18
C MET A 175 13.87 6.31 -7.42
N LEU A 176 13.21 5.97 -8.52
CA LEU A 176 13.48 6.64 -9.80
C LEU A 176 12.21 7.11 -10.49
N PRO A 177 12.32 8.17 -11.31
CA PRO A 177 11.21 8.56 -12.16
C PRO A 177 11.20 7.78 -13.49
N VAL A 178 10.01 7.58 -14.03
CA VAL A 178 9.83 7.01 -15.36
C VAL A 178 8.81 7.86 -16.11
N HIS A 179 9.07 8.12 -17.39
CA HIS A 179 8.23 9.02 -18.18
C HIS A 179 7.37 8.25 -19.18
N PHE A 180 6.13 8.71 -19.37
CA PHE A 180 5.23 8.15 -20.41
C PHE A 180 4.57 9.29 -21.20
N TYR A 181 4.21 9.01 -22.45
CA TYR A 181 3.54 9.99 -23.31
C TYR A 181 4.37 11.20 -23.75
N GLY A 182 3.67 12.32 -24.01
CA GLY A 182 4.28 13.57 -24.48
C GLY A 182 4.75 13.58 -25.92
N LYS A 183 5.39 14.67 -26.32
CA LYS A 183 5.91 14.85 -27.69
C LYS A 183 7.45 14.78 -27.76
N VAL A 184 7.97 14.29 -28.88
CA VAL A 184 9.42 14.38 -29.16
C VAL A 184 9.73 15.76 -29.74
N GLU A 185 10.83 16.35 -29.27
CA GLU A 185 11.26 17.66 -29.77
C GLU A 185 12.64 17.56 -30.41
N HIS A 186 12.82 18.25 -31.53
CA HIS A 186 14.09 18.20 -32.25
C HIS A 186 14.87 19.54 -32.26
N THR A 187 15.86 19.64 -31.38
CA THR A 187 16.57 20.91 -31.22
C THR A 187 18.10 20.85 -31.38
N ASN A 188 18.72 21.98 -31.06
CA ASN A 188 20.11 22.22 -31.30
C ASN A 188 20.98 21.50 -30.30
N THR A 189 20.52 21.46 -29.05
CA THR A 189 21.25 20.70 -28.05
C THR A 189 20.83 19.22 -28.11
N GLY A 190 20.66 18.71 -29.33
CA GLY A 190 20.16 17.36 -29.55
C GLY A 190 18.64 17.30 -29.43
N THR A 191 18.15 16.11 -29.13
CA THR A 191 16.73 15.81 -29.22
C THR A 191 16.14 15.55 -27.83
N LYS A 192 15.06 16.26 -27.51
CA LYS A 192 14.47 16.20 -26.17
C LYS A 192 13.07 15.56 -26.14
N TRP A 193 12.86 14.58 -25.26
CA TRP A 193 11.54 13.97 -25.11
C TRP A 193 10.71 14.79 -24.12
N ILE A 194 10.23 15.94 -24.58
CA ILE A 194 9.61 16.97 -23.70
C ILE A 194 8.18 16.67 -23.26
N ASP A 195 7.71 17.44 -22.27
CA ASP A 195 6.30 17.47 -21.87
C ASP A 195 5.69 16.09 -21.49
N THR A 196 6.34 15.39 -20.58
CA THR A 196 5.99 13.99 -20.29
C THR A 196 5.38 13.75 -18.93
N GLN A 197 4.71 12.61 -18.80
CA GLN A 197 4.13 12.17 -17.54
C GLN A 197 5.02 11.20 -16.79
N VAL A 198 5.03 11.37 -15.48
CA VAL A 198 6.02 10.74 -14.61
C VAL A 198 5.37 9.76 -13.66
N VAL A 199 5.88 8.54 -13.64
CA VAL A 199 5.54 7.59 -12.59
C VAL A 199 6.80 7.30 -11.79
N LEU A 200 6.75 7.50 -10.48
CA LEU A 200 7.82 7.05 -9.61
C LEU A 200 7.81 5.54 -9.57
N ALA A 201 9.03 5.00 -9.69
CA ALA A 201 9.26 3.59 -9.50
C ALA A 201 10.02 3.47 -8.20
N LEU A 202 9.37 2.83 -7.23
CA LEU A 202 9.98 2.58 -5.92
C LEU A 202 10.49 1.13 -5.86
N PRO A 203 11.82 0.93 -5.66
CA PRO A 203 12.39 -0.39 -5.78
C PRO A 203 12.42 -1.17 -4.47
N TYR A 204 11.99 -2.43 -4.50
CA TYR A 204 11.96 -3.27 -3.32
C TYR A 204 12.87 -4.47 -3.47
N ASP A 205 13.70 -4.70 -2.46
CA ASP A 205 14.63 -5.83 -2.41
C ASP A 205 14.05 -7.10 -1.75
N THR A 206 14.44 -8.25 -2.28
CA THR A 206 14.16 -9.54 -1.66
C THR A 206 15.43 -10.39 -1.82
N PRO A 207 15.85 -11.10 -0.77
CA PRO A 207 17.15 -11.75 -0.87
C PRO A 207 17.11 -13.12 -1.55
N VAL A 208 17.91 -13.26 -2.61
CA VAL A 208 18.11 -14.56 -3.23
C VAL A 208 19.28 -15.15 -2.46
N PRO A 209 19.00 -16.14 -1.58
CA PRO A 209 20.00 -16.77 -0.74
C PRO A 209 20.64 -17.96 -1.41
N GLY A 210 21.93 -17.84 -1.73
CA GLY A 210 22.71 -18.93 -2.30
C GLY A 210 22.55 -20.20 -1.49
N TYR A 211 22.84 -21.34 -2.11
CA TYR A 211 22.72 -22.60 -1.38
C TYR A 211 24.03 -23.00 -0.63
N MET A 212 24.08 -22.58 0.63
CA MET A 212 25.19 -22.89 1.51
C MET A 212 26.50 -22.39 0.89
N ASN A 213 26.64 -21.07 0.78
CA ASN A 213 27.82 -20.48 0.16
C ASN A 213 28.10 -19.06 0.61
N ASN A 214 27.25 -18.54 1.49
CA ASN A 214 27.33 -17.15 1.98
C ASN A 214 26.93 -16.05 1.00
N THR A 215 26.82 -16.40 -0.29
CA THR A 215 26.35 -15.44 -1.27
C THR A 215 24.86 -15.18 -1.01
N VAL A 216 24.49 -13.90 -0.90
CA VAL A 216 23.08 -13.51 -0.88
C VAL A 216 22.79 -12.38 -1.89
N ASN A 217 22.28 -12.77 -3.05
CA ASN A 217 21.91 -11.83 -4.12
C ASN A 217 20.72 -10.96 -3.79
N THR A 218 20.59 -9.87 -4.55
CA THR A 218 19.43 -9.01 -4.49
C THR A 218 18.46 -9.45 -5.62
N MET A 219 17.17 -9.42 -5.30
CA MET A 219 16.12 -9.36 -6.32
C MET A 219 15.34 -8.05 -6.20
N ARG A 220 15.42 -7.22 -7.24
CA ARG A 220 14.79 -5.92 -7.21
C ARG A 220 13.44 -5.93 -7.92
N LEU A 221 12.39 -5.69 -7.15
CA LEU A 221 11.06 -5.52 -7.72
C LEU A 221 10.66 -4.07 -7.51
N TRP A 222 10.12 -3.46 -8.58
CA TRP A 222 9.75 -2.04 -8.57
C TRP A 222 8.27 -1.85 -8.29
N SER A 223 7.90 -0.73 -7.68
CA SER A 223 6.49 -0.37 -7.66
C SER A 223 6.25 1.09 -8.02
N ALA A 224 5.04 1.37 -8.48
CA ALA A 224 4.69 2.66 -9.05
C ALA A 224 4.22 3.69 -8.03
N ARG A 225 4.24 4.97 -8.42
CA ARG A 225 3.48 6.05 -7.74
C ARG A 225 3.68 7.45 -8.33
N ALA A 226 2.80 8.37 -8.00
CA ALA A 226 2.86 9.70 -8.61
C ALA A 226 3.64 10.71 -7.74
N PRO A 227 4.27 11.73 -8.39
CA PRO A 227 4.83 12.89 -7.66
C PRO A 227 3.76 13.62 -6.83
N ASP A 239 -12.13 18.37 -9.41
CA ASP A 239 -11.66 19.01 -8.15
C ASP A 239 -10.39 18.34 -7.58
N TYR A 240 -10.03 18.70 -6.35
CA TYR A 240 -8.88 18.14 -5.64
C TYR A 240 -9.10 16.67 -5.33
N ILE A 241 -10.20 16.35 -4.65
CA ILE A 241 -10.50 14.97 -4.26
C ILE A 241 -10.25 14.04 -5.44
N GLN A 242 -11.00 14.23 -6.54
CA GLN A 242 -10.83 13.41 -7.75
C GLN A 242 -9.38 13.36 -8.21
N ALA A 243 -8.72 14.52 -8.29
CA ALA A 243 -7.31 14.60 -8.65
C ALA A 243 -6.44 13.75 -7.72
N VAL A 244 -6.67 13.85 -6.42
CA VAL A 244 -5.98 12.99 -5.46
C VAL A 244 -6.29 11.50 -5.70
N LEU A 245 -7.56 11.17 -5.83
CA LEU A 245 -7.97 9.82 -6.18
C LEU A 245 -7.34 9.31 -7.48
N ASP A 246 -7.07 10.23 -8.42
CA ASP A 246 -6.53 9.89 -9.75
C ASP A 246 -5.08 9.43 -9.76
N ARG A 247 -4.40 9.57 -8.63
CA ARG A 247 -3.06 9.01 -8.50
C ARG A 247 -3.11 7.51 -8.69
N ASN A 248 -4.29 6.92 -8.47
CA ASN A 248 -4.52 5.48 -8.65
C ASN A 248 -4.09 4.94 -10.01
N LEU A 249 -4.13 5.78 -11.04
CA LEU A 249 -3.84 5.35 -12.41
C LEU A 249 -2.35 5.11 -12.64
N ALA A 250 -1.54 5.88 -11.92
CA ALA A 250 -0.09 5.72 -12.03
C ALA A 250 0.37 4.50 -11.22
N GLU A 251 -0.22 4.33 -10.04
CA GLU A 251 -0.01 3.15 -9.21
C GLU A 251 -0.82 1.95 -9.74
N ASN A 252 -1.43 2.12 -10.91
CA ASN A 252 -2.08 1.01 -11.58
C ASN A 252 -1.15 0.28 -12.55
N ILE A 253 0.07 0.79 -12.73
CA ILE A 253 1.05 0.10 -13.59
C ILE A 253 1.66 -1.13 -12.89
N SER A 254 1.68 -1.09 -11.56
CA SER A 254 2.35 -2.14 -10.78
C SER A 254 1.33 -2.93 -10.00
N ARG A 255 0.07 -2.82 -10.42
CA ARG A 255 -1.04 -3.46 -9.69
C ARG A 255 -1.20 -4.95 -9.95
N VAL A 256 -1.68 -5.33 -11.15
CA VAL A 256 -1.90 -6.75 -11.50
C VAL A 256 -1.06 -7.23 -12.68
N LEU A 257 -0.34 -8.33 -12.45
CA LEU A 257 0.42 -9.04 -13.50
C LEU A 257 -0.52 -9.66 -14.50
N TYR A 258 -0.18 -9.58 -15.78
CA TYR A 258 -1.03 -10.10 -16.84
C TYR A 258 -1.01 -11.62 -16.95
N PRO A 259 -2.19 -12.25 -16.97
CA PRO A 259 -2.33 -13.71 -17.00
C PRO A 259 -2.40 -14.29 -18.43
N ASN A 260 -1.31 -14.08 -19.18
CA ASN A 260 -1.18 -14.61 -20.53
C ASN A 260 0.01 -15.54 -20.76
N ASP A 261 -0.11 -16.78 -20.31
CA ASP A 261 0.81 -17.82 -20.71
C ASP A 261 0.65 -18.03 -22.22
N ASN A 262 1.77 -18.06 -22.94
CA ASN A 262 1.80 -18.08 -24.42
C ASN A 262 0.61 -17.39 -25.13
N PHE A 263 0.47 -16.08 -24.93
CA PHE A 263 -0.48 -15.23 -25.70
C PHE A 263 -0.16 -13.76 -25.60
N PHE A 264 0.09 -13.16 -26.75
CA PHE A 264 0.21 -11.71 -26.81
C PHE A 264 -1.16 -11.11 -26.82
N GLU A 265 -1.43 -10.36 -25.76
CA GLU A 265 -2.59 -9.49 -25.63
C GLU A 265 -2.00 -8.10 -25.46
N GLY A 266 -2.02 -7.33 -26.54
CA GLY A 266 -1.31 -6.05 -26.55
C GLY A 266 -2.00 -4.87 -25.89
N LYS A 267 -2.17 -4.93 -24.57
CA LYS A 267 -2.89 -3.87 -23.85
C LYS A 267 -1.95 -2.75 -23.44
N GLU A 268 -2.36 -1.51 -23.74
CA GLU A 268 -1.62 -0.29 -23.38
C GLU A 268 -1.06 -0.28 -21.96
N LEU A 269 -1.83 -0.80 -21.01
CA LEU A 269 -1.34 -0.95 -19.64
C LEU A 269 -0.14 -1.88 -19.60
N ARG A 270 -0.24 -3.00 -20.30
CA ARG A 270 0.90 -3.91 -20.35
C ARG A 270 2.06 -3.18 -20.96
N LEU A 271 1.84 -2.56 -22.12
CA LEU A 271 2.89 -1.80 -22.77
C LEU A 271 3.58 -0.86 -21.78
N LYS A 272 2.79 -0.13 -20.99
CA LYS A 272 3.33 0.68 -19.89
C LYS A 272 4.16 -0.16 -18.92
N GLN A 273 3.61 -1.28 -18.47
CA GLN A 273 4.31 -2.15 -17.53
C GLN A 273 5.71 -2.47 -18.02
N GLU A 274 5.79 -2.82 -19.31
CA GLU A 274 7.06 -3.19 -19.95
C GLU A 274 8.06 -2.04 -19.79
N TYR A 275 7.76 -0.89 -20.40
CA TYR A 275 8.67 0.26 -20.37
C TYR A 275 9.14 0.55 -18.96
N PHE A 276 8.15 0.63 -18.07
CA PHE A 276 8.34 0.89 -16.66
C PHE A 276 9.44 0.04 -16.05
N VAL A 277 9.31 -1.30 -16.08
CA VAL A 277 10.31 -2.17 -15.45
C VAL A 277 11.68 -2.08 -16.12
N VAL A 278 11.72 -1.36 -17.24
CA VAL A 278 12.87 -1.27 -18.11
C VAL A 278 13.63 0.04 -17.87
N ALA A 279 12.89 1.15 -17.82
CA ALA A 279 13.46 2.45 -17.49
C ALA A 279 13.97 2.45 -16.05
N ALA A 280 13.15 1.93 -15.14
CA ALA A 280 13.55 1.77 -13.74
C ALA A 280 14.88 1.01 -13.63
N THR A 281 14.91 -0.17 -14.25
CA THR A 281 16.06 -1.03 -14.22
C THR A 281 17.31 -0.34 -14.77
N LEU A 282 17.27 0.06 -16.04
CA LEU A 282 18.42 0.66 -16.73
C LEU A 282 18.98 1.89 -16.04
N GLN A 283 18.07 2.75 -15.54
CA GLN A 283 18.48 3.88 -14.68
C GLN A 283 19.26 3.35 -13.49
N ASP A 284 18.61 2.51 -12.68
CA ASP A 284 19.26 1.95 -11.48
C ASP A 284 20.58 1.29 -11.82
N ILE A 285 20.60 0.48 -12.88
CA ILE A 285 21.80 -0.20 -13.35
C ILE A 285 22.90 0.80 -13.72
N ILE A 286 22.52 1.87 -14.43
CA ILE A 286 23.52 2.84 -14.90
C ILE A 286 24.13 3.53 -13.69
N ARG A 287 23.28 3.97 -12.77
CA ARG A 287 23.70 4.55 -11.50
C ARG A 287 24.74 3.66 -10.82
N ARG A 288 24.49 2.36 -10.77
CA ARG A 288 25.42 1.40 -10.14
C ARG A 288 26.79 1.38 -10.80
N PHE A 289 26.80 1.38 -12.13
CA PHE A 289 28.04 1.37 -12.91
C PHE A 289 28.91 2.56 -12.57
N LYS A 290 28.32 3.75 -12.69
CA LYS A 290 28.98 5.00 -12.41
C LYS A 290 29.35 5.10 -10.94
N ALA A 291 28.56 4.43 -10.10
CA ALA A 291 28.74 4.46 -8.65
C ALA A 291 29.98 3.69 -8.26
N SER A 292 30.33 2.72 -9.10
CA SER A 292 31.47 1.87 -8.82
C SER A 292 32.78 2.56 -9.22
N LYS A 293 33.80 1.75 -9.52
CA LYS A 293 35.14 2.26 -9.78
C LYS A 293 35.38 2.38 -11.28
N PHE A 294 34.38 2.86 -12.00
CA PHE A 294 34.54 3.14 -13.43
C PHE A 294 33.96 4.52 -13.77
N VAL A 303 33.93 7.45 -18.85
CA VAL A 303 32.90 7.23 -19.92
C VAL A 303 31.98 6.00 -19.69
N PHE A 304 31.63 5.35 -20.80
CA PHE A 304 30.80 4.18 -20.78
C PHE A 304 31.44 3.04 -21.59
N ASP A 305 32.68 3.26 -22.04
CA ASP A 305 33.45 2.25 -22.79
C ASP A 305 33.51 0.90 -22.10
N ALA A 306 33.52 0.93 -20.76
CA ALA A 306 33.71 -0.27 -19.95
C ALA A 306 32.43 -1.09 -19.73
N PHE A 307 31.29 -0.50 -20.13
CA PHE A 307 29.95 -1.00 -19.78
C PHE A 307 29.60 -2.43 -20.20
N PRO A 308 29.89 -2.82 -21.47
CA PRO A 308 29.67 -4.21 -21.84
C PRO A 308 30.41 -5.20 -20.91
N ASP A 309 31.63 -4.85 -20.49
CA ASP A 309 32.45 -5.69 -19.60
C ASP A 309 31.94 -5.67 -18.17
N GLN A 310 31.13 -4.67 -17.84
CA GLN A 310 30.63 -4.52 -16.48
C GLN A 310 29.18 -4.98 -16.27
N VAL A 311 28.43 -5.08 -17.36
CA VAL A 311 27.01 -5.45 -17.31
C VAL A 311 26.63 -6.39 -18.46
N ALA A 312 26.07 -7.54 -18.11
CA ALA A 312 25.27 -8.29 -19.05
C ALA A 312 23.84 -8.05 -18.64
N ILE A 313 22.95 -7.85 -19.62
CA ILE A 313 21.51 -7.87 -19.36
C ILE A 313 20.86 -8.97 -20.19
N GLN A 314 20.37 -9.99 -19.51
CA GLN A 314 19.63 -11.04 -20.18
C GLN A 314 18.19 -10.61 -20.28
N LEU A 315 17.75 -10.36 -21.50
CA LEU A 315 16.35 -10.10 -21.73
C LEU A 315 15.64 -11.44 -21.71
N ASN A 316 14.88 -11.68 -20.65
CA ASN A 316 14.06 -12.87 -20.58
C ASN A 316 12.90 -12.70 -21.56
N ASP A 317 13.06 -13.28 -22.76
CA ASP A 317 12.09 -13.18 -23.87
C ASP A 317 11.91 -11.76 -24.43
N THR A 318 10.93 -11.59 -25.33
CA THR A 318 10.66 -10.29 -25.95
C THR A 318 10.12 -9.25 -24.94
N HIS A 319 9.47 -9.70 -23.87
CA HIS A 319 8.92 -8.83 -22.82
C HIS A 319 9.70 -7.55 -22.48
N PRO A 320 11.01 -7.67 -22.19
CA PRO A 320 11.70 -6.41 -21.90
C PRO A 320 12.42 -5.86 -23.11
N ALA A 321 11.99 -6.23 -24.32
CA ALA A 321 12.60 -5.71 -25.54
C ALA A 321 12.84 -4.20 -25.46
N LEU A 322 11.94 -3.51 -24.77
CA LEU A 322 11.97 -2.07 -24.69
C LEU A 322 13.22 -1.53 -24.01
N ALA A 323 13.95 -2.41 -23.34
CA ALA A 323 15.20 -2.03 -22.71
C ALA A 323 16.20 -1.55 -23.77
N ILE A 324 16.30 -2.30 -24.87
CA ILE A 324 17.22 -1.98 -25.96
C ILE A 324 17.13 -0.52 -26.39
N PRO A 325 15.96 -0.07 -26.92
CA PRO A 325 15.85 1.34 -27.33
C PRO A 325 16.04 2.31 -26.17
N GLU A 326 15.70 1.87 -24.96
CA GLU A 326 15.92 2.68 -23.76
C GLU A 326 17.43 2.89 -23.50
N LEU A 327 18.23 1.84 -23.62
CA LEU A 327 19.66 1.97 -23.40
C LEU A 327 20.28 2.97 -24.37
N MET A 328 19.88 2.85 -25.64
CA MET A 328 20.26 3.81 -26.63
C MET A 328 19.74 5.20 -26.27
N ARG A 329 18.47 5.29 -25.83
CA ARG A 329 17.93 6.56 -25.36
C ARG A 329 18.87 7.18 -24.34
N ILE A 330 19.16 6.46 -23.26
CA ILE A 330 20.01 6.97 -22.16
C ILE A 330 21.44 7.30 -22.64
N PHE A 331 21.90 6.63 -23.69
CA PHE A 331 23.17 6.99 -24.28
C PHE A 331 23.03 8.22 -25.20
N VAL A 332 22.40 8.01 -26.36
CA VAL A 332 22.16 9.05 -27.38
C VAL A 332 21.63 10.38 -26.85
N ASP A 333 20.54 10.33 -26.09
CA ASP A 333 19.87 11.54 -25.64
C ASP A 333 20.42 12.05 -24.32
N ILE A 334 20.89 11.14 -23.49
CA ILE A 334 21.28 11.48 -22.12
C ILE A 334 22.80 11.51 -21.93
N GLU A 335 23.52 10.50 -22.38
CA GLU A 335 24.99 10.57 -22.27
C GLU A 335 25.60 11.35 -23.42
N LYS A 336 24.73 11.81 -24.31
CA LYS A 336 25.15 12.36 -25.58
C LYS A 336 26.33 11.57 -26.20
N LEU A 337 26.33 10.25 -26.05
CA LEU A 337 27.33 9.39 -26.71
C LEU A 337 26.99 9.22 -28.18
N PRO A 338 28.01 9.27 -29.07
CA PRO A 338 27.84 9.14 -30.53
C PRO A 338 27.28 7.77 -30.93
N TRP A 339 26.22 7.79 -31.72
CA TRP A 339 25.43 6.61 -32.09
C TRP A 339 26.20 5.28 -32.28
N SER A 340 26.97 5.16 -33.36
CA SER A 340 27.69 3.92 -33.70
C SER A 340 28.28 3.24 -32.49
N LYS A 341 28.92 4.04 -31.63
CA LYS A 341 29.59 3.58 -30.43
C LYS A 341 28.58 3.05 -29.41
N ALA A 342 27.47 3.77 -29.25
CA ALA A 342 26.42 3.41 -28.31
C ALA A 342 25.62 2.22 -28.81
N TRP A 343 25.40 2.17 -30.13
CA TRP A 343 24.75 1.02 -30.74
C TRP A 343 25.61 -0.25 -30.64
N GLU A 344 26.92 -0.08 -30.54
CA GLU A 344 27.80 -1.18 -30.24
C GLU A 344 27.51 -1.77 -28.85
N LEU A 345 27.68 -0.95 -27.82
CA LEU A 345 27.57 -1.41 -26.42
C LEU A 345 26.20 -2.02 -26.06
N THR A 346 25.13 -1.44 -26.61
CA THR A 346 23.82 -2.02 -26.43
C THR A 346 23.83 -3.46 -26.90
N GLN A 347 24.38 -3.70 -28.09
CA GLN A 347 24.48 -5.06 -28.60
C GLN A 347 25.31 -5.95 -27.68
N LYS A 348 26.45 -5.41 -27.22
CA LYS A 348 27.37 -6.13 -26.35
C LYS A 348 26.73 -6.49 -25.05
N THR A 349 26.04 -5.54 -24.44
CA THR A 349 25.48 -5.68 -23.10
C THR A 349 24.35 -6.68 -23.05
N PHE A 350 23.41 -6.50 -23.98
CA PHE A 350 22.13 -7.23 -24.03
C PHE A 350 22.24 -8.63 -24.62
N ALA A 351 21.33 -9.49 -24.19
CA ALA A 351 21.17 -10.79 -24.83
C ALA A 351 19.71 -11.19 -24.78
N TYR A 352 19.35 -12.20 -25.55
CA TYR A 352 17.96 -12.56 -25.69
C TYR A 352 17.80 -14.05 -25.56
N THR A 353 17.01 -14.45 -24.57
CA THR A 353 16.56 -15.83 -24.45
C THR A 353 15.18 -15.82 -25.05
N ASN A 354 15.01 -16.56 -26.14
CA ASN A 354 13.71 -16.65 -26.73
C ASN A 354 12.93 -17.85 -26.19
N HIS A 355 11.81 -17.56 -25.50
CA HIS A 355 10.95 -18.57 -24.87
C HIS A 355 9.77 -19.05 -25.73
N THR A 356 9.41 -18.27 -26.75
CA THR A 356 8.12 -18.45 -27.44
C THR A 356 8.24 -19.05 -28.84
N VAL A 357 7.21 -19.80 -29.26
CA VAL A 357 7.06 -20.22 -30.66
C VAL A 357 5.68 -19.89 -31.27
N LEU A 358 4.61 -20.46 -30.70
CA LEU A 358 3.25 -20.16 -31.10
C LEU A 358 3.18 -18.71 -31.50
N PRO A 359 2.71 -18.41 -32.73
CA PRO A 359 2.68 -17.02 -33.19
C PRO A 359 1.86 -16.11 -32.26
N GLU A 360 0.76 -16.62 -31.69
CA GLU A 360 -0.11 -15.85 -30.78
C GLU A 360 0.57 -15.41 -29.47
N ALA A 361 1.77 -15.94 -29.23
CA ALA A 361 2.59 -15.62 -28.06
C ALA A 361 3.71 -14.61 -28.37
N LEU A 362 3.77 -14.13 -29.62
CA LEU A 362 4.75 -13.13 -30.03
C LEU A 362 4.23 -11.70 -29.87
N GLU A 363 4.98 -10.92 -29.11
CA GLU A 363 4.65 -9.52 -28.85
C GLU A 363 4.94 -8.66 -30.07
N ARG A 364 3.87 -8.16 -30.68
CA ARG A 364 3.98 -7.34 -31.86
C ARG A 364 3.09 -6.11 -31.67
N TRP A 365 3.74 -5.01 -31.29
CA TRP A 365 3.05 -3.81 -30.79
C TRP A 365 2.63 -2.85 -31.87
N PRO A 366 1.33 -2.53 -31.93
CA PRO A 366 0.86 -1.43 -32.76
C PRO A 366 1.72 -0.19 -32.58
N VAL A 367 2.02 0.50 -33.68
CA VAL A 367 2.94 1.64 -33.67
C VAL A 367 2.31 2.91 -33.07
N ASP A 368 1.05 3.16 -33.41
CA ASP A 368 0.32 4.31 -32.87
C ASP A 368 0.49 4.29 -31.37
N LEU A 369 0.27 3.10 -30.82
CA LEU A 369 0.43 2.82 -29.41
C LEU A 369 1.78 3.32 -28.92
N VAL A 370 2.84 2.77 -29.48
CA VAL A 370 4.20 3.20 -29.20
C VAL A 370 4.41 4.69 -29.52
N GLU A 371 3.80 5.18 -30.61
CA GLU A 371 3.87 6.60 -30.96
C GLU A 371 3.17 7.43 -29.90
N LYS A 372 2.07 6.91 -29.37
CA LYS A 372 1.32 7.58 -28.30
C LYS A 372 2.11 7.52 -27.01
N LEU A 373 2.51 6.32 -26.63
CA LEU A 373 3.12 6.08 -25.33
C LEU A 373 4.59 6.47 -25.24
N LEU A 374 5.41 5.97 -26.16
CA LEU A 374 6.86 6.17 -26.03
C LEU A 374 7.45 6.75 -27.30
N PRO A 375 6.97 7.93 -27.72
CA PRO A 375 7.33 8.40 -29.05
C PRO A 375 8.83 8.35 -29.28
N ARG A 376 9.61 8.61 -28.24
CA ARG A 376 11.05 8.65 -28.44
C ARG A 376 11.59 7.28 -28.79
N HIS A 377 10.91 6.24 -28.34
CA HIS A 377 11.37 4.86 -28.56
C HIS A 377 10.96 4.38 -29.93
N LEU A 378 9.96 5.05 -30.50
CA LEU A 378 9.55 4.73 -31.84
C LEU A 378 10.55 5.28 -32.87
N GLU A 379 10.99 6.52 -32.67
CA GLU A 379 12.09 7.09 -33.45
C GLU A 379 13.37 6.23 -33.32
N ILE A 380 13.61 5.70 -32.13
CA ILE A 380 14.76 4.84 -31.90
C ILE A 380 14.56 3.42 -32.50
N ILE A 381 13.33 2.93 -32.55
CA ILE A 381 13.05 1.65 -33.23
C ILE A 381 13.04 1.84 -34.76
N TYR A 382 12.35 2.88 -35.24
CA TYR A 382 12.39 3.29 -36.64
C TYR A 382 13.81 3.57 -37.09
N GLU A 383 14.61 4.14 -36.20
CA GLU A 383 16.02 4.36 -36.50
C GLU A 383 16.84 3.09 -36.53
N ILE A 384 16.77 2.26 -35.49
CA ILE A 384 17.52 1.00 -35.47
C ILE A 384 17.13 0.11 -36.65
N ASN A 385 15.86 0.20 -37.06
CA ASN A 385 15.37 -0.59 -38.17
C ASN A 385 16.00 -0.10 -39.45
N GLN A 386 16.07 1.22 -39.59
CA GLN A 386 16.61 1.85 -40.77
C GLN A 386 17.96 1.23 -41.18
N LYS A 387 18.90 1.23 -40.24
CA LYS A 387 20.24 0.73 -40.49
C LYS A 387 20.19 -0.76 -40.73
N HIS A 388 19.36 -1.43 -39.94
CA HIS A 388 19.24 -2.87 -40.06
C HIS A 388 19.01 -3.27 -41.53
N LEU A 389 18.25 -2.45 -42.24
CA LEU A 389 17.93 -2.64 -43.65
C LEU A 389 18.99 -2.05 -44.59
N ASP A 390 19.70 -1.03 -44.11
CA ASP A 390 20.78 -0.42 -44.89
C ASP A 390 21.92 -1.42 -45.09
N ARG A 391 22.08 -2.33 -44.13
CA ARG A 391 23.02 -3.44 -44.24
C ARG A 391 22.51 -4.54 -45.18
N ILE A 392 21.27 -4.97 -44.99
CA ILE A 392 20.71 -6.08 -45.77
C ILE A 392 20.58 -5.72 -47.24
N VAL A 393 20.61 -4.42 -47.53
CA VAL A 393 20.60 -3.94 -48.90
C VAL A 393 22.03 -3.86 -49.45
N ALA A 394 23.01 -3.71 -48.57
CA ALA A 394 24.42 -3.79 -48.94
C ALA A 394 24.97 -5.21 -48.80
N LEU A 395 24.10 -6.15 -48.40
CA LEU A 395 24.43 -7.58 -48.35
C LEU A 395 23.55 -8.47 -49.27
N PHE A 396 22.36 -7.99 -49.62
CA PHE A 396 21.46 -8.71 -50.54
C PHE A 396 20.75 -7.77 -51.54
N PRO A 397 21.52 -6.87 -52.22
CA PRO A 397 20.96 -5.84 -53.11
C PRO A 397 19.74 -6.24 -53.95
N LYS A 398 19.80 -7.34 -54.68
CA LYS A 398 18.67 -7.78 -55.52
C LYS A 398 17.44 -8.15 -54.69
N ASP A 399 17.65 -8.96 -53.66
CA ASP A 399 16.61 -9.48 -52.78
C ASP A 399 15.78 -8.37 -52.12
N VAL A 400 14.46 -8.50 -52.21
CA VAL A 400 13.57 -7.53 -51.60
C VAL A 400 12.57 -8.17 -50.67
N ASP A 401 12.34 -9.47 -50.83
CA ASP A 401 11.44 -10.14 -49.91
C ASP A 401 12.09 -10.30 -48.54
N ARG A 402 13.43 -10.42 -48.55
CA ARG A 402 14.22 -10.50 -47.31
C ARG A 402 14.17 -9.22 -46.50
N LEU A 403 14.05 -8.09 -47.18
CA LEU A 403 13.96 -6.81 -46.51
C LEU A 403 12.73 -6.73 -45.61
N ARG A 404 11.55 -7.03 -46.16
CA ARG A 404 10.33 -6.95 -45.37
C ARG A 404 10.20 -8.19 -44.47
N ARG A 405 11.17 -9.10 -44.62
CA ARG A 405 11.25 -10.32 -43.84
C ARG A 405 12.13 -10.13 -42.61
N MET A 406 12.89 -9.04 -42.58
CA MET A 406 13.85 -8.76 -41.51
C MET A 406 13.64 -7.40 -40.82
N SER A 407 12.88 -6.50 -41.46
CA SER A 407 12.56 -5.20 -40.88
C SER A 407 11.87 -5.35 -39.53
N LEU A 408 11.99 -4.34 -38.69
CA LEU A 408 11.31 -4.35 -37.40
C LEU A 408 9.84 -3.93 -37.52
N ILE A 409 9.42 -3.59 -38.73
CA ILE A 409 8.05 -3.13 -38.97
C ILE A 409 7.32 -4.01 -39.95
N GLU A 410 6.12 -4.44 -39.57
CA GLU A 410 5.25 -5.22 -40.45
C GLU A 410 4.19 -4.31 -41.07
N GLU A 411 4.46 -3.84 -42.29
CA GLU A 411 3.69 -2.73 -42.91
C GLU A 411 2.35 -3.09 -43.57
N GLU A 412 1.61 -4.00 -42.94
CA GLU A 412 0.25 -4.35 -43.39
C GLU A 412 -0.77 -3.64 -42.49
N GLY A 413 -2.03 -3.62 -42.94
CA GLY A 413 -3.16 -2.94 -42.27
C GLY A 413 -2.76 -1.99 -41.15
N SER A 414 -2.87 -2.47 -39.92
CA SER A 414 -2.23 -1.83 -38.79
C SER A 414 -0.74 -2.23 -38.75
N LYS A 415 0.15 -1.24 -38.87
CA LYS A 415 1.60 -1.46 -38.77
C LYS A 415 1.96 -1.83 -37.34
N ARG A 416 2.91 -2.75 -37.18
CA ARG A 416 3.30 -3.27 -35.85
C ARG A 416 4.80 -3.52 -35.77
N ILE A 417 5.36 -3.38 -34.58
CA ILE A 417 6.77 -3.72 -34.34
C ILE A 417 6.93 -5.20 -33.96
N ASN A 418 7.85 -5.88 -34.62
CA ASN A 418 8.27 -7.21 -34.17
C ASN A 418 9.34 -7.09 -33.09
N MET A 419 8.96 -7.47 -31.86
CA MET A 419 9.82 -7.32 -30.68
C MET A 419 10.93 -8.35 -30.56
N ALA A 420 10.77 -9.48 -31.26
CA ALA A 420 11.81 -10.50 -31.31
C ALA A 420 12.90 -10.10 -32.33
N HIS A 421 12.47 -9.49 -33.42
CA HIS A 421 13.35 -8.89 -34.41
C HIS A 421 14.26 -7.79 -33.83
N LEU A 422 13.66 -6.98 -32.96
CA LEU A 422 14.37 -5.92 -32.27
C LEU A 422 15.36 -6.52 -31.27
N CYS A 423 15.03 -7.66 -30.70
CA CYS A 423 15.91 -8.29 -29.73
C CYS A 423 17.10 -8.98 -30.38
N ILE A 424 16.92 -9.43 -31.61
CA ILE A 424 17.99 -10.05 -32.37
C ILE A 424 18.97 -9.00 -32.91
N VAL A 425 18.45 -7.94 -33.51
CA VAL A 425 19.30 -6.85 -34.00
C VAL A 425 19.95 -6.10 -32.84
N GLY A 426 19.38 -6.25 -31.65
CA GLY A 426 19.79 -5.51 -30.47
C GLY A 426 20.64 -6.31 -29.51
N SER A 427 20.72 -7.62 -29.71
CA SER A 427 21.53 -8.44 -28.80
C SER A 427 22.85 -8.90 -29.42
N HIS A 428 23.59 -9.73 -28.67
CA HIS A 428 24.85 -10.32 -29.12
C HIS A 428 24.77 -11.85 -29.05
N ALA A 429 23.77 -12.34 -28.30
CA ALA A 429 23.49 -13.78 -28.14
C ALA A 429 22.01 -14.08 -27.88
N VAL A 430 21.32 -14.47 -28.96
CA VAL A 430 19.98 -15.07 -28.90
C VAL A 430 20.10 -16.56 -28.62
N ASN A 431 19.26 -17.07 -27.74
CA ASN A 431 19.23 -18.49 -27.47
C ASN A 431 17.82 -19.01 -27.33
N GLY A 432 17.70 -20.33 -27.41
CA GLY A 432 16.42 -21.01 -27.22
C GLY A 432 16.56 -21.79 -25.93
N VAL A 433 15.47 -22.34 -25.45
CA VAL A 433 15.45 -22.94 -24.12
C VAL A 433 15.63 -24.48 -24.03
N ALA A 434 15.75 -25.15 -25.17
CA ALA A 434 16.15 -26.57 -25.23
C ALA A 434 16.60 -26.98 -26.64
N LYS A 435 17.65 -27.81 -26.73
CA LYS A 435 18.30 -28.20 -28.01
C LYS A 435 17.40 -28.17 -29.25
N ILE A 436 16.32 -28.94 -29.20
CA ILE A 436 15.37 -29.10 -30.29
C ILE A 436 14.73 -27.79 -30.69
N HIS A 437 14.15 -27.10 -29.70
CA HIS A 437 13.52 -25.79 -29.88
C HIS A 437 14.48 -24.76 -30.50
N SER A 438 15.67 -24.64 -29.92
CA SER A 438 16.75 -23.76 -30.39
C SER A 438 17.15 -24.06 -31.84
N ASP A 439 17.27 -25.35 -32.13
CA ASP A 439 17.48 -25.83 -33.48
C ASP A 439 16.47 -25.19 -34.42
N ILE A 440 15.22 -25.11 -33.96
CA ILE A 440 14.12 -24.51 -34.72
C ILE A 440 14.27 -22.98 -34.80
N VAL A 441 14.55 -22.35 -33.67
CA VAL A 441 14.73 -20.89 -33.61
C VAL A 441 15.80 -20.48 -34.62
N LYS A 442 16.94 -21.18 -34.58
CA LYS A 442 18.06 -20.83 -35.44
C LYS A 442 17.73 -21.09 -36.90
N THR A 443 17.73 -22.37 -37.29
CA THR A 443 17.63 -22.76 -38.70
C THR A 443 16.29 -22.44 -39.34
N LYS A 444 15.21 -22.47 -38.57
CA LYS A 444 13.88 -22.24 -39.15
C LYS A 444 13.23 -20.88 -38.86
N VAL A 445 12.81 -20.65 -37.61
CA VAL A 445 12.10 -19.42 -37.19
C VAL A 445 12.83 -18.11 -37.57
N PHE A 446 14.16 -18.11 -37.49
CA PHE A 446 14.95 -16.93 -37.83
C PHE A 446 16.08 -17.21 -38.81
N LYS A 447 15.87 -18.18 -39.71
CA LYS A 447 16.87 -18.56 -40.73
C LYS A 447 17.50 -17.34 -41.44
N ASP A 448 16.81 -16.20 -41.41
CA ASP A 448 17.28 -14.97 -42.06
C ASP A 448 18.37 -14.26 -41.29
N PHE A 449 18.22 -14.18 -39.98
CA PHE A 449 19.22 -13.53 -39.14
C PHE A 449 20.39 -14.45 -38.85
N SER A 450 20.07 -15.69 -38.54
CA SER A 450 21.08 -16.69 -38.23
C SER A 450 22.12 -16.84 -39.35
N GLU A 451 21.67 -16.97 -40.60
CA GLU A 451 22.58 -17.01 -41.76
C GLU A 451 23.57 -15.84 -41.76
N LEU A 452 23.06 -14.65 -41.42
CA LEU A 452 23.85 -13.40 -41.42
C LEU A 452 24.96 -13.40 -40.37
N GLU A 453 24.72 -14.12 -39.28
CA GLU A 453 25.75 -14.36 -38.27
C GLU A 453 25.22 -15.45 -37.36
N PRO A 454 25.70 -16.68 -37.57
CA PRO A 454 25.14 -17.80 -36.83
C PRO A 454 25.67 -17.81 -35.40
N ASP A 455 26.90 -17.34 -35.21
CA ASP A 455 27.58 -17.40 -33.92
C ASP A 455 26.85 -16.65 -32.81
N LYS A 456 25.73 -16.02 -33.17
CA LYS A 456 24.87 -15.30 -32.25
C LYS A 456 23.75 -16.19 -31.68
N PHE A 457 23.36 -17.20 -32.45
CA PHE A 457 22.33 -18.11 -31.99
C PHE A 457 22.89 -19.35 -31.33
N GLN A 458 22.52 -19.56 -30.08
CA GLN A 458 22.98 -20.72 -29.32
C GLN A 458 21.82 -21.38 -28.57
N ASN A 459 22.10 -22.51 -27.93
CA ASN A 459 21.09 -23.17 -27.12
C ASN A 459 21.47 -23.22 -25.65
N LYS A 460 20.46 -23.12 -24.78
CA LYS A 460 20.63 -23.28 -23.35
C LYS A 460 19.42 -24.03 -22.80
N THR A 461 19.57 -25.34 -22.67
CA THR A 461 18.50 -26.19 -22.15
C THR A 461 18.14 -25.85 -20.70
N ASN A 462 16.85 -25.69 -20.46
CA ASN A 462 16.32 -25.28 -19.16
C ASN A 462 16.74 -26.18 -18.00
N GLY A 463 16.43 -25.73 -16.78
CA GLY A 463 16.71 -26.51 -15.58
C GLY A 463 15.71 -26.24 -14.48
N ILE A 464 16.05 -26.73 -13.29
CA ILE A 464 15.20 -26.54 -12.11
C ILE A 464 16.02 -26.78 -10.84
N THR A 465 16.20 -25.73 -10.03
CA THR A 465 17.00 -25.84 -8.80
C THR A 465 16.62 -27.07 -7.96
N PRO A 466 17.57 -28.01 -7.76
CA PRO A 466 17.33 -29.18 -6.91
C PRO A 466 17.14 -28.82 -5.44
N ARG A 467 17.18 -27.51 -5.15
CA ARG A 467 16.89 -27.03 -3.81
C ARG A 467 15.40 -26.95 -3.60
N ARG A 468 14.73 -26.01 -4.27
CA ARG A 468 13.30 -25.93 -4.11
C ARG A 468 12.69 -27.29 -4.42
N TRP A 469 13.11 -27.89 -5.53
CA TRP A 469 12.41 -29.04 -6.10
C TRP A 469 12.93 -30.43 -5.70
N LEU A 470 13.94 -30.49 -4.83
CA LEU A 470 14.36 -31.77 -4.26
C LEU A 470 14.44 -31.74 -2.75
N LEU A 471 15.52 -31.12 -2.25
CA LEU A 471 15.77 -30.98 -0.81
C LEU A 471 14.52 -30.66 -0.04
N LEU A 472 13.80 -29.66 -0.53
CA LEU A 472 12.62 -29.13 0.12
C LEU A 472 11.39 -30.02 -0.03
N CYS A 473 10.89 -30.12 -1.26
CA CYS A 473 9.54 -30.64 -1.51
C CYS A 473 9.40 -32.16 -1.45
N ASN A 474 10.49 -32.88 -1.62
CA ASN A 474 10.47 -34.32 -1.44
C ASN A 474 11.65 -34.71 -0.54
N PRO A 475 11.54 -34.42 0.77
CA PRO A 475 12.70 -34.59 1.64
C PRO A 475 12.99 -36.07 1.87
N GLY A 476 12.02 -36.91 1.52
CA GLY A 476 12.20 -38.35 1.48
C GLY A 476 13.28 -38.71 0.48
N LEU A 477 12.97 -38.54 -0.81
CA LEU A 477 13.92 -38.81 -1.89
C LEU A 477 15.26 -38.15 -1.63
N ALA A 478 15.23 -36.86 -1.32
CA ALA A 478 16.43 -36.08 -1.06
C ALA A 478 17.29 -36.76 -0.02
N GLU A 479 16.66 -37.25 1.04
CA GLU A 479 17.36 -37.92 2.14
C GLU A 479 17.83 -39.33 1.78
N LEU A 480 16.96 -40.10 1.13
CA LEU A 480 17.28 -41.46 0.68
C LEU A 480 18.59 -41.44 -0.04
N ILE A 481 18.61 -40.70 -1.15
CA ILE A 481 19.79 -40.50 -1.97
C ILE A 481 20.97 -40.01 -1.12
N ALA A 482 20.70 -39.16 -0.13
CA ALA A 482 21.74 -38.61 0.78
C ALA A 482 22.42 -39.67 1.63
N GLU A 483 21.64 -40.64 2.13
CA GLU A 483 22.21 -41.76 2.89
C GLU A 483 23.09 -42.66 2.05
N LYS A 484 22.82 -42.73 0.75
CA LYS A 484 23.57 -43.60 -0.13
C LYS A 484 24.85 -42.98 -0.72
N ILE A 485 24.75 -41.75 -1.25
CA ILE A 485 25.84 -41.16 -2.03
C ILE A 485 26.18 -39.70 -1.66
N GLY A 486 26.59 -39.48 -0.41
CA GLY A 486 26.96 -38.13 0.05
C GLY A 486 25.82 -37.15 -0.12
N GLU A 487 26.13 -35.85 -0.15
CA GLU A 487 25.11 -34.83 -0.40
C GLU A 487 25.68 -33.65 -1.21
N ASP A 488 26.82 -33.92 -1.84
CA ASP A 488 27.43 -33.02 -2.81
C ASP A 488 26.54 -32.87 -4.04
N TYR A 489 25.65 -33.84 -4.21
CA TYR A 489 24.67 -33.85 -5.30
C TYR A 489 23.67 -32.70 -5.21
N VAL A 490 23.63 -32.04 -4.05
CA VAL A 490 22.76 -30.91 -3.91
C VAL A 490 23.48 -29.68 -4.48
N LYS A 491 24.79 -29.70 -4.38
CA LYS A 491 25.61 -28.69 -5.04
C LYS A 491 25.89 -29.08 -6.49
N ASP A 492 26.55 -30.23 -6.70
CA ASP A 492 26.84 -30.71 -8.05
C ASP A 492 25.92 -31.88 -8.44
N LEU A 493 24.75 -31.58 -9.01
CA LEU A 493 23.65 -32.58 -9.14
C LEU A 493 23.96 -33.76 -10.06
N SER A 494 24.70 -33.49 -11.13
CA SER A 494 25.12 -34.54 -12.06
C SER A 494 25.96 -35.57 -11.29
N GLN A 495 25.60 -35.78 -10.04
CA GLN A 495 26.18 -36.83 -9.23
C GLN A 495 25.21 -37.97 -9.23
N LEU A 496 23.95 -37.67 -9.58
CA LEU A 496 22.89 -38.66 -9.49
C LEU A 496 23.22 -39.94 -10.25
N THR A 497 24.09 -39.84 -11.27
CA THR A 497 24.59 -41.00 -12.02
C THR A 497 25.10 -42.11 -11.09
N LYS A 498 25.63 -41.71 -9.95
CA LYS A 498 26.12 -42.60 -8.89
C LYS A 498 25.02 -43.47 -8.26
N LEU A 499 23.79 -43.32 -8.74
CA LEU A 499 22.71 -44.20 -8.34
C LEU A 499 22.54 -45.30 -9.37
N HIS A 500 23.25 -45.19 -10.49
CA HIS A 500 23.29 -46.27 -11.49
C HIS A 500 23.97 -47.51 -10.92
N SER A 501 24.84 -47.31 -9.93
CA SER A 501 25.49 -48.41 -9.23
C SER A 501 24.52 -49.13 -8.29
N PHE A 502 23.35 -48.53 -8.08
CA PHE A 502 22.32 -49.11 -7.20
C PHE A 502 21.21 -49.83 -7.96
N LEU A 503 21.41 -49.99 -9.27
CA LEU A 503 20.42 -50.66 -10.12
C LEU A 503 20.08 -52.07 -9.62
N GLY A 504 21.11 -52.83 -9.22
CA GLY A 504 20.92 -54.10 -8.54
C GLY A 504 20.08 -53.99 -7.27
N ASP A 505 20.67 -53.45 -6.20
CA ASP A 505 20.14 -53.53 -4.82
C ASP A 505 18.63 -53.67 -4.62
N ASP A 506 18.23 -54.85 -4.13
CA ASP A 506 16.86 -55.19 -3.76
C ASP A 506 16.32 -54.22 -2.70
N VAL A 507 17.05 -54.13 -1.60
CA VAL A 507 16.70 -53.24 -0.50
C VAL A 507 16.36 -51.86 -1.08
N PHE A 508 17.24 -51.35 -1.94
CA PHE A 508 17.15 -49.98 -2.47
C PHE A 508 15.89 -49.65 -3.27
N LEU A 509 15.60 -50.41 -4.32
CA LEU A 509 14.39 -50.19 -5.12
C LEU A 509 13.16 -50.11 -4.23
N ARG A 510 13.04 -51.08 -3.31
CA ARG A 510 11.93 -51.12 -2.37
C ARG A 510 11.96 -49.93 -1.41
N GLU A 511 13.16 -49.49 -1.02
CA GLU A 511 13.36 -48.26 -0.23
C GLU A 511 12.88 -47.01 -0.98
N LEU A 512 13.15 -46.98 -2.29
CA LEU A 512 12.72 -45.89 -3.15
C LEU A 512 11.20 -45.85 -3.21
N ALA A 513 10.60 -46.99 -3.56
CA ALA A 513 9.16 -47.13 -3.67
C ALA A 513 8.44 -46.67 -2.41
N LYS A 514 9.12 -46.83 -1.27
CA LYS A 514 8.60 -46.40 0.03
C LYS A 514 8.40 -44.90 0.00
N VAL A 515 9.47 -44.17 -0.32
CA VAL A 515 9.44 -42.70 -0.41
C VAL A 515 8.29 -42.16 -1.29
N LYS A 516 8.08 -42.82 -2.44
CA LYS A 516 6.93 -42.51 -3.29
C LYS A 516 5.62 -42.75 -2.52
N GLN A 517 5.44 -43.97 -2.02
CA GLN A 517 4.23 -44.34 -1.28
C GLN A 517 3.91 -43.35 -0.13
N GLU A 518 4.92 -43.05 0.69
CA GLU A 518 4.84 -41.98 1.70
C GLU A 518 4.30 -40.68 1.08
N ASN A 519 5.04 -40.12 0.13
CA ASN A 519 4.60 -38.92 -0.58
C ASN A 519 3.16 -39.06 -1.07
N LYS A 520 2.88 -40.17 -1.76
CA LYS A 520 1.56 -40.43 -2.32
C LYS A 520 0.46 -40.46 -1.26
N LEU A 521 0.74 -41.11 -0.13
CA LEU A 521 -0.21 -41.20 0.98
C LEU A 521 -0.54 -39.85 1.65
N LYS A 522 0.51 -39.07 1.93
CA LYS A 522 0.35 -37.73 2.51
C LYS A 522 -0.35 -36.77 1.56
N PHE A 523 -0.11 -36.95 0.26
CA PHE A 523 -0.78 -36.16 -0.75
C PHE A 523 -2.24 -36.61 -0.91
N SER A 524 -2.47 -37.91 -0.84
CA SER A 524 -3.81 -38.49 -0.95
C SER A 524 -4.75 -38.05 0.18
N GLN A 525 -4.18 -37.73 1.34
CA GLN A 525 -4.95 -37.23 2.48
C GLN A 525 -5.45 -35.83 2.21
N PHE A 526 -4.52 -34.95 1.80
CA PHE A 526 -4.85 -33.64 1.28
C PHE A 526 -6.03 -33.75 0.30
N LEU A 527 -5.89 -34.61 -0.71
CA LEU A 527 -6.88 -34.82 -1.77
C LEU A 527 -8.28 -35.31 -1.32
N GLU A 528 -8.32 -36.05 -0.21
CA GLU A 528 -9.59 -36.50 0.37
C GLU A 528 -10.24 -35.44 1.25
N THR A 529 -9.40 -34.67 1.93
CA THR A 529 -9.89 -33.63 2.84
C THR A 529 -10.19 -32.31 2.12
N GLU A 530 -9.97 -32.30 0.81
CA GLU A 530 -10.32 -31.14 0.00
C GLU A 530 -11.50 -31.42 -0.90
N TYR A 531 -11.50 -32.59 -1.54
CA TYR A 531 -12.57 -32.96 -2.48
C TYR A 531 -13.49 -34.07 -1.94
N LYS A 532 -14.47 -34.47 -2.75
CA LYS A 532 -15.39 -35.56 -2.41
C LYS A 532 -15.01 -36.82 -3.18
N VAL A 533 -13.88 -37.41 -2.80
CA VAL A 533 -13.26 -38.52 -3.53
C VAL A 533 -12.53 -39.49 -2.59
N LYS A 534 -12.94 -40.76 -2.64
CA LYS A 534 -12.17 -41.81 -2.00
C LYS A 534 -10.91 -42.01 -2.87
N ILE A 535 -9.77 -41.57 -2.37
CA ILE A 535 -8.50 -41.76 -3.10
C ILE A 535 -7.92 -43.14 -2.74
N ASN A 536 -7.59 -43.89 -3.79
CA ASN A 536 -6.88 -45.17 -3.65
C ASN A 536 -5.38 -44.93 -3.47
N PRO A 537 -4.87 -45.10 -2.24
CA PRO A 537 -3.49 -44.83 -1.89
C PRO A 537 -2.43 -45.77 -2.51
N SER A 538 -2.86 -46.88 -3.14
CA SER A 538 -1.93 -47.73 -3.90
C SER A 538 -2.21 -47.77 -5.42
N SER A 539 -2.92 -46.76 -5.92
CA SER A 539 -3.17 -46.60 -7.36
C SER A 539 -2.00 -45.90 -8.08
N MET A 540 -2.06 -45.82 -9.41
CA MET A 540 -1.02 -45.13 -10.18
C MET A 540 -1.36 -43.66 -10.42
N PHE A 541 -0.52 -42.79 -9.86
CA PHE A 541 -0.75 -41.36 -9.96
C PHE A 541 -0.31 -40.79 -11.31
N ASP A 542 -1.33 -40.50 -12.11
CA ASP A 542 -1.21 -39.80 -13.39
C ASP A 542 -1.45 -38.31 -13.15
N VAL A 543 -0.41 -37.51 -13.35
CA VAL A 543 -0.49 -36.08 -13.11
C VAL A 543 -0.10 -35.28 -14.34
N GLN A 544 -0.97 -34.33 -14.69
CA GLN A 544 -0.68 -33.37 -15.74
C GLN A 544 -1.00 -31.98 -15.22
N VAL A 545 0.04 -31.27 -14.78
CA VAL A 545 -0.14 -29.93 -14.23
C VAL A 545 0.70 -28.89 -14.93
N LYS A 546 0.02 -27.85 -15.39
CA LYS A 546 0.58 -26.67 -16.05
C LYS A 546 -0.57 -25.78 -16.48
N ARG A 547 -0.28 -24.66 -17.15
CA ARG A 547 -1.34 -23.81 -17.71
C ARG A 547 -2.15 -24.57 -18.76
N ILE A 548 -3.47 -24.39 -18.74
CA ILE A 548 -4.37 -25.10 -19.63
C ILE A 548 -4.33 -24.47 -21.02
N HIS A 549 -4.06 -25.28 -22.03
CA HIS A 549 -3.81 -24.75 -23.36
C HIS A 549 -3.92 -25.83 -24.44
N GLU A 550 -4.70 -25.54 -25.47
CA GLU A 550 -4.91 -26.46 -26.59
C GLU A 550 -3.60 -27.12 -27.03
N TYR A 551 -2.49 -26.42 -26.85
CA TYR A 551 -1.20 -26.89 -27.33
C TYR A 551 -0.60 -28.00 -26.47
N LYS A 552 -0.93 -27.95 -25.19
CA LYS A 552 -0.35 -28.86 -24.22
C LYS A 552 -1.19 -30.12 -24.10
N ARG A 553 -2.36 -30.10 -24.75
CA ARG A 553 -3.23 -31.28 -24.90
C ARG A 553 -3.80 -31.92 -23.61
N GLN A 554 -4.20 -31.11 -22.62
CA GLN A 554 -4.91 -31.69 -21.47
C GLN A 554 -6.15 -32.37 -21.99
N LEU A 555 -6.59 -31.92 -23.17
CA LEU A 555 -7.72 -32.48 -23.87
C LEU A 555 -7.38 -33.87 -24.35
N LEU A 556 -6.20 -34.01 -24.96
CA LEU A 556 -5.74 -35.31 -25.44
C LEU A 556 -5.70 -36.32 -24.31
N ASN A 557 -5.23 -35.85 -23.15
CA ASN A 557 -5.31 -36.63 -21.92
C ASN A 557 -6.76 -37.00 -21.66
N CYS A 558 -7.58 -35.96 -21.55
CA CYS A 558 -8.98 -36.10 -21.16
C CYS A 558 -9.72 -37.22 -21.89
N LEU A 559 -9.50 -37.31 -23.20
CA LEU A 559 -10.12 -38.33 -24.03
C LEU A 559 -9.72 -39.71 -23.54
N HIS A 560 -8.42 -39.90 -23.29
CA HIS A 560 -7.90 -41.17 -22.80
C HIS A 560 -8.53 -41.51 -21.44
N VAL A 561 -8.77 -40.49 -20.64
CA VAL A 561 -9.48 -40.66 -19.38
C VAL A 561 -10.91 -41.16 -19.61
N ILE A 562 -11.61 -40.54 -20.57
CA ILE A 562 -12.90 -41.03 -21.01
C ILE A 562 -12.71 -42.46 -21.52
N THR A 563 -11.79 -42.63 -22.48
CA THR A 563 -11.47 -43.94 -23.07
C THR A 563 -11.39 -45.05 -22.02
N MET A 564 -10.77 -44.75 -20.89
CA MET A 564 -10.67 -45.72 -19.80
C MET A 564 -12.01 -46.04 -19.18
N TYR A 565 -12.78 -45.01 -18.81
CA TYR A 565 -14.16 -45.19 -18.37
C TYR A 565 -14.88 -46.19 -19.29
N ASN A 566 -14.77 -45.97 -20.60
CA ASN A 566 -15.38 -46.84 -21.61
C ASN A 566 -14.91 -48.31 -21.60
N ARG A 567 -13.73 -48.57 -21.03
CA ARG A 567 -13.25 -49.94 -20.90
C ARG A 567 -13.80 -50.63 -19.64
N ILE A 568 -14.21 -49.84 -18.66
CA ILE A 568 -14.79 -50.38 -17.43
C ILE A 568 -16.24 -50.81 -17.61
N LYS A 569 -16.99 -50.07 -18.43
CA LYS A 569 -18.41 -50.40 -18.62
C LYS A 569 -18.55 -51.76 -19.30
N LYS A 570 -18.17 -51.81 -20.57
CA LYS A 570 -18.15 -53.04 -21.38
C LYS A 570 -17.69 -54.25 -20.56
N ASP A 571 -16.74 -54.02 -19.64
CA ASP A 571 -16.22 -55.08 -18.79
C ASP A 571 -15.49 -54.50 -17.56
N PRO A 572 -16.15 -54.54 -16.38
CA PRO A 572 -15.47 -54.17 -15.13
C PRO A 572 -14.73 -55.33 -14.48
N LYS A 573 -15.09 -56.56 -14.84
CA LYS A 573 -14.47 -57.75 -14.25
C LYS A 573 -13.04 -58.00 -14.71
N LYS A 574 -12.62 -57.36 -15.80
CA LYS A 574 -11.23 -57.43 -16.24
C LYS A 574 -10.35 -56.66 -15.25
N LEU A 575 -9.22 -57.27 -14.88
CA LEU A 575 -8.27 -56.69 -13.93
C LEU A 575 -7.69 -55.39 -14.48
N PHE A 576 -8.22 -54.28 -14.00
CA PHE A 576 -7.88 -52.95 -14.51
C PHE A 576 -6.80 -52.37 -13.63
N VAL A 577 -5.72 -51.89 -14.27
CA VAL A 577 -4.63 -51.24 -13.54
C VAL A 577 -5.17 -49.94 -12.96
N PRO A 578 -5.34 -49.91 -11.63
CA PRO A 578 -6.06 -48.80 -10.99
C PRO A 578 -5.23 -47.52 -10.95
N ARG A 579 -5.76 -46.45 -11.55
CA ARG A 579 -5.03 -45.19 -11.59
C ARG A 579 -5.87 -43.98 -11.18
N THR A 580 -5.20 -42.98 -10.62
CA THR A 580 -5.85 -41.72 -10.27
C THR A 580 -5.34 -40.61 -11.19
N VAL A 581 -6.18 -40.17 -12.12
CA VAL A 581 -5.84 -39.04 -12.97
C VAL A 581 -5.93 -37.77 -12.13
N ILE A 582 -4.97 -36.88 -12.31
CA ILE A 582 -4.98 -35.60 -11.65
C ILE A 582 -4.48 -34.56 -12.64
N ILE A 583 -5.41 -33.88 -13.30
CA ILE A 583 -5.06 -32.75 -14.16
C ILE A 583 -5.33 -31.46 -13.41
N GLY A 584 -4.54 -30.44 -13.66
CA GLY A 584 -4.71 -29.14 -12.99
C GLY A 584 -3.93 -28.03 -13.65
N GLY A 585 -4.47 -26.82 -13.59
CA GLY A 585 -3.80 -25.66 -14.18
C GLY A 585 -4.68 -24.44 -14.39
N LYS A 586 -4.04 -23.27 -14.38
CA LYS A 586 -4.75 -22.01 -14.49
C LYS A 586 -4.95 -21.67 -15.95
N ALA A 587 -6.21 -21.66 -16.38
CA ALA A 587 -6.55 -21.12 -17.67
C ALA A 587 -6.64 -19.61 -17.56
N ALA A 588 -6.08 -18.93 -18.55
CA ALA A 588 -6.24 -17.49 -18.67
C ALA A 588 -7.72 -17.15 -18.62
N PRO A 589 -8.09 -15.96 -18.07
CA PRO A 589 -9.47 -15.49 -18.21
C PRO A 589 -9.95 -15.40 -19.67
N GLY A 590 -9.11 -14.81 -20.54
CA GLY A 590 -9.50 -14.58 -21.93
C GLY A 590 -9.66 -15.85 -22.75
N TYR A 591 -8.87 -16.87 -22.37
CA TYR A 591 -8.85 -18.15 -23.04
C TYR A 591 -10.13 -18.93 -22.77
N HIS A 592 -11.14 -18.72 -23.63
CA HIS A 592 -12.46 -19.35 -23.47
C HIS A 592 -12.39 -20.86 -23.67
N MET A 593 -11.58 -21.28 -24.65
CA MET A 593 -11.39 -22.67 -25.05
C MET A 593 -10.78 -23.55 -23.95
N ALA A 594 -9.77 -23.01 -23.26
CA ALA A 594 -9.13 -23.70 -22.15
C ALA A 594 -10.11 -23.91 -21.01
N LYS A 595 -10.89 -22.86 -20.71
CA LYS A 595 -11.89 -22.92 -19.64
C LYS A 595 -12.89 -24.03 -19.90
N MET A 596 -13.18 -24.22 -21.20
CA MET A 596 -14.10 -25.23 -21.67
C MET A 596 -13.54 -26.63 -21.48
N ILE A 597 -12.22 -26.76 -21.69
CA ILE A 597 -11.53 -28.02 -21.47
C ILE A 597 -11.62 -28.39 -20.00
N ILE A 598 -11.41 -27.40 -19.13
CA ILE A 598 -11.55 -27.60 -17.70
C ILE A 598 -12.94 -28.17 -17.40
N LYS A 599 -13.99 -27.42 -17.77
CA LYS A 599 -15.36 -27.82 -17.43
C LYS A 599 -15.59 -29.29 -17.71
N LEU A 600 -15.28 -29.67 -18.95
CA LEU A 600 -15.23 -31.07 -19.39
C LEU A 600 -14.43 -31.94 -18.42
N ILE A 601 -13.16 -31.60 -18.20
CA ILE A 601 -12.29 -32.37 -17.29
C ILE A 601 -13.00 -32.61 -15.95
N THR A 602 -13.61 -31.55 -15.42
CA THR A 602 -14.40 -31.64 -14.19
C THR A 602 -15.67 -32.46 -14.39
N SER A 603 -16.40 -32.20 -15.49
CA SER A 603 -17.59 -32.97 -15.86
C SER A 603 -17.24 -34.45 -15.91
N VAL A 604 -16.23 -34.77 -16.70
CA VAL A 604 -15.66 -36.12 -16.75
C VAL A 604 -15.44 -36.60 -15.33
N ALA A 605 -14.74 -35.78 -14.54
CA ALA A 605 -14.44 -36.10 -13.16
C ALA A 605 -15.72 -36.53 -12.41
N ASP A 606 -16.83 -35.85 -12.68
CA ASP A 606 -18.07 -36.09 -11.95
C ASP A 606 -18.73 -37.42 -12.27
N VAL A 607 -18.69 -37.81 -13.53
CA VAL A 607 -19.19 -39.12 -13.96
C VAL A 607 -18.35 -40.28 -13.36
N VAL A 608 -17.03 -40.16 -13.40
CA VAL A 608 -16.13 -41.25 -13.02
C VAL A 608 -15.99 -41.42 -11.49
N ASN A 609 -16.08 -40.32 -10.76
CA ASN A 609 -15.94 -40.36 -9.30
C ASN A 609 -17.09 -41.10 -8.63
N ASN A 610 -18.30 -40.72 -8.99
CA ASN A 610 -19.51 -41.18 -8.30
C ASN A 610 -20.00 -42.55 -8.77
N ASP A 611 -19.76 -42.85 -10.05
CA ASP A 611 -20.18 -44.09 -10.66
C ASP A 611 -19.38 -45.28 -10.10
N PRO A 612 -20.00 -46.03 -9.15
CA PRO A 612 -19.28 -47.11 -8.45
C PRO A 612 -19.30 -48.43 -9.22
N MET A 613 -19.82 -48.40 -10.46
CA MET A 613 -19.63 -49.52 -11.37
C MET A 613 -18.14 -49.70 -11.54
N VAL A 614 -17.47 -48.58 -11.80
CA VAL A 614 -16.01 -48.49 -11.78
C VAL A 614 -15.52 -48.43 -10.32
N GLY A 615 -16.00 -47.44 -9.57
CA GLY A 615 -15.59 -47.25 -8.19
C GLY A 615 -14.12 -46.94 -8.05
N SER A 616 -13.44 -47.69 -7.18
CA SER A 616 -12.07 -47.40 -6.75
C SER A 616 -10.99 -47.69 -7.79
N LYS A 617 -11.42 -48.19 -8.95
CA LYS A 617 -10.51 -48.48 -10.07
C LYS A 617 -9.91 -47.21 -10.68
N LEU A 618 -10.74 -46.16 -10.85
CA LEU A 618 -10.29 -44.92 -11.50
C LEU A 618 -10.94 -43.63 -10.92
N LYS A 619 -10.11 -42.66 -10.51
CA LYS A 619 -10.60 -41.34 -10.02
C LYS A 619 -9.96 -40.18 -10.77
N VAL A 620 -10.73 -39.12 -10.98
CA VAL A 620 -10.29 -37.93 -11.73
C VAL A 620 -10.30 -36.68 -10.86
N ILE A 621 -9.13 -36.23 -10.43
CA ILE A 621 -9.05 -35.05 -9.61
C ILE A 621 -8.55 -33.88 -10.45
N PHE A 622 -9.33 -32.82 -10.54
CA PHE A 622 -8.78 -31.58 -11.08
C PHE A 622 -8.29 -30.72 -9.94
N LEU A 623 -7.02 -30.31 -10.01
CA LEU A 623 -6.43 -29.44 -9.00
C LEU A 623 -6.75 -28.00 -9.27
N GLU A 624 -7.62 -27.44 -8.42
CA GLU A 624 -7.92 -26.01 -8.45
C GLU A 624 -6.62 -25.25 -8.18
N ASN A 625 -6.60 -23.96 -8.51
CA ASN A 625 -5.56 -23.05 -8.07
C ASN A 625 -4.17 -23.70 -7.94
N TYR A 626 -3.62 -24.14 -9.07
CA TYR A 626 -2.25 -24.68 -9.11
C TYR A 626 -1.21 -23.56 -9.15
N ARG A 627 -0.24 -23.65 -8.25
CA ARG A 627 0.78 -22.62 -8.04
C ARG A 627 2.06 -23.32 -7.57
N VAL A 628 3.16 -22.57 -7.39
CA VAL A 628 4.46 -23.22 -7.17
C VAL A 628 4.45 -24.04 -5.90
N SER A 629 3.90 -23.49 -4.83
CA SER A 629 3.82 -24.21 -3.57
C SER A 629 2.90 -25.45 -3.68
N LEU A 630 1.93 -25.41 -4.58
CA LEU A 630 1.10 -26.59 -4.83
C LEU A 630 1.83 -27.61 -5.72
N ALA A 631 2.60 -27.10 -6.69
CA ALA A 631 3.45 -27.95 -7.51
C ALA A 631 4.47 -28.61 -6.60
N GLU A 632 5.06 -27.81 -5.71
CA GLU A 632 6.01 -28.32 -4.71
C GLU A 632 5.49 -29.58 -4.01
N LYS A 633 4.17 -29.72 -3.93
CA LYS A 633 3.55 -30.80 -3.17
C LYS A 633 3.13 -32.01 -3.99
N VAL A 634 2.48 -31.77 -5.14
CA VAL A 634 1.93 -32.86 -5.97
C VAL A 634 3.04 -33.62 -6.67
N ILE A 635 4.02 -32.89 -7.21
CA ILE A 635 5.09 -33.49 -8.01
C ILE A 635 5.75 -34.71 -7.34
N PRO A 636 6.32 -34.54 -6.13
CA PRO A 636 6.86 -35.69 -5.40
C PRO A 636 5.96 -36.94 -5.33
N ALA A 637 4.64 -36.77 -5.29
CA ALA A 637 3.74 -37.93 -5.22
C ALA A 637 3.13 -38.27 -6.57
N THR A 638 3.99 -38.38 -7.59
CA THR A 638 3.54 -38.69 -8.96
C THR A 638 4.25 -39.91 -9.51
N ASP A 639 3.50 -40.71 -10.26
CA ASP A 639 4.03 -41.86 -10.95
C ASP A 639 4.25 -41.52 -12.40
N LEU A 640 3.22 -40.97 -13.04
CA LEU A 640 3.30 -40.65 -14.46
C LEU A 640 3.18 -39.17 -14.74
N SER A 641 4.29 -38.55 -15.11
CA SER A 641 4.30 -37.20 -15.62
C SER A 641 3.61 -37.21 -16.98
N GLU A 642 2.69 -36.28 -17.19
CA GLU A 642 2.10 -36.12 -18.51
C GLU A 642 2.76 -34.93 -19.16
N GLN A 643 3.53 -35.18 -20.21
CA GLN A 643 4.13 -34.11 -21.01
C GLN A 643 3.71 -34.28 -22.47
N ILE A 644 2.40 -34.29 -22.67
CA ILE A 644 1.84 -34.76 -23.91
C ILE A 644 1.46 -33.60 -24.80
N SER A 645 2.38 -32.65 -24.94
CA SER A 645 2.20 -31.55 -25.90
C SER A 645 2.31 -32.03 -27.35
N THR A 646 2.35 -31.11 -28.31
CA THR A 646 2.39 -31.44 -29.74
C THR A 646 3.78 -31.20 -30.31
N ALA A 647 4.14 -31.97 -31.34
CA ALA A 647 5.45 -31.86 -31.97
C ALA A 647 5.80 -30.42 -32.33
N GLY A 648 6.75 -29.87 -31.57
CA GLY A 648 7.20 -28.49 -31.74
C GLY A 648 6.27 -27.45 -31.13
N THR A 649 5.82 -27.70 -29.90
CA THR A 649 5.00 -26.74 -29.18
C THR A 649 5.70 -26.34 -27.90
N GLU A 650 5.99 -27.33 -27.06
CA GLU A 650 6.75 -27.11 -25.83
C GLU A 650 8.16 -26.73 -26.22
N ALA A 651 8.59 -25.55 -25.78
CA ALA A 651 9.93 -25.08 -26.10
C ALA A 651 11.01 -25.82 -25.30
N SER A 652 10.66 -26.23 -24.09
CA SER A 652 11.60 -26.92 -23.22
C SER A 652 10.87 -27.55 -22.06
N GLY A 653 10.01 -26.76 -21.44
CA GLY A 653 9.35 -27.18 -20.21
C GLY A 653 10.34 -27.06 -19.08
N THR A 654 9.84 -26.68 -17.91
CA THR A 654 10.65 -26.80 -16.72
C THR A 654 9.98 -27.87 -15.85
N GLY A 655 8.69 -28.11 -16.09
CA GLY A 655 7.92 -29.06 -15.30
C GLY A 655 8.21 -30.51 -15.59
N ASN A 656 8.30 -30.83 -16.88
CA ASN A 656 8.75 -32.14 -17.37
C ASN A 656 10.02 -32.65 -16.71
N MET A 657 10.86 -31.71 -16.30
CA MET A 657 12.14 -32.02 -15.67
C MET A 657 11.97 -32.45 -14.22
N LYS A 658 11.12 -31.76 -13.50
CA LYS A 658 10.97 -32.01 -12.09
C LYS A 658 10.51 -33.43 -11.95
N PHE A 659 9.44 -33.79 -12.61
CA PHE A 659 8.80 -35.09 -12.44
C PHE A 659 9.83 -36.22 -12.49
N MET A 660 10.71 -36.17 -13.48
CA MET A 660 11.80 -37.13 -13.62
C MET A 660 12.64 -37.17 -12.33
N LEU A 661 13.11 -35.98 -11.94
CA LEU A 661 13.91 -35.76 -10.73
C LEU A 661 13.15 -36.11 -9.46
N ASN A 662 11.94 -36.64 -9.58
CA ASN A 662 11.10 -36.88 -8.40
C ASN A 662 10.50 -38.29 -8.30
N GLY A 663 10.85 -39.15 -9.26
CA GLY A 663 10.41 -40.55 -9.23
C GLY A 663 9.21 -40.84 -10.10
N ALA A 664 8.79 -39.83 -10.86
CA ALA A 664 7.73 -39.98 -11.84
C ALA A 664 8.30 -40.40 -13.21
N LEU A 665 7.61 -41.35 -13.85
CA LEU A 665 7.91 -41.72 -15.22
C LEU A 665 7.20 -40.72 -16.14
N THR A 666 7.84 -40.39 -17.25
CA THR A 666 7.32 -39.35 -18.14
C THR A 666 6.62 -39.98 -19.33
N ILE A 667 5.36 -39.62 -19.57
CA ILE A 667 4.74 -39.93 -20.86
C ILE A 667 4.70 -38.66 -21.71
N GLY A 668 5.30 -38.72 -22.88
CA GLY A 668 5.54 -37.52 -23.64
C GLY A 668 6.07 -37.67 -25.05
N THR A 669 6.00 -36.57 -25.79
CA THR A 669 6.35 -36.52 -27.19
C THR A 669 7.79 -36.06 -27.39
N MET A 670 8.34 -36.41 -28.55
CA MET A 670 9.67 -35.96 -28.91
C MET A 670 9.65 -34.47 -29.23
N ASP A 671 9.18 -33.71 -28.24
CA ASP A 671 9.00 -32.26 -28.30
C ASP A 671 9.53 -31.68 -27.00
N GLY A 672 10.11 -30.49 -27.06
CA GLY A 672 10.66 -29.86 -25.86
C GLY A 672 11.81 -30.64 -25.25
N ALA A 673 12.26 -30.23 -24.08
CA ALA A 673 13.40 -30.88 -23.42
C ALA A 673 13.14 -32.36 -23.15
N ASN A 674 11.89 -32.79 -23.33
CA ASN A 674 11.53 -34.21 -23.29
C ASN A 674 12.47 -34.99 -24.18
N VAL A 675 12.84 -34.36 -25.31
CA VAL A 675 13.79 -34.90 -26.29
C VAL A 675 15.15 -35.22 -25.66
N GLU A 676 15.80 -34.22 -25.07
CA GLU A 676 17.10 -34.45 -24.43
C GLU A 676 17.02 -35.13 -23.05
N MET A 677 15.83 -35.16 -22.46
CA MET A 677 15.57 -35.97 -21.28
C MET A 677 15.77 -37.46 -21.56
N ALA A 678 15.29 -37.87 -22.73
CA ALA A 678 15.56 -39.21 -23.26
C ALA A 678 17.05 -39.34 -23.59
N GLU A 679 17.62 -38.32 -24.24
CA GLU A 679 19.03 -38.34 -24.57
C GLU A 679 19.93 -38.60 -23.34
N GLU A 680 19.39 -38.39 -22.12
CA GLU A 680 20.16 -38.65 -20.89
C GLU A 680 19.81 -39.98 -20.22
N ALA A 681 18.52 -40.29 -20.09
CA ALA A 681 18.10 -41.53 -19.44
C ALA A 681 18.19 -42.73 -20.39
N GLY A 682 17.80 -42.51 -21.63
CA GLY A 682 17.60 -43.56 -22.63
C GLY A 682 16.17 -43.47 -23.14
N GLU A 683 15.97 -43.63 -24.44
CA GLU A 683 14.67 -43.48 -25.10
C GLU A 683 13.56 -44.42 -24.60
N GLU A 684 13.96 -45.57 -24.04
CA GLU A 684 13.03 -46.59 -23.53
C GLU A 684 12.59 -46.29 -22.13
N ASN A 685 13.49 -45.72 -21.33
CA ASN A 685 13.22 -45.37 -19.94
C ASN A 685 12.17 -44.27 -19.80
N LEU A 686 11.89 -43.61 -20.92
CA LEU A 686 10.79 -42.63 -21.06
C LEU A 686 9.76 -43.17 -22.08
N PHE A 687 8.49 -42.89 -21.84
CA PHE A 687 7.44 -43.36 -22.75
C PHE A 687 7.13 -42.34 -23.85
N ILE A 688 7.93 -42.37 -24.92
CA ILE A 688 7.69 -41.52 -26.10
C ILE A 688 6.71 -42.18 -27.08
N PHE A 689 5.78 -41.36 -27.56
CA PHE A 689 4.72 -41.79 -28.46
C PHE A 689 4.44 -40.66 -29.43
N GLY A 690 3.53 -40.90 -30.35
CA GLY A 690 3.07 -39.86 -31.24
C GLY A 690 4.12 -39.40 -32.25
N MET A 691 3.69 -38.48 -33.11
CA MET A 691 4.46 -38.06 -34.28
C MET A 691 5.52 -37.02 -33.96
N ARG A 692 6.73 -37.26 -34.48
CA ARG A 692 7.86 -36.32 -34.37
C ARG A 692 7.58 -35.03 -35.13
N ILE A 693 8.30 -33.96 -34.80
CA ILE A 693 8.17 -32.67 -35.51
C ILE A 693 8.16 -32.85 -37.04
N ASP A 694 8.85 -33.89 -37.52
CA ASP A 694 8.83 -34.28 -38.92
C ASP A 694 7.48 -34.87 -39.37
N ASP A 695 6.97 -35.85 -38.60
CA ASP A 695 5.63 -36.41 -38.85
C ASP A 695 4.55 -35.33 -38.90
N VAL A 696 4.69 -34.32 -38.01
CA VAL A 696 3.76 -33.18 -37.93
C VAL A 696 3.81 -32.36 -39.21
N ALA A 697 5.03 -32.08 -39.69
CA ALA A 697 5.28 -31.31 -40.92
C ALA A 697 4.78 -32.06 -42.16
N ALA A 698 4.92 -33.39 -42.13
CA ALA A 698 4.37 -34.28 -43.16
C ALA A 698 2.85 -34.16 -43.26
N LEU A 699 2.18 -34.25 -42.12
CA LEU A 699 0.72 -34.13 -42.09
C LEU A 699 0.25 -32.70 -42.35
N ASP A 700 1.10 -31.71 -42.08
CA ASP A 700 0.79 -30.31 -42.42
C ASP A 700 0.80 -30.08 -43.93
N LYS A 701 1.68 -30.82 -44.63
CA LYS A 701 1.68 -30.87 -46.10
C LYS A 701 0.35 -31.46 -46.58
N LYS A 702 -0.06 -32.58 -45.98
CA LYS A 702 -1.32 -33.24 -46.32
C LYS A 702 -2.54 -32.57 -45.67
N GLY A 703 -2.31 -31.77 -44.64
CA GLY A 703 -3.37 -30.97 -44.01
C GLY A 703 -4.36 -31.78 -43.16
N TYR A 704 -4.62 -31.31 -41.95
CA TYR A 704 -5.44 -32.04 -40.98
C TYR A 704 -6.84 -32.38 -41.50
N GLU A 705 -7.25 -33.62 -41.31
CA GLU A 705 -8.58 -34.07 -41.72
C GLU A 705 -9.25 -34.83 -40.57
N ALA A 706 -9.60 -34.10 -39.52
CA ALA A 706 -10.03 -34.69 -38.25
C ALA A 706 -10.91 -35.94 -38.34
N LYS A 707 -11.85 -35.95 -39.30
CA LYS A 707 -12.85 -37.03 -39.40
C LYS A 707 -12.21 -38.43 -39.53
N GLU A 708 -11.08 -38.52 -40.23
CA GLU A 708 -10.46 -39.82 -40.58
C GLU A 708 -10.33 -40.77 -39.39
N TYR A 709 -9.85 -40.23 -38.27
CA TYR A 709 -9.66 -41.00 -37.05
C TYR A 709 -11.01 -41.20 -36.35
N TYR A 710 -11.91 -40.23 -36.51
CA TYR A 710 -13.26 -40.35 -35.98
C TYR A 710 -14.00 -41.50 -36.67
N GLU A 711 -13.75 -41.65 -37.97
CA GLU A 711 -14.25 -42.79 -38.74
C GLU A 711 -13.48 -44.03 -38.32
N ALA A 712 -12.18 -44.02 -38.58
CA ALA A 712 -11.31 -45.17 -38.36
C ALA A 712 -10.81 -45.34 -36.91
N LEU A 713 -11.67 -45.13 -35.92
CA LEU A 713 -11.35 -45.45 -34.52
C LEU A 713 -12.57 -45.83 -33.69
N PRO A 714 -12.93 -47.14 -33.69
CA PRO A 714 -14.08 -47.66 -32.97
C PRO A 714 -14.17 -47.15 -31.54
N GLU A 715 -13.02 -46.99 -30.87
CA GLU A 715 -13.02 -46.43 -29.52
C GLU A 715 -13.19 -44.90 -29.54
N LEU A 716 -12.20 -44.18 -30.06
CA LEU A 716 -12.21 -42.71 -30.00
C LEU A 716 -13.60 -42.11 -30.28
N LYS A 717 -14.23 -42.57 -31.36
CA LYS A 717 -15.54 -42.07 -31.77
C LYS A 717 -16.55 -42.07 -30.63
N LEU A 718 -16.55 -43.12 -29.81
CA LEU A 718 -17.50 -43.20 -28.69
C LEU A 718 -17.27 -42.06 -27.74
N VAL A 719 -15.99 -41.85 -27.38
CA VAL A 719 -15.55 -40.74 -26.52
C VAL A 719 -16.15 -39.43 -27.04
N ILE A 720 -15.99 -39.21 -28.35
CA ILE A 720 -16.42 -37.98 -29.00
C ILE A 720 -17.94 -37.93 -29.20
N ASP A 721 -18.60 -39.07 -29.11
CA ASP A 721 -20.08 -39.09 -29.14
C ASP A 721 -20.61 -38.67 -27.77
N GLN A 722 -19.98 -39.21 -26.73
CA GLN A 722 -20.32 -38.91 -25.34
C GLN A 722 -20.15 -37.41 -25.02
N ILE A 723 -19.12 -36.80 -25.60
CA ILE A 723 -18.90 -35.36 -25.44
C ILE A 723 -20.00 -34.56 -26.15
N ASP A 724 -20.31 -34.96 -27.38
CA ASP A 724 -21.22 -34.21 -28.25
C ASP A 724 -22.71 -34.41 -27.94
N ASN A 725 -23.09 -35.67 -27.69
CA ASN A 725 -24.47 -36.01 -27.34
C ASN A 725 -24.89 -35.44 -25.97
N GLY A 726 -24.00 -35.57 -24.99
CA GLY A 726 -24.23 -35.01 -23.65
C GLY A 726 -24.21 -36.06 -22.57
N PHE A 727 -23.21 -36.94 -22.63
CA PHE A 727 -22.99 -37.96 -21.62
C PHE A 727 -22.47 -37.33 -20.33
N PHE A 728 -21.67 -36.28 -20.48
CA PHE A 728 -21.06 -35.62 -19.33
C PHE A 728 -21.77 -34.32 -18.99
N SER A 729 -22.35 -33.70 -20.03
CA SER A 729 -23.32 -32.62 -19.86
C SER A 729 -24.70 -33.09 -20.37
N PRO A 730 -25.53 -33.67 -19.48
CA PRO A 730 -26.91 -34.04 -19.86
C PRO A 730 -27.85 -32.84 -19.69
N LYS A 731 -27.88 -32.27 -18.49
CA LYS A 731 -28.74 -31.14 -18.14
C LYS A 731 -28.53 -29.95 -19.08
N GLN A 732 -27.54 -30.08 -19.96
CA GLN A 732 -27.25 -29.08 -20.98
C GLN A 732 -26.44 -29.76 -22.10
N PRO A 733 -27.14 -30.47 -23.01
CA PRO A 733 -26.52 -31.40 -23.97
C PRO A 733 -25.41 -30.79 -24.86
N ASP A 734 -25.65 -29.62 -25.45
CA ASP A 734 -24.71 -29.10 -26.46
C ASP A 734 -23.41 -28.57 -25.86
N LEU A 735 -23.48 -27.50 -25.08
CA LEU A 735 -22.36 -26.90 -24.35
C LEU A 735 -20.97 -27.11 -24.97
N PHE A 736 -20.56 -28.37 -25.08
CA PHE A 736 -19.25 -28.79 -25.61
C PHE A 736 -19.14 -28.77 -27.12
N LYS A 737 -20.16 -28.26 -27.81
CA LYS A 737 -20.10 -28.10 -29.25
C LYS A 737 -18.82 -27.34 -29.61
N ASP A 738 -18.64 -26.17 -28.99
CA ASP A 738 -17.43 -25.34 -29.17
C ASP A 738 -16.18 -26.19 -29.32
N ILE A 739 -16.04 -27.18 -28.43
CA ILE A 739 -14.91 -28.10 -28.39
C ILE A 739 -14.82 -28.85 -29.72
N ILE A 740 -15.91 -29.53 -30.05
CA ILE A 740 -16.00 -30.42 -31.21
C ILE A 740 -15.68 -29.70 -32.51
N ASN A 741 -16.13 -28.46 -32.62
CA ASN A 741 -15.79 -27.60 -33.76
C ASN A 741 -14.28 -27.30 -33.88
N MET A 742 -13.58 -27.22 -32.75
CA MET A 742 -12.13 -27.09 -32.73
C MET A 742 -11.47 -28.42 -33.08
N LEU A 743 -11.99 -29.50 -32.49
CA LEU A 743 -11.45 -30.85 -32.69
C LEU A 743 -11.60 -31.36 -34.12
N PHE A 744 -12.73 -31.03 -34.77
CA PHE A 744 -13.04 -31.57 -36.09
C PHE A 744 -12.63 -30.72 -37.29
N TYR A 745 -12.44 -29.41 -37.08
CA TYR A 745 -12.16 -28.52 -38.21
C TYR A 745 -10.98 -27.59 -37.99
N HIS A 746 -10.72 -27.25 -36.73
CA HIS A 746 -9.58 -26.37 -36.40
C HIS A 746 -8.78 -26.90 -35.21
N ASP A 747 -7.99 -27.95 -35.41
CA ASP A 747 -7.18 -28.50 -34.33
C ASP A 747 -5.71 -28.41 -34.70
N ARG A 748 -5.07 -27.30 -34.36
CA ARG A 748 -3.67 -27.06 -34.72
C ARG A 748 -2.71 -27.99 -33.98
N PHE A 749 -3.25 -28.65 -32.98
CA PHE A 749 -2.44 -29.50 -32.12
C PHE A 749 -2.89 -30.95 -32.21
N LYS A 750 -3.80 -31.19 -33.16
CA LYS A 750 -4.03 -32.52 -33.68
C LYS A 750 -4.32 -33.47 -32.55
N VAL A 751 -5.49 -33.32 -31.93
CA VAL A 751 -5.80 -34.12 -30.75
C VAL A 751 -6.00 -35.59 -31.10
N PHE A 752 -6.76 -35.87 -32.15
CA PHE A 752 -7.00 -37.26 -32.57
C PHE A 752 -5.74 -37.86 -33.17
N ALA A 753 -5.03 -37.09 -34.00
CA ALA A 753 -3.89 -37.61 -34.75
C ALA A 753 -2.91 -38.40 -33.89
N ASP A 754 -2.69 -37.94 -32.65
CA ASP A 754 -1.80 -38.67 -31.76
C ASP A 754 -2.52 -39.39 -30.64
N TYR A 755 -3.85 -39.45 -30.74
CA TYR A 755 -4.66 -40.17 -29.77
C TYR A 755 -4.24 -41.64 -29.73
N GLU A 756 -4.20 -42.26 -30.92
CA GLU A 756 -4.01 -43.69 -31.05
C GLU A 756 -2.63 -44.17 -30.60
N ALA A 757 -1.59 -43.39 -30.89
CA ALA A 757 -0.25 -43.71 -30.40
C ALA A 757 -0.26 -43.61 -28.87
N TYR A 758 -0.85 -42.52 -28.38
CA TYR A 758 -0.97 -42.20 -26.95
C TYR A 758 -1.69 -43.29 -26.16
N VAL A 759 -2.89 -43.67 -26.60
CA VAL A 759 -3.66 -44.70 -25.91
C VAL A 759 -2.88 -46.00 -25.87
N LYS A 760 -2.27 -46.35 -26.98
CA LYS A 760 -1.43 -47.54 -27.03
C LYS A 760 -0.26 -47.38 -26.04
N CYS A 761 0.37 -46.20 -26.09
CA CYS A 761 1.49 -45.85 -25.21
C CYS A 761 1.05 -45.66 -23.76
N GLN A 762 -0.25 -45.69 -23.53
CA GLN A 762 -0.78 -45.63 -22.19
C GLN A 762 -0.89 -47.01 -21.60
N ASP A 763 -1.20 -47.99 -22.44
CA ASP A 763 -1.21 -49.39 -22.03
C ASP A 763 0.21 -49.86 -21.66
N LYS A 764 1.19 -49.46 -22.47
CA LYS A 764 2.61 -49.69 -22.19
C LYS A 764 2.94 -49.37 -20.73
N VAL A 765 2.53 -48.18 -20.27
CA VAL A 765 2.79 -47.72 -18.89
C VAL A 765 2.06 -48.59 -17.88
N SER A 766 0.77 -48.85 -18.16
CA SER A 766 -0.12 -49.64 -17.29
C SER A 766 0.41 -51.04 -17.00
N GLN A 767 0.95 -51.66 -18.06
CA GLN A 767 1.49 -53.01 -18.00
C GLN A 767 2.82 -53.08 -17.24
N LEU A 768 3.57 -51.98 -17.27
CA LEU A 768 4.84 -51.87 -16.51
C LEU A 768 4.54 -51.74 -15.02
N TYR A 769 3.61 -50.84 -14.68
CA TYR A 769 3.20 -50.54 -13.29
C TYR A 769 2.72 -51.75 -12.48
N MET A 770 2.33 -52.82 -13.20
CA MET A 770 2.02 -54.09 -12.57
C MET A 770 3.29 -54.61 -11.88
N ASN A 771 4.39 -54.66 -12.62
CA ASN A 771 5.68 -55.05 -12.05
C ASN A 771 6.34 -53.92 -11.26
N PRO A 772 6.28 -54.00 -9.93
CA PRO A 772 6.86 -52.96 -9.08
C PRO A 772 8.39 -52.97 -9.13
N LYS A 773 9.00 -54.16 -9.12
CA LYS A 773 10.45 -54.27 -9.21
C LYS A 773 11.03 -53.71 -10.54
N ALA A 774 10.20 -53.66 -11.59
CA ALA A 774 10.64 -53.12 -12.90
C ALA A 774 10.44 -51.61 -13.07
N TRP A 775 9.22 -51.13 -12.84
CA TRP A 775 8.91 -49.69 -12.85
C TRP A 775 9.98 -48.94 -12.05
N ASN A 776 10.11 -49.32 -10.78
CA ASN A 776 11.20 -48.85 -9.90
C ASN A 776 12.58 -48.83 -10.55
N THR A 777 12.91 -49.88 -11.28
CA THR A 777 14.19 -49.89 -11.95
C THR A 777 14.21 -48.82 -13.05
N MET A 778 13.08 -48.66 -13.75
CA MET A 778 12.98 -47.65 -14.81
C MET A 778 12.97 -46.25 -14.20
N VAL A 779 12.61 -46.18 -12.92
CA VAL A 779 12.59 -44.93 -12.14
C VAL A 779 13.98 -44.53 -11.66
N LEU A 780 14.70 -45.51 -11.10
CA LEU A 780 16.06 -45.29 -10.61
C LEU A 780 16.96 -44.78 -11.72
N LYS A 781 16.67 -45.26 -12.94
CA LYS A 781 17.35 -44.79 -14.15
C LYS A 781 17.07 -43.32 -14.46
N ASN A 782 15.79 -42.93 -14.37
CA ASN A 782 15.36 -41.54 -14.55
C ASN A 782 15.96 -40.56 -13.53
N ILE A 783 15.88 -40.94 -12.25
CA ILE A 783 16.42 -40.11 -11.15
C ILE A 783 17.94 -39.95 -11.20
N ALA A 784 18.64 -40.92 -11.76
CA ALA A 784 20.10 -40.86 -11.89
C ALA A 784 20.51 -39.96 -13.06
N ALA A 785 19.73 -40.05 -14.13
CA ALA A 785 20.03 -39.37 -15.38
C ALA A 785 19.16 -38.13 -15.51
N SER A 786 19.00 -37.41 -14.40
CA SER A 786 18.35 -36.09 -14.39
C SER A 786 19.32 -34.99 -13.95
N GLY A 787 20.61 -35.29 -14.05
CA GLY A 787 21.66 -34.38 -13.60
C GLY A 787 21.82 -33.17 -14.47
N LYS A 788 21.63 -33.33 -15.78
CA LYS A 788 21.79 -32.19 -16.70
C LYS A 788 20.81 -31.08 -16.40
N PHE A 789 19.69 -31.43 -15.75
CA PHE A 789 18.56 -30.50 -15.67
C PHE A 789 18.55 -29.68 -14.38
N SER A 790 19.60 -29.85 -13.58
CA SER A 790 19.86 -28.94 -12.48
C SER A 790 20.15 -27.60 -13.12
N SER A 791 19.39 -26.57 -12.72
CA SER A 791 19.54 -25.22 -13.28
C SER A 791 20.93 -24.62 -13.03
N ASP A 792 21.66 -25.22 -12.09
CA ASP A 792 23.08 -24.90 -11.84
C ASP A 792 23.92 -25.02 -13.13
N ARG A 793 23.66 -26.07 -13.90
CA ARG A 793 24.32 -26.31 -15.16
C ARG A 793 23.97 -25.21 -16.17
N THR A 794 22.68 -24.94 -16.34
CA THR A 794 22.20 -23.91 -17.28
C THR A 794 22.97 -22.61 -17.08
N ILE A 795 22.94 -22.14 -15.85
CA ILE A 795 23.64 -20.95 -15.46
C ILE A 795 25.11 -20.97 -15.93
N LYS A 796 25.85 -22.03 -15.60
CA LYS A 796 27.23 -22.20 -16.10
C LYS A 796 27.29 -21.94 -17.59
N GLU A 797 26.48 -22.69 -18.33
CA GLU A 797 26.37 -22.53 -19.78
C GLU A 797 26.16 -21.05 -20.16
N TYR A 798 25.11 -20.47 -19.59
CA TYR A 798 24.80 -19.04 -19.73
C TYR A 798 26.00 -18.18 -19.36
N ALA A 799 26.71 -18.57 -18.30
CA ALA A 799 27.86 -17.82 -17.83
C ALA A 799 29.01 -17.86 -18.84
N GLN A 800 29.43 -19.05 -19.23
CA GLN A 800 30.60 -19.20 -20.10
C GLN A 800 30.45 -18.70 -21.54
N ASN A 801 29.23 -18.42 -21.97
CA ASN A 801 28.98 -18.23 -23.38
C ASN A 801 28.21 -16.99 -23.73
N ILE A 802 27.40 -16.52 -22.78
CA ILE A 802 26.57 -15.36 -23.02
C ILE A 802 27.04 -14.19 -22.15
N TRP A 803 26.79 -14.28 -20.84
CA TRP A 803 27.11 -13.21 -19.90
C TRP A 803 28.60 -13.09 -19.70
N ASN A 804 29.30 -14.21 -19.85
CA ASN A 804 30.76 -14.23 -19.79
C ASN A 804 31.28 -13.81 -18.42
N VAL A 805 30.85 -14.53 -17.39
CA VAL A 805 31.36 -14.34 -16.01
C VAL A 805 31.86 -15.63 -15.35
N GLU A 806 32.32 -15.48 -14.10
CA GLU A 806 32.99 -16.55 -13.39
C GLU A 806 32.45 -16.71 -11.97
N PRO A 807 31.97 -17.93 -11.65
CA PRO A 807 31.48 -18.31 -10.31
C PRO A 807 32.58 -18.36 -9.24
N SER A 808 32.18 -18.44 -7.97
CA SER A 808 33.10 -18.57 -6.84
C SER A 808 32.33 -18.80 -5.54
N ASP A 809 32.58 -17.93 -4.56
CA ASP A 809 31.94 -17.97 -3.23
C ASP A 809 32.42 -16.80 -2.35
N ASN B 1 18.76 2.52 29.55
CA ASN B 1 20.04 3.25 29.79
C ASN B 1 20.79 3.62 28.50
N VAL B 2 21.72 4.57 28.65
CA VAL B 2 22.56 5.11 27.56
C VAL B 2 23.10 4.06 26.59
N ALA B 3 23.54 2.92 27.14
CA ALA B 3 24.30 1.94 26.38
C ALA B 3 23.42 1.06 25.52
N GLU B 4 22.36 0.54 26.12
CA GLU B 4 21.45 -0.37 25.41
C GLU B 4 20.70 0.34 24.29
N LEU B 5 20.33 1.59 24.55
CA LEU B 5 19.79 2.45 23.52
C LEU B 5 20.73 2.44 22.33
N LYS B 6 22.01 2.71 22.56
CA LYS B 6 22.99 2.69 21.47
C LYS B 6 22.96 1.35 20.73
N LYS B 7 22.94 0.26 21.49
CA LYS B 7 23.02 -1.08 20.91
C LYS B 7 21.79 -1.43 20.07
N SER B 8 20.63 -1.01 20.53
CA SER B 8 19.41 -1.28 19.80
C SER B 8 19.28 -0.37 18.61
N PHE B 9 19.81 0.85 18.70
CA PHE B 9 19.86 1.70 17.53
C PHE B 9 20.71 1.06 16.45
N ASN B 10 21.91 0.62 16.81
CA ASN B 10 22.82 -0.04 15.87
C ASN B 10 22.34 -1.39 15.43
N ARG B 11 21.64 -2.07 16.33
CA ARG B 11 21.14 -3.40 16.08
C ARG B 11 20.01 -3.34 15.08
N HIS B 12 19.26 -2.24 15.13
CA HIS B 12 18.05 -2.12 14.35
C HIS B 12 18.34 -1.67 12.92
N LEU B 13 19.10 -0.58 12.82
CA LEU B 13 19.64 -0.16 11.55
C LEU B 13 20.19 -1.37 10.77
N HIS B 14 20.76 -2.33 11.52
CA HIS B 14 21.43 -3.49 10.93
C HIS B 14 20.47 -4.59 10.43
N PHE B 15 19.51 -4.98 11.28
CA PHE B 15 18.63 -6.13 10.98
C PHE B 15 17.31 -5.76 10.32
N THR B 16 16.77 -4.58 10.62
CA THR B 16 15.47 -4.15 10.06
C THR B 16 15.69 -3.33 8.78
N LEU B 17 16.64 -2.40 8.84
CA LEU B 17 16.98 -1.55 7.69
C LEU B 17 18.06 -2.17 6.79
N VAL B 18 18.64 -3.27 7.26
CA VAL B 18 19.65 -4.06 6.52
C VAL B 18 20.82 -3.19 5.97
N LYS B 19 21.16 -2.15 6.72
CA LYS B 19 22.19 -1.22 6.32
C LYS B 19 23.47 -1.44 7.10
N ASP B 20 24.59 -1.10 6.46
CA ASP B 20 25.82 -0.81 7.17
C ASP B 20 25.90 0.71 7.31
N ARG B 21 26.39 1.18 8.46
CA ARG B 21 26.54 2.61 8.75
C ARG B 21 27.17 3.38 7.60
N ASN B 22 28.15 2.77 6.94
CA ASN B 22 28.83 3.37 5.81
C ASN B 22 27.85 3.99 4.81
N VAL B 23 26.80 3.25 4.46
CA VAL B 23 25.84 3.72 3.44
C VAL B 23 24.41 3.98 3.91
N ALA B 24 24.11 3.69 5.18
CA ALA B 24 22.82 4.02 5.78
C ALA B 24 22.39 5.46 5.51
N THR B 25 21.14 5.64 5.08
CA THR B 25 20.59 6.98 4.79
C THR B 25 20.08 7.72 6.04
N THR B 26 19.86 9.03 5.93
CA THR B 26 19.35 9.83 7.06
C THR B 26 18.08 9.19 7.56
N ARG B 27 17.27 8.73 6.61
CA ARG B 27 15.98 8.07 6.84
C ARG B 27 16.12 6.75 7.57
N ASP B 28 17.12 5.95 7.19
CA ASP B 28 17.42 4.71 7.91
C ASP B 28 17.67 5.00 9.38
N TYR B 29 18.44 6.05 9.63
CA TYR B 29 18.73 6.49 10.99
C TYR B 29 17.46 6.74 11.78
N TYR B 30 16.52 7.50 11.22
CA TYR B 30 15.24 7.75 11.91
C TYR B 30 14.53 6.44 12.26
N PHE B 31 14.38 5.59 11.25
CA PHE B 31 13.66 4.35 11.39
C PHE B 31 14.22 3.48 12.51
N ALA B 32 15.55 3.38 12.60
CA ALA B 32 16.19 2.61 13.66
C ALA B 32 15.87 3.23 15.01
N LEU B 33 16.00 4.55 15.09
CA LEU B 33 15.65 5.27 16.31
C LEU B 33 14.18 5.04 16.65
N ALA B 34 13.30 5.16 15.66
CA ALA B 34 11.86 4.99 15.86
C ALA B 34 11.58 3.66 16.55
N HIS B 35 12.04 2.59 15.89
CA HIS B 35 11.92 1.22 16.34
C HIS B 35 12.46 0.97 17.75
N THR B 36 13.62 1.57 18.05
CA THR B 36 14.23 1.48 19.40
C THR B 36 13.33 2.12 20.47
N VAL B 37 12.77 3.29 20.14
CA VAL B 37 11.88 4.02 21.04
C VAL B 37 10.59 3.23 21.22
N ARG B 38 10.13 2.57 20.16
CA ARG B 38 8.92 1.75 20.25
C ARG B 38 9.14 0.57 21.19
N ASP B 39 10.28 -0.11 21.05
CA ASP B 39 10.54 -1.28 21.87
C ASP B 39 10.38 -1.07 23.39
N HIS B 40 10.63 0.14 23.89
CA HIS B 40 10.49 0.39 25.34
C HIS B 40 9.09 0.81 25.69
N LEU B 41 8.19 0.69 24.73
CA LEU B 41 6.80 1.07 24.90
C LEU B 41 5.83 -0.10 24.63
N VAL B 42 6.34 -1.15 23.98
CA VAL B 42 5.54 -2.34 23.68
C VAL B 42 4.98 -3.01 24.95
N GLY B 43 5.86 -3.35 25.89
CA GLY B 43 5.46 -4.06 27.12
C GLY B 43 4.29 -3.43 27.87
N ARG B 44 4.27 -2.11 27.88
CA ARG B 44 3.18 -1.34 28.50
C ARG B 44 1.97 -1.33 27.59
N TRP B 45 2.19 -1.28 26.29
CA TRP B 45 1.07 -1.32 25.37
C TRP B 45 0.28 -2.60 25.59
N ILE B 46 0.98 -3.70 25.84
CA ILE B 46 0.35 -5.00 25.98
C ILE B 46 -0.35 -5.17 27.32
N ARG B 47 0.36 -4.84 28.39
CA ARG B 47 -0.21 -4.82 29.74
C ARG B 47 -1.45 -3.93 29.77
N THR B 48 -1.27 -2.65 29.43
CA THR B 48 -2.38 -1.69 29.29
C THR B 48 -3.60 -2.36 28.69
N GLN B 49 -3.40 -2.99 27.53
CA GLN B 49 -4.50 -3.53 26.75
C GLN B 49 -5.07 -4.81 27.33
N GLN B 50 -4.20 -5.62 27.93
CA GLN B 50 -4.66 -6.79 28.66
C GLN B 50 -5.37 -6.37 29.95
N HIS B 51 -4.81 -5.40 30.67
CA HIS B 51 -5.42 -4.83 31.87
C HIS B 51 -6.89 -4.48 31.61
N TYR B 52 -7.15 -3.65 30.60
CA TYR B 52 -8.52 -3.30 30.20
C TYR B 52 -9.31 -4.58 29.95
N TYR B 53 -8.76 -5.44 29.10
CA TYR B 53 -9.41 -6.68 28.74
C TYR B 53 -9.72 -7.53 29.99
N ASP B 54 -8.77 -7.61 30.91
CA ASP B 54 -8.94 -8.34 32.18
C ASP B 54 -10.00 -7.68 33.03
N LYS B 55 -9.55 -6.70 33.81
CA LYS B 55 -10.41 -6.02 34.76
C LYS B 55 -11.71 -5.42 34.18
N CYS B 56 -11.73 -5.16 32.88
CA CYS B 56 -12.94 -4.66 32.20
C CYS B 56 -13.54 -3.33 32.74
N PRO B 57 -12.73 -2.27 32.84
CA PRO B 57 -13.29 -0.98 33.26
C PRO B 57 -14.04 -0.34 32.11
N LYS B 58 -14.98 0.56 32.40
CA LYS B 58 -15.70 1.24 31.32
C LYS B 58 -14.71 1.92 30.36
N ARG B 59 -14.94 1.70 29.06
CA ARG B 59 -14.02 2.13 28.01
C ARG B 59 -14.55 3.34 27.20
N VAL B 60 -13.73 4.38 27.11
CA VAL B 60 -14.02 5.58 26.33
C VAL B 60 -13.69 5.38 24.83
N TYR B 61 -14.58 5.84 23.96
CA TYR B 61 -14.36 5.73 22.52
C TYR B 61 -14.52 7.08 21.80
N TYR B 62 -13.40 7.74 21.53
CA TYR B 62 -13.42 8.99 20.77
C TYR B 62 -13.56 8.70 19.28
N LEU B 63 -14.79 8.79 18.77
CA LEU B 63 -15.05 8.52 17.35
C LEU B 63 -14.91 9.74 16.45
N SER B 64 -13.86 9.75 15.63
CA SER B 64 -13.49 10.91 14.83
C SER B 64 -13.05 10.64 13.38
N LEU B 65 -13.50 11.49 12.47
CA LEU B 65 -12.98 11.51 11.08
C LEU B 65 -11.64 12.26 10.94
N GLU B 66 -11.09 12.71 12.08
CA GLU B 66 -9.88 13.55 12.09
C GLU B 66 -9.03 13.42 13.36
N PHE B 67 -7.81 12.94 13.19
CA PHE B 67 -6.77 13.03 14.21
C PHE B 67 -5.54 13.77 13.66
N TYR B 68 -5.44 15.07 13.94
CA TYR B 68 -4.29 15.89 13.56
C TYR B 68 -3.16 15.56 14.52
N MET B 69 -2.48 14.43 14.26
CA MET B 69 -1.57 13.80 15.24
C MET B 69 -0.11 14.27 15.23
N GLY B 70 0.35 14.80 14.09
CA GLY B 70 1.73 15.23 13.92
C GLY B 70 2.71 14.07 13.80
N ARG B 71 3.94 14.30 14.25
CA ARG B 71 4.96 13.25 14.33
C ARG B 71 4.80 12.52 15.67
N THR B 72 5.33 11.31 15.76
CA THR B 72 5.20 10.49 16.97
C THR B 72 6.54 10.25 17.70
N LEU B 73 7.61 10.07 16.93
CA LEU B 73 8.92 9.79 17.50
C LEU B 73 9.34 10.73 18.63
N GLN B 74 9.23 12.04 18.44
CA GLN B 74 9.69 12.92 19.51
C GLN B 74 8.79 12.85 20.72
N ASN B 75 7.47 12.93 20.50
CA ASN B 75 6.53 12.82 21.62
C ASN B 75 6.70 11.53 22.41
N THR B 76 6.90 10.44 21.69
CA THR B 76 6.94 9.13 22.30
C THR B 76 8.16 9.01 23.20
N MET B 77 9.30 9.50 22.71
CA MET B 77 10.52 9.63 23.55
C MET B 77 10.27 10.40 24.85
N ILE B 78 9.39 11.40 24.79
CA ILE B 78 9.17 12.32 25.90
C ILE B 78 8.41 11.63 27.03
N ASN B 79 7.32 10.96 26.64
CA ASN B 79 6.42 10.34 27.60
C ASN B 79 7.03 9.11 28.26
N LEU B 80 7.89 8.41 27.52
CA LEU B 80 8.60 7.26 28.06
C LEU B 80 9.83 7.72 28.85
N GLY B 81 9.99 9.05 28.99
CA GLY B 81 11.13 9.69 29.66
C GLY B 81 12.47 9.35 29.00
N LEU B 82 12.41 9.14 27.69
CA LEU B 82 13.54 8.60 26.98
C LEU B 82 14.26 9.62 26.12
N GLN B 83 13.65 10.78 25.91
CA GLN B 83 14.28 11.80 25.08
C GLN B 83 15.72 12.05 25.53
N ASN B 84 15.92 12.35 26.80
CA ASN B 84 17.24 12.64 27.31
C ASN B 84 18.22 11.54 27.00
N ALA B 85 17.90 10.32 27.43
CA ALA B 85 18.74 9.16 27.21
C ALA B 85 18.94 8.81 25.74
N CYS B 86 18.01 9.24 24.87
CA CYS B 86 18.15 9.08 23.42
C CYS B 86 18.90 10.22 22.74
N ASP B 87 18.92 11.38 23.38
CA ASP B 87 19.62 12.54 22.85
C ASP B 87 21.08 12.28 22.99
N GLU B 88 21.41 11.65 24.11
CA GLU B 88 22.77 11.27 24.42
C GLU B 88 23.24 10.18 23.47
N ALA B 89 22.40 9.16 23.30
CA ALA B 89 22.74 7.96 22.53
C ALA B 89 22.99 8.28 21.06
N ILE B 90 22.13 9.10 20.49
CA ILE B 90 22.30 9.57 19.11
C ILE B 90 23.53 10.46 19.03
N TYR B 91 23.68 11.36 19.99
CA TYR B 91 24.83 12.24 20.09
C TYR B 91 26.15 11.48 20.05
N GLN B 92 26.20 10.36 20.78
CA GLN B 92 27.38 9.53 20.86
C GLN B 92 27.63 8.76 19.59
N LEU B 93 26.57 8.31 18.92
CA LEU B 93 26.72 7.69 17.60
C LEU B 93 27.04 8.75 16.52
N GLY B 94 27.35 9.98 16.97
CA GLY B 94 27.78 11.07 16.11
C GLY B 94 26.74 11.58 15.13
N LEU B 95 25.47 11.22 15.36
CA LEU B 95 24.38 11.72 14.53
C LEU B 95 23.68 12.85 15.25
N ASP B 96 23.04 13.73 14.49
CA ASP B 96 22.30 14.83 15.08
C ASP B 96 20.85 14.42 15.26
N ILE B 97 20.40 14.44 16.51
CA ILE B 97 19.05 14.00 16.85
C ILE B 97 18.02 14.82 16.08
N GLU B 98 18.06 16.13 16.26
CA GLU B 98 17.22 17.08 15.58
C GLU B 98 16.93 16.70 14.12
N GLU B 99 17.96 16.21 13.44
CA GLU B 99 17.90 15.89 12.02
C GLU B 99 17.00 14.69 11.72
N LEU B 100 17.19 13.61 12.49
CA LEU B 100 16.42 12.39 12.32
C LEU B 100 14.95 12.75 12.43
N GLU B 101 14.62 13.42 13.52
CA GLU B 101 13.27 13.83 13.86
C GLU B 101 12.44 14.45 12.71
N GLU B 102 13.09 15.21 11.81
CA GLU B 102 12.39 15.90 10.73
C GLU B 102 12.17 14.98 9.52
N ILE B 103 12.83 13.83 9.50
CA ILE B 103 12.57 12.78 8.49
C ILE B 103 11.11 12.27 8.58
N GLU B 104 10.63 12.15 9.80
CA GLU B 104 9.26 11.75 10.09
C GLU B 104 8.28 12.67 9.37
N GLU B 105 7.28 12.08 8.73
CA GLU B 105 6.18 12.83 8.12
C GLU B 105 5.06 13.07 9.13
N ASP B 106 4.46 14.26 9.06
CA ASP B 106 3.29 14.58 9.89
C ASP B 106 2.15 13.65 9.58
N ALA B 107 1.81 12.81 10.57
CA ALA B 107 0.58 12.03 10.53
C ALA B 107 -0.57 13.02 10.73
N GLY B 108 -0.67 13.95 9.78
CA GLY B 108 -1.70 14.97 9.77
C GLY B 108 -2.98 14.50 9.12
N LEU B 109 -3.75 13.70 9.85
CA LEU B 109 -5.04 13.21 9.40
C LEU B 109 -6.17 14.08 9.98
N GLY B 110 -5.99 15.39 9.88
CA GLY B 110 -6.92 16.38 10.41
C GLY B 110 -6.87 17.71 9.67
N ASN B 111 -8.05 18.30 9.47
CA ASN B 111 -8.19 19.60 8.81
C ASN B 111 -7.62 20.77 9.61
N GLY B 112 -8.05 20.88 10.87
CA GLY B 112 -7.66 22.00 11.71
C GLY B 112 -7.77 21.63 13.16
N GLY B 113 -8.13 22.62 13.98
CA GLY B 113 -8.23 22.49 15.43
C GLY B 113 -9.05 21.31 15.96
N LEU B 114 -10.11 20.96 15.22
CA LEU B 114 -10.97 19.83 15.56
C LEU B 114 -10.17 18.54 15.44
N GLY B 115 -9.39 18.44 14.36
CA GLY B 115 -8.44 17.37 14.16
C GLY B 115 -7.51 17.28 15.35
N ARG B 116 -6.99 18.43 15.79
CA ARG B 116 -6.02 18.46 16.88
C ARG B 116 -6.65 18.22 18.25
N LEU B 117 -7.94 18.42 18.38
CA LEU B 117 -8.59 18.15 19.65
C LEU B 117 -8.58 16.67 19.93
N ALA B 118 -8.84 15.90 18.87
CA ALA B 118 -8.89 14.44 18.90
C ALA B 118 -7.54 13.83 19.28
N ALA B 119 -6.48 14.44 18.76
CA ALA B 119 -5.11 14.07 19.10
C ALA B 119 -4.77 14.47 20.54
N CYS B 120 -5.06 15.73 20.89
CA CYS B 120 -4.70 16.23 22.21
C CYS B 120 -5.31 15.39 23.30
N PHE B 121 -6.59 15.03 23.14
CA PHE B 121 -7.30 14.24 24.14
C PHE B 121 -6.74 12.83 24.25
N LEU B 122 -6.29 12.26 23.14
CA LEU B 122 -5.66 10.95 23.17
C LEU B 122 -4.50 10.93 24.17
N ASP B 123 -3.65 11.97 24.09
CA ASP B 123 -2.53 12.18 25.02
C ASP B 123 -2.99 12.27 26.50
N SER B 124 -4.13 12.92 26.70
CA SER B 124 -4.62 13.26 28.02
C SER B 124 -5.34 12.10 28.68
N MET B 125 -6.18 11.42 27.89
CA MET B 125 -6.85 10.19 28.36
C MET B 125 -5.80 9.14 28.75
N ALA B 126 -4.72 9.06 27.97
CA ALA B 126 -3.59 8.19 28.25
C ALA B 126 -2.92 8.52 29.59
N THR B 127 -2.74 9.82 29.86
CA THR B 127 -2.03 10.28 31.06
C THR B 127 -2.92 10.18 32.29
N LEU B 128 -4.19 10.56 32.13
CA LEU B 128 -5.17 10.44 33.19
C LEU B 128 -5.56 8.99 33.40
N GLY B 129 -4.68 8.09 32.96
CA GLY B 129 -4.82 6.63 33.09
C GLY B 129 -6.12 5.98 32.63
N LEU B 130 -6.91 6.68 31.81
CA LEU B 130 -8.22 6.21 31.37
C LEU B 130 -8.20 5.13 30.28
N ALA B 131 -9.14 4.19 30.38
CA ALA B 131 -9.27 3.08 29.44
C ALA B 131 -9.88 3.51 28.14
N ALA B 132 -9.15 4.31 27.36
CA ALA B 132 -9.72 4.94 26.16
C ALA B 132 -9.07 4.53 24.82
N TYR B 133 -9.85 4.64 23.76
CA TYR B 133 -9.39 4.37 22.39
C TYR B 133 -9.69 5.58 21.52
N GLY B 134 -9.10 5.60 20.33
CA GLY B 134 -9.38 6.66 19.35
C GLY B 134 -9.60 5.98 18.03
N TYR B 135 -10.81 6.10 17.48
CA TYR B 135 -11.18 5.38 16.25
C TYR B 135 -11.36 6.34 15.09
N GLY B 136 -10.49 6.22 14.09
CA GLY B 136 -10.56 7.08 12.93
C GLY B 136 -10.20 6.32 11.68
N ILE B 137 -10.41 6.97 10.54
CA ILE B 137 -9.98 6.46 9.24
C ILE B 137 -8.49 6.68 9.13
N ARG B 138 -7.78 5.66 8.67
CA ARG B 138 -6.36 5.75 8.38
C ARG B 138 -6.15 6.24 6.94
N TYR B 139 -6.32 7.55 6.75
CA TYR B 139 -6.22 8.16 5.43
C TYR B 139 -4.85 7.94 4.81
N GLU B 140 -4.84 7.38 3.62
CA GLU B 140 -3.60 7.20 2.89
C GLU B 140 -2.95 8.58 2.65
N TYR B 141 -3.79 9.58 2.38
CA TYR B 141 -3.35 10.97 2.25
C TYR B 141 -4.07 11.80 3.28
N GLY B 142 -3.29 12.38 4.20
CA GLY B 142 -3.80 13.33 5.17
C GLY B 142 -4.15 14.66 4.52
N ILE B 143 -4.25 15.72 5.33
CA ILE B 143 -4.46 17.08 4.78
C ILE B 143 -3.26 17.42 3.89
N PHE B 144 -3.54 17.91 2.69
CA PHE B 144 -2.55 18.09 1.62
C PHE B 144 -1.34 18.93 2.00
N ASN B 145 -0.25 18.71 1.27
CA ASN B 145 0.92 19.59 1.32
C ASN B 145 0.72 20.88 0.51
N GLN B 146 1.25 21.98 1.03
CA GLN B 146 1.00 23.28 0.45
C GLN B 146 2.30 24.02 0.09
N LYS B 147 2.37 24.40 -1.18
CA LYS B 147 3.53 25.09 -1.71
C LYS B 147 3.03 26.46 -2.15
N ILE B 148 3.95 27.40 -2.35
CA ILE B 148 3.56 28.72 -2.84
C ILE B 148 4.21 28.99 -4.20
N ARG B 149 3.41 28.80 -5.25
CA ARG B 149 3.85 29.08 -6.63
C ARG B 149 3.30 30.40 -7.14
N ASP B 150 4.21 31.35 -7.37
CA ASP B 150 3.87 32.70 -7.81
C ASP B 150 2.86 33.31 -6.84
N GLY B 151 3.18 33.20 -5.55
CA GLY B 151 2.34 33.72 -4.47
C GLY B 151 1.00 33.01 -4.28
N TRP B 152 0.88 31.80 -4.81
CA TRP B 152 -0.38 31.04 -4.75
C TRP B 152 -0.21 29.72 -4.00
N GLN B 153 -1.24 29.32 -3.27
CA GLN B 153 -1.29 28.00 -2.67
C GLN B 153 -1.50 26.97 -3.74
N VAL B 154 -0.54 26.06 -3.82
CA VAL B 154 -0.64 24.89 -4.67
C VAL B 154 -0.88 23.70 -3.74
N GLU B 155 -1.84 22.86 -4.08
CA GLU B 155 -2.10 21.64 -3.31
C GLU B 155 -1.13 20.53 -3.71
N GLU B 156 -0.80 19.67 -2.76
CA GLU B 156 0.04 18.50 -3.02
C GLU B 156 -0.36 17.35 -2.12
N ALA B 157 -0.26 16.15 -2.67
CA ALA B 157 -0.66 14.92 -1.98
C ALA B 157 0.23 14.66 -0.78
N ASP B 158 -0.35 14.79 0.42
CA ASP B 158 0.31 14.31 1.64
C ASP B 158 0.41 12.81 1.51
N ASP B 159 1.57 12.36 1.03
CA ASP B 159 1.79 10.97 0.70
C ASP B 159 2.56 10.26 1.82
N TRP B 160 2.04 10.40 3.05
CA TRP B 160 2.76 10.07 4.28
C TRP B 160 3.07 8.57 4.51
N LEU B 161 2.44 7.69 3.73
CA LEU B 161 2.69 6.25 3.81
C LEU B 161 3.62 5.70 2.72
N ARG B 162 4.06 6.59 1.82
CA ARG B 162 5.00 6.26 0.73
C ARG B 162 6.12 5.37 1.26
N TYR B 163 6.84 5.90 2.24
CA TYR B 163 7.98 5.20 2.85
C TYR B 163 7.60 4.20 3.96
N GLY B 164 6.41 4.37 4.54
CA GLY B 164 5.91 3.44 5.54
C GLY B 164 5.95 4.11 6.89
N ASN B 165 5.15 3.59 7.82
CA ASN B 165 5.03 4.20 9.13
C ASN B 165 5.24 3.21 10.23
N PRO B 166 6.39 3.30 10.90
CA PRO B 166 6.89 2.45 11.98
C PRO B 166 6.01 2.41 13.24
N TRP B 167 5.02 3.30 13.33
CA TRP B 167 4.26 3.48 14.56
C TRP B 167 2.88 2.85 14.54
N GLU B 168 2.45 2.40 13.37
CA GLU B 168 1.24 1.60 13.27
C GLU B 168 1.63 0.12 13.38
N LYS B 169 0.68 -0.73 13.75
CA LYS B 169 0.80 -2.16 13.59
C LYS B 169 -0.55 -2.64 13.11
N SER B 170 -0.57 -3.28 11.95
CA SER B 170 -1.82 -3.78 11.40
C SER B 170 -2.40 -4.83 12.35
N ARG B 171 -3.72 -4.92 12.32
CA ARG B 171 -4.44 -5.93 13.04
C ARG B 171 -5.24 -6.69 12.01
N PRO B 172 -4.64 -7.72 11.40
CA PRO B 172 -5.29 -8.54 10.40
C PRO B 172 -6.39 -9.43 10.99
N GLU B 173 -6.40 -9.65 12.30
CA GLU B 173 -7.42 -10.53 12.88
C GLU B 173 -8.67 -9.79 13.36
N PHE B 174 -8.55 -8.48 13.56
CA PHE B 174 -9.71 -7.66 13.92
C PHE B 174 -10.32 -6.99 12.70
N MET B 175 -10.23 -7.65 11.56
CA MET B 175 -10.77 -7.13 10.31
C MET B 175 -12.27 -7.35 10.22
N LEU B 176 -12.97 -6.36 9.70
CA LEU B 176 -14.41 -6.40 9.68
C LEU B 176 -14.95 -6.11 8.29
N PRO B 177 -16.10 -6.73 7.96
CA PRO B 177 -16.82 -6.39 6.73
C PRO B 177 -17.69 -5.15 6.94
N VAL B 178 -17.77 -4.29 5.92
CA VAL B 178 -18.68 -3.13 5.95
C VAL B 178 -19.60 -3.24 4.75
N HIS B 179 -20.79 -2.65 4.86
CA HIS B 179 -21.78 -2.84 3.81
C HIS B 179 -22.32 -1.54 3.24
N PHE B 180 -22.65 -1.57 1.96
CA PHE B 180 -23.12 -0.39 1.23
C PHE B 180 -24.16 -0.78 0.16
N TYR B 181 -25.06 0.16 -0.15
CA TYR B 181 -26.12 -0.02 -1.17
C TYR B 181 -27.07 -1.20 -0.86
N GLY B 182 -27.29 -2.07 -1.85
CA GLY B 182 -28.22 -3.19 -1.72
C GLY B 182 -29.64 -2.77 -1.36
N LYS B 183 -30.44 -3.70 -0.85
CA LYS B 183 -31.81 -3.35 -0.50
C LYS B 183 -32.21 -3.81 0.90
N VAL B 184 -33.44 -3.46 1.28
CA VAL B 184 -34.01 -3.80 2.59
C VAL B 184 -35.25 -4.69 2.52
N GLU B 185 -35.14 -5.90 3.05
CA GLU B 185 -36.27 -6.80 3.21
C GLU B 185 -36.73 -6.87 4.66
N HIS B 186 -38.04 -6.91 4.85
CA HIS B 186 -38.59 -7.04 6.20
C HIS B 186 -39.25 -8.39 6.29
N THR B 187 -38.78 -9.22 7.23
CA THR B 187 -39.10 -10.65 7.20
C THR B 187 -39.65 -11.22 8.50
N ASN B 188 -39.91 -12.53 8.49
CA ASN B 188 -40.45 -13.26 9.63
C ASN B 188 -39.42 -13.38 10.75
N THR B 189 -38.17 -13.12 10.40
CA THR B 189 -37.06 -13.02 11.36
C THR B 189 -36.44 -11.61 11.34
N GLY B 190 -37.23 -10.60 11.71
CA GLY B 190 -36.78 -9.21 11.67
C GLY B 190 -36.34 -8.79 10.27
N THR B 191 -35.80 -7.57 10.15
CA THR B 191 -35.50 -6.99 8.83
C THR B 191 -34.08 -7.30 8.30
N LYS B 192 -33.92 -7.33 6.99
CA LYS B 192 -32.65 -7.77 6.36
C LYS B 192 -32.07 -6.82 5.30
N TRP B 193 -30.82 -6.44 5.50
CA TRP B 193 -30.13 -5.59 4.55
C TRP B 193 -29.33 -6.47 3.62
N ILE B 194 -29.89 -6.73 2.44
CA ILE B 194 -29.33 -7.71 1.50
C ILE B 194 -28.77 -7.07 0.23
N ASP B 195 -28.28 -7.92 -0.68
CA ASP B 195 -27.77 -7.48 -1.98
C ASP B 195 -26.70 -6.37 -1.83
N THR B 196 -26.18 -6.20 -0.62
CA THR B 196 -25.26 -5.11 -0.31
C THR B 196 -23.88 -5.30 -0.94
N GLN B 197 -23.16 -4.18 -1.09
CA GLN B 197 -21.77 -4.13 -1.58
C GLN B 197 -20.82 -4.03 -0.39
N VAL B 198 -19.71 -4.75 -0.50
CA VAL B 198 -18.81 -4.97 0.63
C VAL B 198 -17.47 -4.31 0.44
N VAL B 199 -17.08 -3.55 1.45
CA VAL B 199 -15.70 -3.10 1.62
C VAL B 199 -15.26 -3.71 2.93
N LEU B 200 -13.99 -4.07 3.01
CA LEU B 200 -13.41 -4.52 4.28
C LEU B 200 -12.76 -3.34 4.97
N ALA B 201 -12.76 -3.39 6.30
CA ALA B 201 -12.02 -2.43 7.11
C ALA B 201 -10.94 -3.16 7.89
N LEU B 202 -9.69 -2.82 7.59
CA LEU B 202 -8.54 -3.36 8.29
C LEU B 202 -8.03 -2.26 9.23
N PRO B 203 -7.98 -2.56 10.53
CA PRO B 203 -7.56 -1.63 11.58
C PRO B 203 -6.05 -1.57 11.77
N TYR B 204 -5.50 -0.38 11.96
CA TYR B 204 -4.06 -0.24 12.26
C TYR B 204 -3.82 0.50 13.59
N ASP B 205 -3.44 -0.26 14.61
CA ASP B 205 -3.24 0.27 15.93
C ASP B 205 -1.99 1.13 16.04
N THR B 206 -2.07 2.14 16.89
CA THR B 206 -0.96 3.00 17.16
C THR B 206 -0.93 3.23 18.64
N PRO B 207 0.25 3.11 19.25
CA PRO B 207 0.42 3.42 20.66
C PRO B 207 0.16 4.89 20.93
N VAL B 208 -0.62 5.16 21.97
CA VAL B 208 -0.81 6.51 22.50
C VAL B 208 -0.27 6.52 23.93
N PRO B 209 1.05 6.68 24.10
CA PRO B 209 1.67 6.60 25.42
C PRO B 209 1.04 7.57 26.40
N GLY B 210 1.11 7.28 27.69
CA GLY B 210 0.79 8.28 28.71
C GLY B 210 2.05 8.99 29.14
N TYR B 211 1.93 10.18 29.75
CA TYR B 211 3.12 10.88 30.24
C TYR B 211 3.63 10.26 31.53
N MET B 212 4.54 9.29 31.39
CA MET B 212 5.17 8.61 32.52
C MET B 212 4.13 8.03 33.47
N ASN B 213 3.48 6.93 33.07
CA ASN B 213 2.37 6.38 33.87
C ASN B 213 1.96 4.91 33.65
N ASN B 214 2.68 4.20 32.78
CA ASN B 214 2.43 2.77 32.49
C ASN B 214 1.16 2.46 31.68
N THR B 215 0.49 3.51 31.20
CA THR B 215 -0.65 3.32 30.34
C THR B 215 -0.26 3.80 28.96
N VAL B 216 -0.24 2.88 28.01
CA VAL B 216 -0.12 3.25 26.61
C VAL B 216 -1.40 2.78 25.95
N ASN B 217 -2.28 3.72 25.65
CA ASN B 217 -3.58 3.43 25.04
C ASN B 217 -3.49 3.10 23.57
N THR B 218 -4.63 2.80 22.98
CA THR B 218 -4.67 2.55 21.55
C THR B 218 -5.40 3.65 20.78
N MET B 219 -4.93 3.86 19.55
CA MET B 219 -5.67 4.53 18.50
C MET B 219 -5.79 3.53 17.38
N ARG B 220 -7.01 3.31 16.94
CA ARG B 220 -7.32 2.29 15.95
C ARG B 220 -7.85 2.94 14.68
N LEU B 221 -6.99 3.02 13.69
CA LEU B 221 -7.35 3.59 12.39
C LEU B 221 -7.60 2.47 11.39
N TRP B 222 -8.55 2.70 10.50
CA TRP B 222 -9.01 1.68 9.55
C TRP B 222 -8.66 2.06 8.12
N SER B 223 -8.22 1.10 7.31
CA SER B 223 -8.19 1.30 5.84
C SER B 223 -9.04 0.27 5.07
N ALA B 224 -9.47 0.65 3.86
CA ALA B 224 -10.44 -0.12 3.08
C ALA B 224 -9.85 -1.16 2.11
N ARG B 225 -10.56 -2.28 1.97
CA ARG B 225 -10.09 -3.40 1.17
C ARG B 225 -11.27 -4.12 0.53
N ALA B 226 -11.04 -4.72 -0.64
CA ALA B 226 -12.07 -5.49 -1.30
C ALA B 226 -12.11 -6.89 -0.68
N PRO B 227 -13.23 -7.62 -0.81
CA PRO B 227 -13.24 -8.99 -0.28
C PRO B 227 -12.57 -10.03 -1.23
N ASP B 239 -13.76 -7.54 -18.69
CA ASP B 239 -12.29 -7.74 -18.57
C ASP B 239 -11.92 -8.23 -17.17
N TYR B 240 -10.87 -9.03 -17.10
CA TYR B 240 -10.28 -9.44 -15.81
C TYR B 240 -9.37 -8.35 -15.27
N ILE B 241 -8.42 -7.92 -16.10
CA ILE B 241 -7.47 -6.88 -15.70
C ILE B 241 -8.22 -5.68 -15.11
N GLN B 242 -9.30 -5.28 -15.78
CA GLN B 242 -10.14 -4.17 -15.35
C GLN B 242 -10.87 -4.44 -14.03
N ALA B 243 -11.29 -5.68 -13.81
CA ALA B 243 -11.95 -6.05 -12.54
C ALA B 243 -11.02 -5.85 -11.35
N VAL B 244 -9.77 -6.26 -11.51
CA VAL B 244 -8.76 -6.09 -10.48
C VAL B 244 -8.52 -4.61 -10.18
N LEU B 245 -8.34 -3.82 -11.24
CA LEU B 245 -8.12 -2.37 -11.07
C LEU B 245 -9.31 -1.72 -10.37
N ASP B 246 -10.50 -2.22 -10.65
CA ASP B 246 -11.72 -1.66 -10.05
C ASP B 246 -11.75 -1.75 -8.53
N ARG B 247 -10.95 -2.69 -7.98
CA ARG B 247 -10.90 -2.88 -6.53
C ARG B 247 -10.48 -1.58 -5.85
N ASN B 248 -9.80 -0.72 -6.61
CA ASN B 248 -9.41 0.57 -6.11
C ASN B 248 -10.64 1.24 -5.50
N LEU B 249 -11.68 1.37 -6.32
CA LEU B 249 -12.92 2.01 -5.94
C LEU B 249 -13.27 1.75 -4.49
N ALA B 250 -13.11 0.51 -4.05
CA ALA B 250 -13.38 0.12 -2.66
C ALA B 250 -12.37 0.76 -1.71
N GLU B 251 -11.10 0.55 -2.00
CA GLU B 251 -10.00 1.11 -1.22
C GLU B 251 -10.00 2.63 -1.35
N ASN B 252 -10.83 3.12 -2.27
CA ASN B 252 -10.98 4.54 -2.54
C ASN B 252 -11.76 5.24 -1.40
N ILE B 253 -12.26 4.45 -0.46
CA ILE B 253 -13.03 5.02 0.66
C ILE B 253 -12.14 5.52 1.81
N SER B 254 -10.95 4.94 1.93
CA SER B 254 -10.01 5.38 2.96
C SER B 254 -8.93 6.22 2.32
N ARG B 255 -9.14 6.68 1.10
CA ARG B 255 -8.01 7.22 0.36
C ARG B 255 -7.51 8.57 0.84
N VAL B 256 -8.31 9.61 0.72
CA VAL B 256 -7.89 10.96 1.10
C VAL B 256 -8.82 11.59 2.14
N LEU B 257 -8.24 12.40 3.04
CA LEU B 257 -9.03 13.19 3.97
C LEU B 257 -9.64 14.37 3.24
N TYR B 258 -10.87 14.72 3.59
CA TYR B 258 -11.53 15.86 2.98
C TYR B 258 -11.00 17.11 3.63
N PRO B 259 -10.59 18.10 2.82
CA PRO B 259 -9.95 19.32 3.28
C PRO B 259 -10.95 20.43 3.59
N ASN B 260 -12.21 20.07 3.84
CA ASN B 260 -13.23 21.06 4.11
C ASN B 260 -13.28 21.49 5.56
N ASP B 261 -12.48 22.50 5.86
CA ASP B 261 -12.44 23.11 7.16
C ASP B 261 -13.70 23.97 7.31
N ASN B 262 -14.51 23.67 8.33
CA ASN B 262 -15.74 24.41 8.59
C ASN B 262 -16.68 24.54 7.36
N PHE B 263 -16.66 23.55 6.48
CA PHE B 263 -17.55 23.58 5.30
C PHE B 263 -18.17 22.22 5.00
N PHE B 264 -19.47 22.22 4.67
CA PHE B 264 -20.11 21.02 4.19
C PHE B 264 -20.38 21.06 2.70
N GLU B 265 -19.44 20.47 1.97
CA GLU B 265 -19.68 19.96 0.64
C GLU B 265 -20.09 18.53 0.94
N GLY B 266 -21.22 18.08 0.43
CA GLY B 266 -21.71 16.75 0.78
C GLY B 266 -21.52 15.69 -0.28
N LYS B 267 -20.35 15.04 -0.29
CA LYS B 267 -19.99 14.07 -1.33
C LYS B 267 -20.16 12.61 -0.88
N GLU B 268 -20.66 11.77 -1.80
CA GLU B 268 -21.00 10.37 -1.51
C GLU B 268 -19.79 9.60 -0.94
N LEU B 269 -18.60 9.92 -1.46
CA LEU B 269 -17.39 9.37 -0.92
C LEU B 269 -17.28 9.66 0.57
N ARG B 270 -17.56 10.89 0.96
CA ARG B 270 -17.48 11.27 2.36
C ARG B 270 -18.53 10.55 3.18
N LEU B 271 -19.76 10.46 2.67
CA LEU B 271 -20.80 9.70 3.36
C LEU B 271 -20.27 8.30 3.63
N LYS B 272 -19.61 7.76 2.61
CA LYS B 272 -18.95 6.48 2.72
C LYS B 272 -17.86 6.51 3.79
N GLN B 273 -16.95 7.49 3.76
CA GLN B 273 -15.93 7.65 4.80
C GLN B 273 -16.62 7.54 6.17
N GLU B 274 -17.73 8.27 6.30
CA GLU B 274 -18.47 8.39 7.57
C GLU B 274 -19.11 7.10 8.05
N TYR B 275 -19.70 6.34 7.12
CA TYR B 275 -20.25 5.06 7.48
C TYR B 275 -19.11 4.06 7.69
N PHE B 276 -18.09 4.15 6.83
CA PHE B 276 -16.91 3.31 6.90
C PHE B 276 -16.26 3.34 8.29
N VAL B 277 -15.87 4.52 8.75
CA VAL B 277 -15.26 4.61 10.07
C VAL B 277 -16.18 4.08 11.17
N VAL B 278 -17.48 4.42 11.08
CA VAL B 278 -18.46 4.21 12.14
C VAL B 278 -18.85 2.75 12.25
N ALA B 279 -19.22 2.18 11.10
CA ALA B 279 -19.62 0.77 11.03
C ALA B 279 -18.51 -0.12 11.61
N ALA B 280 -17.30 0.04 11.07
CA ALA B 280 -16.13 -0.64 11.61
C ALA B 280 -16.00 -0.37 13.11
N THR B 281 -15.97 0.91 13.48
CA THR B 281 -15.86 1.31 14.86
C THR B 281 -16.87 0.55 15.73
N LEU B 282 -18.16 0.70 15.44
CA LEU B 282 -19.16 0.08 16.32
C LEU B 282 -19.00 -1.45 16.48
N GLN B 283 -19.07 -2.19 15.38
CA GLN B 283 -18.81 -3.62 15.40
C GLN B 283 -17.57 -4.03 16.18
N ASP B 284 -16.51 -3.23 16.09
CA ASP B 284 -15.30 -3.55 16.83
C ASP B 284 -15.51 -3.35 18.33
N ILE B 285 -16.28 -2.32 18.72
CA ILE B 285 -16.60 -2.07 20.13
C ILE B 285 -17.44 -3.22 20.68
N ILE B 286 -18.52 -3.56 19.95
CA ILE B 286 -19.45 -4.62 20.34
C ILE B 286 -18.72 -5.93 20.50
N ARG B 287 -18.16 -6.43 19.41
CA ARG B 287 -17.45 -7.71 19.42
C ARG B 287 -16.60 -7.79 20.69
N ARG B 288 -15.93 -6.68 20.99
CA ARG B 288 -15.06 -6.60 22.17
C ARG B 288 -15.86 -6.69 23.49
N PHE B 289 -17.01 -6.03 23.55
CA PHE B 289 -17.88 -6.09 24.73
C PHE B 289 -18.40 -7.52 24.92
N LYS B 290 -18.85 -8.12 23.83
CA LYS B 290 -19.26 -9.51 23.83
C LYS B 290 -18.10 -10.43 24.23
N ALA B 291 -16.86 -9.97 24.06
CA ALA B 291 -15.68 -10.75 24.43
C ALA B 291 -15.27 -10.54 25.89
N SER B 292 -15.78 -9.48 26.51
CA SER B 292 -15.41 -9.10 27.87
C SER B 292 -15.96 -10.08 28.91
N LYS B 293 -16.22 -9.59 30.12
CA LYS B 293 -16.83 -10.41 31.19
C LYS B 293 -18.35 -10.40 31.00
N PHE B 294 -18.82 -9.48 30.17
CA PHE B 294 -20.24 -9.18 30.05
C PHE B 294 -20.81 -9.77 28.77
N VAL B 303 -27.30 -9.18 29.42
CA VAL B 303 -27.35 -9.35 27.93
C VAL B 303 -26.47 -8.27 27.29
N PHE B 304 -27.12 -7.14 27.01
CA PHE B 304 -26.50 -5.91 26.50
C PHE B 304 -26.92 -4.77 27.41
N ASP B 305 -27.41 -5.11 28.60
CA ASP B 305 -27.86 -4.08 29.52
C ASP B 305 -26.67 -3.53 30.31
N ALA B 306 -25.55 -4.24 30.21
CA ALA B 306 -24.29 -3.81 30.80
C ALA B 306 -23.63 -2.77 29.90
N PHE B 307 -23.97 -2.81 28.62
CA PHE B 307 -23.29 -2.02 27.60
C PHE B 307 -22.95 -0.58 27.98
N PRO B 308 -23.96 0.31 28.16
CA PRO B 308 -23.67 1.70 28.47
C PRO B 308 -22.81 1.87 29.70
N ASP B 309 -22.94 0.95 30.66
CA ASP B 309 -22.11 0.97 31.85
C ASP B 309 -20.70 0.52 31.52
N GLN B 310 -20.54 -0.12 30.37
CA GLN B 310 -19.22 -0.56 29.90
C GLN B 310 -18.62 0.26 28.76
N VAL B 311 -19.46 0.95 27.99
CA VAL B 311 -19.00 1.73 26.83
C VAL B 311 -19.47 3.18 26.81
N ALA B 312 -18.59 4.03 26.28
CA ALA B 312 -18.86 5.43 26.07
C ALA B 312 -18.28 5.83 24.72
N ILE B 313 -19.11 6.42 23.87
CA ILE B 313 -18.64 6.93 22.61
C ILE B 313 -18.91 8.41 22.62
N GLN B 314 -17.84 9.18 22.56
CA GLN B 314 -17.96 10.58 22.28
C GLN B 314 -18.05 10.75 20.78
N LEU B 315 -19.04 11.50 20.33
CA LEU B 315 -19.21 11.82 18.93
C LEU B 315 -18.46 13.11 18.61
N ASN B 316 -17.37 13.00 17.86
CA ASN B 316 -16.53 14.18 17.57
C ASN B 316 -16.99 15.08 16.40
N ASP B 317 -17.88 16.03 16.72
CA ASP B 317 -18.77 16.71 15.75
C ASP B 317 -19.76 15.70 15.20
N THR B 318 -20.54 16.14 14.22
CA THR B 318 -21.60 15.33 13.64
C THR B 318 -21.07 14.21 12.77
N HIS B 319 -19.95 14.44 12.09
CA HIS B 319 -19.37 13.47 11.13
C HIS B 319 -19.66 11.98 11.43
N PRO B 320 -19.37 11.51 12.66
CA PRO B 320 -19.66 10.12 12.95
C PRO B 320 -21.12 9.86 13.32
N ALA B 321 -22.04 10.69 12.83
CA ALA B 321 -23.44 10.66 13.30
C ALA B 321 -24.16 9.37 12.94
N LEU B 322 -23.80 8.81 11.78
CA LEU B 322 -24.40 7.58 11.29
C LEU B 322 -24.32 6.44 12.30
N ALA B 323 -23.51 6.63 13.33
CA ALA B 323 -23.41 5.63 14.39
C ALA B 323 -24.74 5.42 15.14
N ILE B 324 -25.46 6.51 15.40
CA ILE B 324 -26.69 6.45 16.20
C ILE B 324 -27.64 5.44 15.58
N PRO B 325 -27.92 5.57 14.28
CA PRO B 325 -28.69 4.50 13.66
C PRO B 325 -27.89 3.19 13.50
N GLU B 326 -26.61 3.28 13.11
CA GLU B 326 -25.76 2.08 12.89
C GLU B 326 -25.80 1.07 14.05
N LEU B 327 -25.55 1.56 15.25
CA LEU B 327 -25.74 0.79 16.45
C LEU B 327 -27.15 0.27 16.45
N MET B 328 -28.12 1.18 16.34
CA MET B 328 -29.54 0.84 16.35
C MET B 328 -29.89 -0.30 15.38
N ARG B 329 -29.27 -0.28 14.18
CA ARG B 329 -29.35 -1.42 13.28
C ARG B 329 -28.76 -2.64 14.00
N ILE B 330 -27.47 -2.58 14.34
CA ILE B 330 -26.76 -3.67 15.01
C ILE B 330 -27.54 -4.15 16.22
N PHE B 331 -28.20 -3.21 16.89
CA PHE B 331 -28.95 -3.49 18.09
C PHE B 331 -30.26 -4.27 17.88
N VAL B 332 -31.18 -3.71 17.11
CA VAL B 332 -32.47 -4.33 16.78
C VAL B 332 -32.39 -5.51 15.80
N ASP B 333 -31.56 -5.37 14.76
CA ASP B 333 -31.56 -6.30 13.64
C ASP B 333 -30.61 -7.50 13.79
N ILE B 334 -29.46 -7.27 14.43
CA ILE B 334 -28.49 -8.35 14.63
C ILE B 334 -28.76 -8.99 15.97
N GLU B 335 -28.79 -8.18 17.02
CA GLU B 335 -28.92 -8.70 18.37
C GLU B 335 -30.38 -8.99 18.70
N LYS B 336 -31.25 -8.58 17.76
CA LYS B 336 -32.69 -8.77 17.87
C LYS B 336 -33.27 -8.26 19.20
N LEU B 337 -33.01 -6.99 19.47
CA LEU B 337 -33.43 -6.32 20.70
C LEU B 337 -34.66 -5.42 20.44
N PRO B 338 -35.58 -5.31 21.42
CA PRO B 338 -36.81 -4.55 21.25
C PRO B 338 -36.55 -3.06 21.18
N TRP B 339 -37.00 -2.41 20.10
CA TRP B 339 -36.67 -1.00 19.84
C TRP B 339 -36.41 -0.18 21.10
N SER B 340 -37.41 -0.02 21.97
CA SER B 340 -37.27 0.77 23.20
C SER B 340 -35.93 0.52 23.90
N LYS B 341 -35.63 -0.77 24.14
CA LYS B 341 -34.37 -1.21 24.73
C LYS B 341 -33.15 -0.63 24.00
N ALA B 342 -33.16 -0.74 22.67
CA ALA B 342 -32.06 -0.26 21.81
C ALA B 342 -31.85 1.25 21.88
N TRP B 343 -32.94 1.98 22.06
CA TRP B 343 -32.92 3.42 22.09
C TRP B 343 -32.45 3.96 23.42
N GLU B 344 -33.02 3.42 24.48
CA GLU B 344 -32.57 3.75 25.82
C GLU B 344 -31.04 3.67 25.90
N LEU B 345 -30.47 2.67 25.23
CA LEU B 345 -29.04 2.41 25.27
C LEU B 345 -28.24 3.24 24.27
N THR B 346 -28.79 3.45 23.08
CA THR B 346 -28.17 4.33 22.07
C THR B 346 -27.74 5.65 22.69
N GLN B 347 -28.69 6.31 23.34
CA GLN B 347 -28.44 7.63 23.90
C GLN B 347 -27.54 7.52 25.11
N LYS B 348 -27.54 6.35 25.74
CA LYS B 348 -26.75 6.15 26.93
C LYS B 348 -25.27 6.05 26.62
N THR B 349 -24.96 5.63 25.40
CA THR B 349 -23.58 5.37 25.03
C THR B 349 -23.01 6.47 24.14
N PHE B 350 -23.90 7.10 23.37
CA PHE B 350 -23.50 8.21 22.52
C PHE B 350 -23.53 9.51 23.28
N ALA B 351 -22.43 10.24 23.23
CA ALA B 351 -22.41 11.60 23.71
C ALA B 351 -21.89 12.44 22.57
N TYR B 352 -22.47 13.63 22.40
CA TYR B 352 -22.22 14.42 21.21
C TYR B 352 -21.42 15.65 21.58
N THR B 353 -20.45 15.97 20.73
CA THR B 353 -19.77 17.26 20.80
C THR B 353 -20.17 18.09 19.59
N ASN B 354 -20.76 19.26 19.85
CA ASN B 354 -20.95 20.24 18.80
C ASN B 354 -19.76 21.19 18.69
N HIS B 355 -19.19 21.28 17.48
CA HIS B 355 -17.97 22.06 17.23
C HIS B 355 -18.22 23.24 16.32
N THR B 356 -19.41 23.26 15.73
CA THR B 356 -19.68 24.12 14.60
C THR B 356 -20.46 25.38 15.02
N VAL B 357 -20.30 26.45 14.24
CA VAL B 357 -21.10 27.70 14.41
C VAL B 357 -21.74 28.16 13.08
N LEU B 358 -20.91 28.21 12.03
CA LEU B 358 -21.33 28.59 10.69
C LEU B 358 -22.42 27.66 10.16
N PRO B 359 -23.40 28.22 9.44
CA PRO B 359 -24.50 27.41 8.87
C PRO B 359 -24.08 26.50 7.70
N GLU B 360 -22.87 26.67 7.18
CA GLU B 360 -22.44 25.85 6.03
C GLU B 360 -21.61 24.65 6.47
N ALA B 361 -21.24 24.62 7.74
CA ALA B 361 -20.43 23.53 8.31
C ALA B 361 -21.28 22.50 9.06
N LEU B 362 -22.60 22.66 9.04
CA LEU B 362 -23.53 21.64 9.55
C LEU B 362 -23.66 20.61 8.46
N GLU B 363 -23.77 19.35 8.86
CA GLU B 363 -23.85 18.25 7.91
C GLU B 363 -25.29 17.96 7.54
N ARG B 364 -25.68 18.40 6.36
CA ARG B 364 -27.04 18.18 5.89
C ARG B 364 -27.04 17.21 4.72
N TRP B 365 -27.41 15.97 5.03
CA TRP B 365 -27.37 14.89 4.06
C TRP B 365 -28.69 14.77 3.31
N PRO B 366 -28.61 14.83 1.97
CA PRO B 366 -29.78 14.78 1.10
C PRO B 366 -30.30 13.35 0.99
N VAL B 367 -31.54 13.13 1.44
CA VAL B 367 -32.11 11.79 1.64
C VAL B 367 -31.92 10.80 0.48
N ASP B 368 -32.13 11.26 -0.76
CA ASP B 368 -31.88 10.44 -1.96
C ASP B 368 -30.59 9.65 -1.76
N LEU B 369 -29.51 10.39 -1.52
CA LEU B 369 -28.20 9.82 -1.32
C LEU B 369 -28.25 8.76 -0.21
N VAL B 370 -28.79 9.14 0.95
CA VAL B 370 -28.88 8.25 2.11
C VAL B 370 -29.85 7.09 1.90
N GLU B 371 -30.70 7.20 0.87
CA GLU B 371 -31.58 6.11 0.41
C GLU B 371 -30.78 5.06 -0.39
N LYS B 372 -30.06 5.53 -1.42
CA LYS B 372 -29.26 4.67 -2.27
C LYS B 372 -28.19 3.90 -1.48
N LEU B 373 -27.36 4.63 -0.74
CA LEU B 373 -26.19 4.05 -0.09
C LEU B 373 -26.50 3.31 1.23
N LEU B 374 -27.33 3.88 2.09
CA LEU B 374 -27.69 3.18 3.33
C LEU B 374 -29.22 3.13 3.64
N PRO B 375 -29.98 2.30 2.87
CA PRO B 375 -31.44 2.29 2.97
C PRO B 375 -32.02 1.78 4.31
N ARG B 376 -31.28 0.95 5.03
CA ARG B 376 -31.74 0.53 6.37
C ARG B 376 -31.55 1.68 7.34
N HIS B 377 -30.44 2.40 7.20
CA HIS B 377 -30.15 3.49 8.10
C HIS B 377 -31.12 4.63 7.89
N LEU B 378 -31.65 4.76 6.68
CA LEU B 378 -32.66 5.78 6.41
C LEU B 378 -33.99 5.41 7.04
N GLU B 379 -34.32 4.12 7.00
CA GLU B 379 -35.50 3.63 7.70
C GLU B 379 -35.43 4.03 9.16
N ILE B 380 -34.34 3.66 9.83
CA ILE B 380 -34.16 3.93 11.26
C ILE B 380 -34.14 5.44 11.54
N ILE B 381 -33.48 6.21 10.68
CA ILE B 381 -33.44 7.68 10.84
C ILE B 381 -34.86 8.25 10.84
N TYR B 382 -35.68 7.74 9.94
CA TYR B 382 -37.10 8.04 9.93
C TYR B 382 -37.76 7.59 11.23
N GLU B 383 -37.65 6.31 11.59
CA GLU B 383 -38.39 5.83 12.77
C GLU B 383 -38.04 6.56 14.05
N ILE B 384 -36.74 6.68 14.34
CA ILE B 384 -36.23 7.55 15.40
C ILE B 384 -36.92 8.93 15.35
N ASN B 385 -37.00 9.53 14.16
CA ASN B 385 -37.63 10.84 13.99
C ASN B 385 -39.15 10.86 14.16
N GLN B 386 -39.79 9.74 13.86
CA GLN B 386 -41.23 9.64 14.05
C GLN B 386 -41.57 9.72 15.55
N LYS B 387 -40.89 8.90 16.35
CA LYS B 387 -41.05 8.87 17.81
C LYS B 387 -40.70 10.23 18.43
N HIS B 388 -39.75 10.92 17.80
CA HIS B 388 -39.33 12.25 18.19
C HIS B 388 -40.46 13.29 18.02
N LEU B 389 -41.11 13.31 16.86
CA LEU B 389 -42.23 14.23 16.67
C LEU B 389 -43.41 13.85 17.57
N ASP B 390 -43.48 12.57 17.94
CA ASP B 390 -44.46 12.07 18.91
C ASP B 390 -44.35 12.82 20.23
N ARG B 391 -43.13 12.96 20.74
CA ARG B 391 -42.88 13.68 22.00
C ARG B 391 -43.46 15.09 22.01
N ILE B 392 -43.25 15.81 20.91
CA ILE B 392 -43.55 17.26 20.81
C ILE B 392 -45.02 17.51 20.48
N VAL B 393 -45.58 16.70 19.58
CA VAL B 393 -47.02 16.66 19.41
C VAL B 393 -47.67 16.49 20.81
N ALA B 394 -47.15 15.54 21.58
CA ALA B 394 -47.60 15.28 22.94
C ALA B 394 -47.53 16.51 23.83
N LEU B 395 -46.36 17.16 23.88
CA LEU B 395 -46.20 18.35 24.74
C LEU B 395 -46.78 19.60 24.10
N PHE B 396 -46.56 19.76 22.80
CA PHE B 396 -46.98 20.97 22.09
C PHE B 396 -47.92 20.64 20.93
N PRO B 397 -49.21 20.34 21.24
CA PRO B 397 -50.19 19.87 20.26
C PRO B 397 -50.69 20.99 19.36
N LYS B 398 -50.24 22.21 19.63
CA LYS B 398 -50.57 23.38 18.81
C LYS B 398 -49.33 23.95 18.11
N ASP B 399 -48.13 23.61 18.60
CA ASP B 399 -46.91 24.14 18.00
C ASP B 399 -46.59 23.40 16.71
N VAL B 400 -47.26 23.86 15.65
CA VAL B 400 -47.14 23.34 14.29
C VAL B 400 -45.75 23.61 13.71
N ASP B 401 -45.23 24.82 13.91
CA ASP B 401 -43.95 25.20 13.33
C ASP B 401 -42.79 24.55 14.06
N ARG B 402 -43.00 24.17 15.32
CA ARG B 402 -41.95 23.52 16.10
C ARG B 402 -41.63 22.12 15.57
N LEU B 403 -42.65 21.41 15.11
CA LEU B 403 -42.46 20.04 14.57
C LEU B 403 -41.58 20.01 13.31
N ARG B 404 -41.83 20.96 12.41
CA ARG B 404 -41.02 21.10 11.19
C ARG B 404 -39.60 21.65 11.48
N ARG B 405 -39.47 22.37 12.60
CA ARG B 405 -38.21 22.95 13.04
C ARG B 405 -37.33 21.91 13.75
N MET B 406 -37.93 21.24 14.74
CA MET B 406 -37.25 20.26 15.59
C MET B 406 -37.17 18.87 15.00
N SER B 407 -37.54 18.72 13.75
CA SER B 407 -37.53 17.41 13.13
C SER B 407 -36.12 16.98 12.78
N LEU B 408 -35.96 15.69 12.47
CA LEU B 408 -34.72 15.17 11.93
C LEU B 408 -34.66 15.28 10.40
N ILE B 409 -35.76 15.71 9.79
CA ILE B 409 -35.78 15.94 8.35
C ILE B 409 -36.19 17.36 7.99
N GLU B 410 -35.40 17.98 7.11
CA GLU B 410 -35.72 19.30 6.58
C GLU B 410 -36.46 19.14 5.25
N GLU B 411 -37.78 19.13 5.30
CA GLU B 411 -38.61 18.82 4.14
C GLU B 411 -38.54 19.83 2.99
N GLU B 412 -38.14 21.07 3.31
CA GLU B 412 -38.06 22.16 2.33
C GLU B 412 -37.15 21.84 1.15
N GLY B 413 -37.77 21.59 -0.02
CA GLY B 413 -37.03 21.25 -1.24
C GLY B 413 -36.62 19.78 -1.25
N SER B 414 -35.39 19.51 -1.71
CA SER B 414 -34.81 18.17 -1.58
C SER B 414 -34.67 17.89 -0.09
N LYS B 415 -35.32 16.83 0.36
CA LYS B 415 -35.40 16.55 1.80
C LYS B 415 -34.01 16.29 2.37
N ARG B 416 -33.62 17.11 3.36
CA ARG B 416 -32.27 17.04 3.92
C ARG B 416 -32.25 16.68 5.40
N ILE B 417 -31.51 15.63 5.72
CA ILE B 417 -31.34 15.21 7.10
C ILE B 417 -30.45 16.18 7.87
N ASN B 418 -31.01 16.87 8.85
CA ASN B 418 -30.22 17.60 9.84
C ASN B 418 -29.58 16.62 10.83
N MET B 419 -28.24 16.51 10.76
CA MET B 419 -27.49 15.49 11.50
C MET B 419 -27.10 15.94 12.92
N ALA B 420 -27.09 17.25 13.14
CA ALA B 420 -26.90 17.77 14.49
C ALA B 420 -28.07 17.38 15.40
N HIS B 421 -29.30 17.40 14.86
CA HIS B 421 -30.47 16.94 15.58
C HIS B 421 -30.30 15.47 15.91
N LEU B 422 -29.78 14.72 14.95
CA LEU B 422 -29.63 13.27 15.06
C LEU B 422 -28.82 12.92 16.30
N CYS B 423 -27.74 13.65 16.51
CA CYS B 423 -26.88 13.45 17.66
C CYS B 423 -27.61 13.81 18.92
N ILE B 424 -28.14 15.04 19.00
CA ILE B 424 -28.82 15.54 20.20
C ILE B 424 -29.86 14.55 20.70
N VAL B 425 -30.79 14.23 19.80
CA VAL B 425 -31.93 13.38 20.13
C VAL B 425 -31.44 12.03 20.64
N GLY B 426 -30.29 11.60 20.11
CA GLY B 426 -29.74 10.28 20.41
C GLY B 426 -28.52 10.27 21.30
N SER B 427 -28.22 11.41 21.91
CA SER B 427 -27.13 11.50 22.86
C SER B 427 -27.71 11.83 24.22
N HIS B 428 -26.99 11.46 25.28
CA HIS B 428 -27.37 11.86 26.62
C HIS B 428 -26.63 13.13 27.04
N ALA B 429 -25.74 13.61 26.17
CA ALA B 429 -25.00 14.83 26.44
C ALA B 429 -24.60 15.51 25.15
N VAL B 430 -24.87 16.81 25.08
CA VAL B 430 -24.50 17.64 23.93
C VAL B 430 -23.68 18.83 24.42
N ASN B 431 -22.44 18.94 23.96
CA ASN B 431 -21.56 20.00 24.48
C ASN B 431 -20.95 20.94 23.44
N GLY B 432 -20.66 22.15 23.90
CA GLY B 432 -19.89 23.12 23.13
C GLY B 432 -18.51 23.25 23.75
N VAL B 433 -17.62 23.96 23.06
CA VAL B 433 -16.21 23.91 23.39
C VAL B 433 -15.73 25.09 24.24
N ALA B 434 -16.64 26.02 24.52
CA ALA B 434 -16.34 27.23 25.31
C ALA B 434 -17.55 27.68 26.12
N LYS B 435 -17.30 28.49 27.15
CA LYS B 435 -18.34 29.06 28.00
C LYS B 435 -19.45 29.69 27.14
N ILE B 436 -19.03 30.62 26.28
CA ILE B 436 -19.91 31.33 25.36
C ILE B 436 -20.44 30.44 24.21
N HIS B 437 -19.71 29.38 23.88
CA HIS B 437 -20.14 28.48 22.83
C HIS B 437 -21.31 27.63 23.29
N SER B 438 -21.02 26.65 24.15
CA SER B 438 -22.04 25.75 24.72
C SER B 438 -23.20 26.59 25.16
N ASP B 439 -22.87 27.77 25.66
CA ASP B 439 -23.85 28.73 26.06
C ASP B 439 -24.87 29.02 24.94
N ILE B 440 -24.40 29.58 23.83
CA ILE B 440 -25.28 29.90 22.69
C ILE B 440 -25.98 28.63 22.18
N VAL B 441 -25.23 27.55 22.05
CA VAL B 441 -25.79 26.26 21.64
C VAL B 441 -26.93 25.78 22.55
N LYS B 442 -26.80 25.99 23.85
CA LYS B 442 -27.88 25.66 24.79
C LYS B 442 -29.14 26.48 24.52
N THR B 443 -29.00 27.82 24.48
CA THR B 443 -30.16 28.71 24.41
C THR B 443 -30.59 29.21 23.02
N LYS B 444 -29.66 29.41 22.10
CA LYS B 444 -30.00 30.03 20.81
C LYS B 444 -30.03 29.09 19.61
N VAL B 445 -28.96 28.32 19.38
CA VAL B 445 -28.86 27.45 18.20
C VAL B 445 -29.66 26.15 18.37
N PHE B 446 -30.06 25.84 19.61
CA PHE B 446 -30.80 24.61 19.90
C PHE B 446 -31.86 24.77 20.98
N LYS B 447 -32.38 25.99 21.14
CA LYS B 447 -33.34 26.29 22.19
C LYS B 447 -34.41 25.20 22.27
N ASP B 448 -34.88 24.77 21.11
CA ASP B 448 -35.99 23.85 21.01
C ASP B 448 -35.82 22.57 21.82
N PHE B 449 -34.57 22.10 21.96
CA PHE B 449 -34.29 20.79 22.56
C PHE B 449 -33.94 20.89 24.05
N SER B 450 -33.25 21.97 24.38
CA SER B 450 -32.75 22.23 25.74
C SER B 450 -33.84 22.73 26.66
N GLU B 451 -34.90 23.29 26.08
CA GLU B 451 -36.08 23.69 26.81
C GLU B 451 -36.77 22.43 27.27
N LEU B 452 -36.69 21.40 26.44
CA LEU B 452 -37.23 20.07 26.73
C LEU B 452 -36.32 19.31 27.70
N GLU B 453 -35.01 19.35 27.44
CA GLU B 453 -34.05 18.69 28.31
C GLU B 453 -32.87 19.62 28.61
N PRO B 454 -33.03 20.55 29.57
CA PRO B 454 -31.94 21.50 29.80
C PRO B 454 -30.67 20.77 30.22
N ASP B 455 -30.85 19.71 31.01
CA ASP B 455 -29.74 19.02 31.67
C ASP B 455 -28.76 18.35 30.72
N LYS B 456 -29.27 17.91 29.57
CA LYS B 456 -28.47 17.23 28.59
C LYS B 456 -27.31 18.10 28.14
N PHE B 457 -27.56 19.39 27.96
CA PHE B 457 -26.58 20.27 27.34
C PHE B 457 -25.57 20.81 28.36
N GLN B 458 -24.30 20.50 28.15
CA GLN B 458 -23.22 21.04 29.01
C GLN B 458 -22.04 21.67 28.25
N ASN B 459 -21.03 22.10 28.99
CA ASN B 459 -19.84 22.69 28.42
C ASN B 459 -18.61 21.87 28.81
N LYS B 460 -17.64 21.80 27.91
CA LYS B 460 -16.30 21.33 28.26
C LYS B 460 -15.36 22.25 27.52
N THR B 461 -14.89 23.29 28.21
CA THR B 461 -13.91 24.20 27.61
C THR B 461 -12.70 23.46 27.06
N ASN B 462 -12.37 23.72 25.80
CA ASN B 462 -11.23 23.06 25.15
C ASN B 462 -9.89 23.26 25.89
N GLY B 463 -8.95 22.37 25.58
CA GLY B 463 -7.59 22.40 26.14
C GLY B 463 -6.58 21.82 25.17
N ILE B 464 -5.30 22.08 25.45
CA ILE B 464 -4.21 21.62 24.61
C ILE B 464 -3.28 20.78 25.48
N THR B 465 -2.63 19.78 24.90
CA THR B 465 -1.71 18.92 25.66
C THR B 465 -0.30 19.51 25.87
N PRO B 466 0.05 19.83 27.13
CA PRO B 466 1.26 20.54 27.52
C PRO B 466 2.52 19.68 27.43
N ARG B 467 2.36 18.41 27.09
CA ARG B 467 3.49 17.57 26.77
C ARG B 467 3.98 17.90 25.35
N ARG B 468 3.05 18.01 24.42
CA ARG B 468 3.40 18.39 23.08
C ARG B 468 3.70 19.88 23.00
N TRP B 469 2.94 20.66 23.76
CA TRP B 469 3.02 22.10 23.66
C TRP B 469 3.85 22.73 24.80
N LEU B 470 4.68 21.93 25.46
CA LEU B 470 5.63 22.47 26.42
C LEU B 470 6.89 21.62 26.45
N LEU B 471 6.83 20.50 27.18
CA LEU B 471 7.93 19.54 27.14
C LEU B 471 8.53 19.31 25.75
N LEU B 472 7.70 19.31 24.71
CA LEU B 472 8.16 18.93 23.38
C LEU B 472 8.61 20.12 22.58
N CYS B 473 7.69 21.02 22.28
CA CYS B 473 8.01 22.10 21.35
C CYS B 473 8.75 23.21 22.06
N ASN B 474 8.91 23.08 23.36
CA ASN B 474 9.48 24.15 24.17
C ASN B 474 10.25 23.63 25.37
N PRO B 475 11.43 23.04 25.15
CA PRO B 475 12.24 22.66 26.31
C PRO B 475 12.47 23.87 27.21
N GLY B 476 12.87 24.98 26.60
CA GLY B 476 13.14 26.22 27.32
C GLY B 476 12.23 26.51 28.51
N LEU B 477 10.99 26.91 28.25
CA LEU B 477 10.04 27.21 29.32
C LEU B 477 9.97 26.03 30.25
N ALA B 478 9.61 24.89 29.66
CA ALA B 478 9.40 23.66 30.37
C ALA B 478 10.50 23.45 31.41
N GLU B 479 11.75 23.74 31.02
CA GLU B 479 12.88 23.66 31.95
C GLU B 479 12.80 24.72 33.04
N LEU B 480 12.79 25.99 32.64
CA LEU B 480 12.86 27.12 33.57
C LEU B 480 11.73 27.07 34.58
N ILE B 481 10.53 26.78 34.09
CA ILE B 481 9.38 26.51 34.96
C ILE B 481 9.75 25.35 35.88
N ALA B 482 10.16 24.24 35.28
CA ALA B 482 10.49 23.02 36.01
C ALA B 482 11.69 23.19 36.94
N GLU B 483 12.40 24.29 36.78
CA GLU B 483 13.49 24.65 37.68
C GLU B 483 13.00 25.54 38.83
N LYS B 484 12.09 26.45 38.53
CA LYS B 484 11.58 27.37 39.54
C LYS B 484 10.46 26.78 40.38
N ILE B 485 9.52 26.05 39.77
CA ILE B 485 8.40 25.45 40.52
C ILE B 485 8.19 23.94 40.31
N GLY B 486 9.28 23.23 39.99
CA GLY B 486 9.26 21.78 39.88
C GLY B 486 8.50 21.28 38.67
N GLU B 487 8.33 19.96 38.58
CA GLU B 487 7.73 19.32 37.41
C GLU B 487 6.35 18.74 37.70
N ASP B 488 5.78 19.10 38.85
CA ASP B 488 4.41 18.75 39.20
C ASP B 488 3.43 19.27 38.17
N TYR B 489 3.87 20.32 37.48
CA TYR B 489 2.98 21.13 36.67
C TYR B 489 2.59 20.47 35.36
N VAL B 490 3.37 19.49 34.91
CA VAL B 490 3.09 18.83 33.64
C VAL B 490 1.77 18.08 33.74
N LYS B 491 1.67 17.20 34.74
CA LYS B 491 0.48 16.39 34.97
C LYS B 491 -0.65 17.20 35.60
N ASP B 492 -0.29 18.15 36.46
CA ASP B 492 -1.30 19.08 36.95
C ASP B 492 -0.99 20.52 36.57
N LEU B 493 -1.39 20.90 35.36
CA LEU B 493 -1.00 22.20 34.80
C LEU B 493 -1.49 23.39 35.62
N SER B 494 -2.52 23.19 36.43
CA SER B 494 -3.05 24.27 37.25
C SER B 494 -2.03 24.74 38.28
N GLN B 495 -0.87 24.09 38.30
CA GLN B 495 0.25 24.50 39.15
C GLN B 495 0.95 25.75 38.64
N LEU B 496 0.70 26.11 37.39
CA LEU B 496 1.41 27.23 36.79
C LEU B 496 1.02 28.54 37.44
N THR B 497 0.04 28.51 38.35
CA THR B 497 -0.23 29.66 39.21
C THR B 497 0.89 29.82 40.23
N LYS B 498 1.55 28.73 40.59
CA LYS B 498 2.68 28.81 41.50
C LYS B 498 3.75 29.73 40.96
N LEU B 499 3.68 30.04 39.66
CA LEU B 499 4.60 30.97 39.00
C LEU B 499 4.28 32.43 39.24
N HIS B 500 3.08 32.71 39.76
CA HIS B 500 2.70 34.08 40.13
C HIS B 500 3.66 34.67 41.14
N SER B 501 4.21 33.82 42.00
CA SER B 501 5.19 34.23 43.01
C SER B 501 6.46 34.91 42.47
N PHE B 502 6.57 35.07 41.16
CA PHE B 502 7.79 35.60 40.54
C PHE B 502 7.56 36.84 39.68
N LEU B 503 6.39 37.48 39.85
CA LEU B 503 5.99 38.61 39.00
C LEU B 503 6.94 39.81 39.04
N GLY B 504 7.54 40.04 40.22
CA GLY B 504 8.55 41.08 40.42
C GLY B 504 9.95 40.51 40.61
N ASP B 505 10.15 39.26 40.18
CA ASP B 505 11.49 38.62 40.15
C ASP B 505 12.21 39.02 38.87
N ASP B 506 12.96 40.11 38.98
CA ASP B 506 13.61 40.72 37.84
C ASP B 506 14.37 39.70 36.99
N VAL B 507 15.16 38.86 37.65
CA VAL B 507 15.98 37.82 37.01
C VAL B 507 15.15 36.73 36.32
N PHE B 508 14.17 36.18 37.02
CA PHE B 508 13.24 35.22 36.40
C PHE B 508 12.52 35.84 35.22
N LEU B 509 12.24 37.14 35.31
CA LEU B 509 11.64 37.86 34.20
C LEU B 509 12.60 37.92 33.02
N ARG B 510 13.87 38.18 33.31
CA ARG B 510 14.84 38.40 32.26
C ARG B 510 15.26 37.09 31.64
N GLU B 511 15.12 36.00 32.40
CA GLU B 511 15.43 34.63 31.93
C GLU B 511 14.31 34.08 31.07
N LEU B 512 13.13 34.66 31.22
CA LEU B 512 11.98 34.33 30.40
C LEU B 512 12.14 34.94 29.01
N ALA B 513 12.34 36.27 28.94
CA ALA B 513 12.56 36.93 27.67
C ALA B 513 13.65 36.24 26.86
N LYS B 514 14.65 35.68 27.55
CA LYS B 514 15.73 34.97 26.88
C LYS B 514 15.24 33.66 26.27
N VAL B 515 14.42 32.90 27.00
CA VAL B 515 13.84 31.68 26.42
C VAL B 515 13.09 32.01 25.13
N LYS B 516 12.30 33.08 25.18
CA LYS B 516 11.57 33.57 24.01
C LYS B 516 12.53 33.90 22.90
N GLN B 517 13.61 34.59 23.28
CA GLN B 517 14.65 35.07 22.37
C GLN B 517 15.27 33.95 21.57
N GLU B 518 15.66 32.89 22.27
CA GLU B 518 16.31 31.75 21.64
C GLU B 518 15.33 31.10 20.68
N ASN B 519 14.14 30.76 21.19
CA ASN B 519 13.04 30.29 20.37
C ASN B 519 12.86 31.20 19.16
N LYS B 520 12.79 32.51 19.39
CA LYS B 520 12.75 33.49 18.33
C LYS B 520 13.92 33.33 17.37
N LEU B 521 15.14 33.30 17.92
CA LEU B 521 16.32 33.29 17.06
C LEU B 521 16.41 32.00 16.26
N LYS B 522 16.31 30.86 16.94
CA LYS B 522 16.29 29.56 16.26
C LYS B 522 15.25 29.58 15.17
N PHE B 523 14.04 29.98 15.51
CA PHE B 523 13.01 30.09 14.51
C PHE B 523 13.29 31.17 13.48
N SER B 524 14.06 32.19 13.85
CA SER B 524 14.48 33.23 12.91
C SER B 524 15.35 32.61 11.84
N GLN B 525 16.21 31.68 12.27
CA GLN B 525 17.07 30.90 11.40
C GLN B 525 16.26 29.98 10.48
N PHE B 526 15.20 29.36 11.03
CA PHE B 526 14.25 28.59 10.23
C PHE B 526 13.78 29.42 9.05
N LEU B 527 13.37 30.66 9.32
CA LEU B 527 12.83 31.58 8.31
C LEU B 527 13.85 32.05 7.27
N GLU B 528 15.07 32.34 7.73
CA GLU B 528 16.15 32.81 6.86
C GLU B 528 16.68 31.71 5.96
N THR B 529 16.55 30.46 6.37
CA THR B 529 16.98 29.36 5.52
C THR B 529 15.84 28.92 4.59
N GLU B 530 14.60 29.18 4.97
CA GLU B 530 13.45 28.77 4.15
C GLU B 530 12.93 29.85 3.18
N TYR B 531 13.41 31.09 3.33
CA TYR B 531 12.89 32.21 2.54
C TYR B 531 13.94 33.23 2.12
N LYS B 532 13.64 33.95 1.04
CA LYS B 532 14.52 35.01 0.49
C LYS B 532 14.32 36.32 1.27
N VAL B 533 14.40 36.21 2.60
CA VAL B 533 14.09 37.32 3.50
C VAL B 533 14.94 37.34 4.76
N LYS B 534 15.42 38.54 5.12
CA LYS B 534 16.25 38.79 6.29
C LYS B 534 15.37 39.02 7.53
N ILE B 535 15.61 38.26 8.59
CA ILE B 535 14.82 38.46 9.82
C ILE B 535 15.54 39.32 10.84
N ASN B 536 14.81 40.29 11.38
CA ASN B 536 15.31 41.09 12.45
C ASN B 536 15.18 40.25 13.72
N PRO B 537 16.33 39.94 14.37
CA PRO B 537 16.36 39.10 15.59
C PRO B 537 15.66 39.72 16.79
N SER B 538 15.19 40.97 16.67
CA SER B 538 14.54 41.64 17.79
C SER B 538 13.15 42.15 17.45
N SER B 539 12.66 41.83 16.26
CA SER B 539 11.30 42.17 15.87
C SER B 539 10.27 41.48 16.76
N MET B 540 9.09 42.06 16.87
CA MET B 540 7.99 41.43 17.57
C MET B 540 7.30 40.39 16.68
N PHE B 541 7.31 39.15 17.15
CA PHE B 541 6.77 38.05 16.39
C PHE B 541 5.25 37.98 16.44
N ASP B 542 4.68 38.35 15.30
CA ASP B 542 3.24 38.49 15.09
C ASP B 542 2.77 37.31 14.23
N VAL B 543 1.94 36.44 14.80
CA VAL B 543 1.69 35.15 14.17
C VAL B 543 0.22 34.73 14.11
N GLN B 544 -0.36 34.78 12.92
CA GLN B 544 -1.69 34.23 12.71
C GLN B 544 -1.60 32.93 11.94
N VAL B 545 -1.53 31.81 12.68
CA VAL B 545 -1.46 30.47 12.07
C VAL B 545 -2.71 29.62 12.35
N LYS B 546 -3.46 29.35 11.29
CA LYS B 546 -4.82 28.80 11.38
C LYS B 546 -5.41 28.75 10.00
N ARG B 547 -6.09 27.64 9.67
CA ARG B 547 -6.69 27.43 8.36
C ARG B 547 -7.32 28.71 7.82
N ILE B 548 -6.83 29.18 6.67
CA ILE B 548 -7.26 30.47 6.13
C ILE B 548 -8.77 30.49 6.05
N HIS B 549 -9.40 31.49 6.66
CA HIS B 549 -10.85 31.65 6.56
C HIS B 549 -11.31 33.09 6.73
N GLU B 550 -12.18 33.53 5.81
CA GLU B 550 -12.84 34.83 5.90
C GLU B 550 -13.16 35.23 7.33
N TYR B 551 -13.81 34.30 8.04
CA TYR B 551 -14.32 34.52 9.39
C TYR B 551 -13.22 34.73 10.41
N LYS B 552 -12.07 34.12 10.16
CA LYS B 552 -10.94 34.26 11.04
C LYS B 552 -10.26 35.61 10.81
N ARG B 553 -10.65 36.26 9.70
CA ARG B 553 -10.18 37.60 9.33
C ARG B 553 -8.67 37.73 9.11
N GLN B 554 -8.00 36.68 8.59
CA GLN B 554 -6.60 36.84 8.23
C GLN B 554 -6.49 38.10 7.39
N LEU B 555 -7.60 38.43 6.72
CA LEU B 555 -7.75 39.62 5.90
C LEU B 555 -7.68 40.89 6.72
N LEU B 556 -8.22 40.83 7.94
CA LEU B 556 -8.06 41.92 8.91
C LEU B 556 -6.60 42.12 9.20
N ASN B 557 -5.99 41.13 9.84
CA ASN B 557 -4.55 41.11 10.05
C ASN B 557 -3.91 41.78 8.84
N CYS B 558 -4.17 41.19 7.68
CA CYS B 558 -3.60 41.64 6.42
C CYS B 558 -3.65 43.15 6.30
N LEU B 559 -4.83 43.72 6.52
CA LEU B 559 -5.04 45.16 6.35
C LEU B 559 -4.16 45.99 7.28
N HIS B 560 -3.90 45.45 8.46
CA HIS B 560 -3.08 46.15 9.44
C HIS B 560 -1.64 46.14 9.02
N VAL B 561 -1.25 45.11 8.27
CA VAL B 561 0.10 45.00 7.75
C VAL B 561 0.29 46.14 6.77
N ILE B 562 -0.79 46.48 6.08
CA ILE B 562 -0.76 47.58 5.14
C ILE B 562 -0.73 48.87 5.93
N THR B 563 -1.78 49.12 6.71
CA THR B 563 -1.85 50.30 7.59
C THR B 563 -0.50 50.65 8.28
N MET B 564 0.26 49.62 8.64
CA MET B 564 1.60 49.78 9.21
C MET B 564 2.55 50.38 8.20
N TYR B 565 2.74 49.66 7.09
CA TYR B 565 3.62 50.07 5.99
C TYR B 565 3.46 51.53 5.57
N ASN B 566 2.22 52.03 5.61
CA ASN B 566 1.99 53.41 5.24
C ASN B 566 2.50 54.39 6.31
N ARG B 567 2.41 54.00 7.58
CA ARG B 567 2.96 54.80 8.69
C ARG B 567 4.49 54.92 8.60
N ILE B 568 5.10 54.05 7.79
CA ILE B 568 6.50 54.18 7.40
C ILE B 568 6.62 55.20 6.26
N LYS B 569 5.73 55.11 5.28
CA LYS B 569 5.74 56.01 4.12
C LYS B 569 5.48 57.48 4.50
N LYS B 570 4.48 57.68 5.35
CA LYS B 570 4.04 59.00 5.76
C LYS B 570 5.11 59.75 6.56
N ASP B 571 6.18 59.05 6.95
CA ASP B 571 7.33 59.57 7.73
C ASP B 571 8.23 58.41 8.16
N PRO B 572 9.26 58.07 7.34
CA PRO B 572 10.16 56.95 7.58
C PRO B 572 11.22 57.30 8.62
N LYS B 573 10.93 58.34 9.38
CA LYS B 573 11.85 58.87 10.36
C LYS B 573 11.27 58.70 11.77
N LYS B 574 9.95 58.50 11.85
CA LYS B 574 9.25 58.17 13.11
C LYS B 574 9.62 56.76 13.62
N LEU B 575 9.69 56.61 14.94
CA LEU B 575 10.00 55.32 15.54
C LEU B 575 8.85 54.32 15.29
N PHE B 576 9.07 53.42 14.34
CA PHE B 576 8.14 52.33 14.10
C PHE B 576 8.72 51.12 14.82
N VAL B 577 7.91 50.55 15.71
CA VAL B 577 8.32 49.39 16.46
C VAL B 577 8.47 48.23 15.47
N PRO B 578 9.72 47.72 15.34
CA PRO B 578 9.99 46.61 14.43
C PRO B 578 9.17 45.40 14.83
N ARG B 579 8.38 44.90 13.88
CA ARG B 579 7.63 43.64 14.07
C ARG B 579 7.67 42.77 12.84
N THR B 580 7.68 41.46 13.06
CA THR B 580 7.64 40.48 11.99
C THR B 580 6.26 39.81 11.94
N VAL B 581 5.46 40.17 10.95
CA VAL B 581 4.14 39.54 10.77
C VAL B 581 4.26 38.18 10.07
N ILE B 582 3.84 37.13 10.77
CA ILE B 582 3.87 35.76 10.26
C ILE B 582 2.47 35.18 10.22
N ILE B 583 1.91 35.07 9.02
CA ILE B 583 0.57 34.50 8.89
C ILE B 583 0.69 33.17 8.14
N GLY B 584 0.00 32.14 8.63
CA GLY B 584 0.08 30.84 8.02
C GLY B 584 -1.18 30.03 8.19
N GLY B 585 -1.52 29.28 7.16
CA GLY B 585 -2.68 28.41 7.22
C GLY B 585 -2.88 27.86 5.84
N LYS B 586 -3.79 26.89 5.75
CA LYS B 586 -4.11 26.26 4.48
C LYS B 586 -5.52 26.60 4.00
N ALA B 587 -5.59 27.31 2.88
CA ALA B 587 -6.87 27.53 2.18
C ALA B 587 -7.36 26.19 1.63
N ALA B 588 -8.63 25.88 1.88
CA ALA B 588 -9.27 24.69 1.32
C ALA B 588 -9.42 24.91 -0.17
N PRO B 589 -9.14 23.87 -0.99
CA PRO B 589 -9.28 23.91 -2.46
C PRO B 589 -10.50 24.67 -2.99
N GLY B 590 -11.68 24.38 -2.44
CA GLY B 590 -12.93 25.00 -2.86
C GLY B 590 -12.98 26.47 -2.53
N TYR B 591 -12.32 26.85 -1.43
CA TYR B 591 -12.31 28.22 -0.92
C TYR B 591 -11.50 29.19 -1.79
N HIS B 592 -12.10 29.63 -2.89
CA HIS B 592 -11.51 30.67 -3.74
C HIS B 592 -11.19 31.92 -2.93
N MET B 593 -12.10 32.30 -2.04
CA MET B 593 -11.93 33.50 -1.24
C MET B 593 -10.75 33.38 -0.28
N ALA B 594 -10.53 32.21 0.28
CA ALA B 594 -9.31 31.99 1.06
C ALA B 594 -8.08 32.09 0.15
N LYS B 595 -8.02 31.26 -0.89
CA LYS B 595 -6.91 31.23 -1.86
C LYS B 595 -6.57 32.60 -2.41
N MET B 596 -7.60 33.43 -2.58
CA MET B 596 -7.43 34.82 -2.98
C MET B 596 -6.67 35.63 -1.93
N ILE B 597 -7.20 35.63 -0.70
CA ILE B 597 -6.62 36.37 0.41
C ILE B 597 -5.14 36.02 0.54
N ILE B 598 -4.82 34.76 0.28
CA ILE B 598 -3.45 34.28 0.30
C ILE B 598 -2.60 35.04 -0.74
N LYS B 599 -3.07 35.12 -1.98
CA LYS B 599 -2.35 35.84 -3.03
C LYS B 599 -2.12 37.29 -2.62
N LEU B 600 -3.13 37.91 -2.01
CA LEU B 600 -2.96 39.25 -1.48
C LEU B 600 -1.81 39.32 -0.46
N ILE B 601 -1.83 38.45 0.54
CA ILE B 601 -0.82 38.52 1.61
C ILE B 601 0.58 38.42 1.02
N THR B 602 0.76 37.43 0.14
CA THR B 602 2.00 37.27 -0.59
C THR B 602 2.35 38.52 -1.39
N SER B 603 1.37 39.07 -2.11
CA SER B 603 1.57 40.27 -2.92
C SER B 603 2.12 41.41 -2.07
N VAL B 604 1.41 41.69 -0.97
CA VAL B 604 1.82 42.68 0.01
C VAL B 604 3.22 42.34 0.48
N ALA B 605 3.41 41.06 0.82
CA ALA B 605 4.68 40.58 1.36
C ALA B 605 5.85 40.95 0.47
N ASP B 606 5.78 40.57 -0.80
CA ASP B 606 6.79 40.96 -1.77
C ASP B 606 7.13 42.45 -1.61
N VAL B 607 6.14 43.31 -1.89
CA VAL B 607 6.32 44.77 -1.77
C VAL B 607 7.00 45.11 -0.46
N VAL B 608 6.40 44.69 0.65
CA VAL B 608 6.90 45.02 1.98
C VAL B 608 8.39 44.68 2.13
N ASN B 609 8.72 43.43 1.89
CA ASN B 609 10.08 42.96 2.11
C ASN B 609 11.04 43.48 1.05
N ASN B 610 10.54 44.34 0.18
CA ASN B 610 11.28 44.81 -0.99
C ASN B 610 11.40 46.32 -1.12
N ASP B 611 10.53 47.05 -0.45
CA ASP B 611 10.68 48.49 -0.40
C ASP B 611 11.91 48.80 0.46
N PRO B 612 12.96 49.39 -0.16
CA PRO B 612 14.25 49.52 0.52
C PRO B 612 14.12 50.48 1.68
N MET B 613 13.10 51.34 1.61
CA MET B 613 12.83 52.36 2.62
C MET B 613 12.36 51.80 3.97
N VAL B 614 11.85 50.57 3.99
CA VAL B 614 11.59 49.91 5.26
C VAL B 614 12.85 49.21 5.78
N GLY B 615 13.35 48.25 5.00
CA GLY B 615 14.38 47.36 5.48
C GLY B 615 13.95 46.74 6.80
N SER B 616 14.87 46.74 7.76
CA SER B 616 14.70 46.10 9.06
C SER B 616 13.78 46.88 10.01
N LYS B 617 12.58 47.18 9.49
CA LYS B 617 11.51 47.83 10.25
C LYS B 617 10.31 46.87 10.33
N LEU B 618 10.04 46.19 9.23
CA LEU B 618 8.85 45.35 9.08
C LEU B 618 9.06 44.27 8.02
N LYS B 619 9.10 43.02 8.43
CA LYS B 619 9.15 41.91 7.50
C LYS B 619 7.84 41.13 7.61
N VAL B 620 7.37 40.59 6.48
CA VAL B 620 6.11 39.84 6.39
C VAL B 620 6.35 38.52 5.67
N ILE B 621 6.06 37.39 6.34
CA ILE B 621 6.17 36.05 5.71
C ILE B 621 4.87 35.27 5.80
N PHE B 622 4.47 34.63 4.70
CA PHE B 622 3.38 33.68 4.78
C PHE B 622 3.95 32.33 5.19
N LEU B 623 3.20 31.57 5.96
CA LEU B 623 3.66 30.23 6.28
C LEU B 623 3.19 29.16 5.30
N GLU B 624 4.16 28.66 4.54
CA GLU B 624 4.00 27.48 3.72
C GLU B 624 3.63 26.26 4.56
N ASN B 625 2.69 25.47 4.04
CA ASN B 625 2.40 24.14 4.57
C ASN B 625 2.41 24.16 6.10
N TYR B 626 1.54 25.00 6.65
CA TYR B 626 1.37 25.07 8.11
C TYR B 626 0.75 23.77 8.63
N ARG B 627 1.46 23.12 9.54
CA ARG B 627 1.05 21.84 10.09
C ARG B 627 1.49 21.72 11.56
N VAL B 628 1.01 20.68 12.24
CA VAL B 628 1.35 20.44 13.64
C VAL B 628 2.84 20.63 13.90
N SER B 629 3.69 19.85 13.24
CA SER B 629 5.13 20.02 13.43
C SER B 629 5.56 21.48 13.26
N LEU B 630 5.18 22.10 12.15
CA LEU B 630 5.54 23.51 11.91
C LEU B 630 4.83 24.48 12.86
N ALA B 631 3.76 24.03 13.51
CA ALA B 631 3.20 24.84 14.57
C ALA B 631 4.20 24.79 15.70
N GLU B 632 4.64 23.57 16.04
CA GLU B 632 5.62 23.35 17.10
C GLU B 632 6.87 24.21 16.98
N LYS B 633 7.08 24.83 15.82
CA LYS B 633 8.23 25.74 15.62
C LYS B 633 7.82 27.18 15.88
N VAL B 634 6.90 27.69 15.08
CA VAL B 634 6.55 29.09 15.17
C VAL B 634 6.03 29.43 16.56
N ILE B 635 5.07 28.65 17.05
CA ILE B 635 4.40 28.95 18.33
C ILE B 635 5.38 29.30 19.44
N PRO B 636 6.29 28.38 19.80
CA PRO B 636 7.30 28.69 20.83
C PRO B 636 8.07 30.01 20.65
N ALA B 637 8.16 30.51 19.42
CA ALA B 637 8.82 31.78 19.14
C ALA B 637 7.82 32.81 18.62
N THR B 638 6.90 33.21 19.49
CA THR B 638 5.89 34.21 19.15
C THR B 638 5.78 35.24 20.29
N ASP B 639 5.45 36.48 19.95
CA ASP B 639 5.15 37.49 20.97
C ASP B 639 3.66 37.80 20.95
N LEU B 640 3.12 37.92 19.73
CA LEU B 640 1.72 38.24 19.53
C LEU B 640 0.98 37.16 18.68
N SER B 641 -0.04 36.56 19.29
CA SER B 641 -0.91 35.61 18.61
C SER B 641 -2.22 36.25 18.22
N GLU B 642 -2.42 36.40 16.92
CA GLU B 642 -3.66 36.91 16.34
C GLU B 642 -4.77 35.89 16.53
N GLN B 643 -5.77 36.26 17.32
CA GLN B 643 -6.94 35.44 17.56
C GLN B 643 -8.14 36.33 17.27
N ILE B 644 -8.37 36.54 15.98
CA ILE B 644 -9.11 37.72 15.51
C ILE B 644 -10.29 37.36 14.60
N SER B 645 -10.94 36.22 14.87
CA SER B 645 -12.22 35.91 14.24
C SER B 645 -13.30 36.93 14.66
N THR B 646 -14.29 37.11 13.81
CA THR B 646 -15.40 38.00 14.11
C THR B 646 -16.18 37.45 15.31
N ALA B 647 -16.60 38.33 16.21
CA ALA B 647 -17.26 37.90 17.44
C ALA B 647 -18.29 36.81 17.17
N GLY B 648 -18.29 35.79 18.02
CA GLY B 648 -19.23 34.67 17.89
C GLY B 648 -19.18 34.00 16.53
N THR B 649 -17.97 33.65 16.12
CA THR B 649 -17.74 32.81 14.94
C THR B 649 -16.77 31.65 15.28
N GLU B 650 -15.98 31.85 16.33
CA GLU B 650 -15.11 30.79 16.86
C GLU B 650 -15.80 30.17 18.05
N ALA B 651 -15.97 28.86 18.01
CA ALA B 651 -16.57 28.16 19.12
C ALA B 651 -15.64 28.23 20.35
N SER B 652 -14.34 28.05 20.14
CA SER B 652 -13.34 28.19 21.21
C SER B 652 -11.95 28.57 20.71
N GLY B 653 -11.47 27.85 19.70
CA GLY B 653 -10.06 27.88 19.33
C GLY B 653 -9.26 26.97 20.26
N THR B 654 -8.15 26.44 19.75
CA THR B 654 -7.15 25.79 20.59
C THR B 654 -5.81 26.45 20.34
N GLY B 655 -5.59 26.89 19.12
CA GLY B 655 -4.39 27.65 18.78
C GLY B 655 -4.09 28.72 19.81
N ASN B 656 -4.99 29.70 19.90
CA ASN B 656 -4.93 30.76 20.92
C ASN B 656 -4.35 30.28 22.23
N MET B 657 -4.83 29.12 22.68
CA MET B 657 -4.46 28.55 23.95
C MET B 657 -2.98 28.31 24.02
N LYS B 658 -2.40 27.78 22.99
CA LYS B 658 -1.01 27.59 23.11
C LYS B 658 -0.44 28.97 23.35
N PHE B 659 -0.24 29.72 22.28
CA PHE B 659 0.53 30.95 22.36
C PHE B 659 0.57 31.56 23.78
N MET B 660 -0.58 31.53 24.46
CA MET B 660 -0.69 31.97 25.84
C MET B 660 0.36 31.30 26.71
N LEU B 661 0.40 29.97 26.60
CA LEU B 661 1.28 29.07 27.35
C LEU B 661 2.66 28.92 26.72
N ASN B 662 3.05 29.89 25.92
CA ASN B 662 4.39 29.93 25.34
C ASN B 662 4.95 31.34 25.40
N GLY B 663 4.26 32.17 26.19
CA GLY B 663 4.68 33.52 26.49
C GLY B 663 4.40 34.46 25.36
N ALA B 664 3.29 34.23 24.67
CA ALA B 664 2.75 35.18 23.71
C ALA B 664 1.48 35.78 24.27
N LEU B 665 1.40 37.10 24.21
CA LEU B 665 0.17 37.77 24.58
C LEU B 665 -0.79 37.72 23.40
N THR B 666 -2.07 37.44 23.66
CA THR B 666 -3.05 37.46 22.59
C THR B 666 -3.47 38.91 22.27
N ILE B 667 -3.72 39.17 20.99
CA ILE B 667 -4.55 40.30 20.58
C ILE B 667 -5.75 39.65 19.95
N GLY B 668 -6.96 39.96 20.43
CA GLY B 668 -8.13 39.31 19.86
C GLY B 668 -9.48 39.63 20.42
N THR B 669 -10.51 39.36 19.60
CA THR B 669 -11.91 39.60 19.96
C THR B 669 -12.34 38.83 21.19
N MET B 670 -13.34 39.37 21.89
CA MET B 670 -13.92 38.69 23.02
C MET B 670 -14.74 37.47 22.52
N ASP B 671 -14.16 36.74 21.58
CA ASP B 671 -14.82 35.58 20.96
C ASP B 671 -14.18 34.26 21.40
N GLY B 672 -14.95 33.17 21.33
CA GLY B 672 -14.41 31.85 21.60
C GLY B 672 -13.83 31.71 22.99
N ALA B 673 -12.80 30.88 23.12
CA ALA B 673 -12.22 30.62 24.43
C ALA B 673 -11.29 31.75 24.87
N ASN B 674 -11.03 32.70 23.96
CA ASN B 674 -10.30 33.93 24.28
C ASN B 674 -10.91 34.67 25.46
N VAL B 675 -12.23 34.53 25.63
CA VAL B 675 -12.96 35.06 26.79
C VAL B 675 -12.50 34.38 28.06
N GLU B 676 -12.46 33.05 28.03
CA GLU B 676 -12.06 32.24 29.16
C GLU B 676 -10.59 32.44 29.48
N MET B 677 -9.82 32.87 28.48
CA MET B 677 -8.43 33.26 28.71
C MET B 677 -8.37 34.57 29.49
N ALA B 678 -9.37 35.42 29.25
CA ALA B 678 -9.49 36.69 29.98
C ALA B 678 -9.94 36.41 31.39
N GLU B 679 -10.85 35.46 31.56
CA GLU B 679 -11.32 35.08 32.88
C GLU B 679 -10.17 34.70 33.84
N GLU B 680 -9.16 34.01 33.32
CA GLU B 680 -8.07 33.47 34.14
C GLU B 680 -6.96 34.49 34.33
N ALA B 681 -6.63 35.18 33.25
CA ALA B 681 -5.49 36.08 33.26
C ALA B 681 -5.89 37.52 33.54
N GLY B 682 -7.13 37.86 33.20
CA GLY B 682 -7.62 39.21 33.44
C GLY B 682 -7.42 40.07 32.22
N GLU B 683 -8.46 40.80 31.85
CA GLU B 683 -8.53 41.55 30.58
C GLU B 683 -7.37 42.52 30.31
N GLU B 684 -6.79 43.05 31.38
CA GLU B 684 -5.60 43.89 31.29
C GLU B 684 -4.43 43.11 30.66
N ASN B 685 -4.40 41.80 30.94
CA ASN B 685 -3.31 40.91 30.53
C ASN B 685 -3.50 40.23 29.17
N LEU B 686 -4.61 40.54 28.51
CA LEU B 686 -4.75 40.23 27.11
C LEU B 686 -4.89 41.57 26.40
N PHE B 687 -4.83 41.54 25.07
CA PHE B 687 -5.26 42.68 24.28
C PHE B 687 -6.58 42.22 23.70
N ILE B 688 -7.67 42.66 24.30
CA ILE B 688 -8.97 42.41 23.72
C ILE B 688 -9.41 43.67 22.99
N PHE B 689 -10.08 43.47 21.87
CA PHE B 689 -10.53 44.58 21.07
C PHE B 689 -11.80 44.20 20.34
N GLY B 690 -12.35 45.19 19.64
CA GLY B 690 -13.48 44.99 18.76
C GLY B 690 -14.77 44.80 19.50
N MET B 691 -15.76 44.32 18.77
CA MET B 691 -17.10 44.19 19.30
C MET B 691 -17.38 42.79 19.82
N ARG B 692 -18.13 42.71 20.90
CA ARG B 692 -18.57 41.44 21.46
C ARG B 692 -19.81 40.98 20.69
N ILE B 693 -20.17 39.71 20.82
CA ILE B 693 -21.34 39.12 20.16
C ILE B 693 -22.54 40.06 20.09
N ASP B 694 -22.80 40.75 21.19
CA ASP B 694 -23.92 41.70 21.31
C ASP B 694 -23.76 42.96 20.47
N ASP B 695 -22.57 43.55 20.50
CA ASP B 695 -22.23 44.68 19.63
C ASP B 695 -22.44 44.36 18.13
N VAL B 696 -22.06 43.15 17.73
CA VAL B 696 -22.25 42.68 16.36
C VAL B 696 -23.73 42.50 16.08
N ALA B 697 -24.42 41.84 17.02
CA ALA B 697 -25.85 41.61 16.90
C ALA B 697 -26.56 42.92 16.51
N ALA B 698 -26.38 43.94 17.34
CA ALA B 698 -26.95 45.26 17.09
C ALA B 698 -26.61 45.81 15.70
N LEU B 699 -25.36 45.68 15.27
CA LEU B 699 -24.93 46.14 13.94
C LEU B 699 -25.57 45.33 12.81
N ASP B 700 -26.19 44.21 13.17
CA ASP B 700 -26.99 43.42 12.22
C ASP B 700 -28.44 43.84 12.26
N LYS B 701 -28.91 44.19 13.45
CA LYS B 701 -30.20 44.84 13.62
C LYS B 701 -30.11 46.24 13.03
N LYS B 702 -28.90 46.79 13.01
CA LYS B 702 -28.62 48.06 12.32
C LYS B 702 -28.41 47.83 10.83
N GLY B 703 -27.79 46.72 10.49
CA GLY B 703 -27.32 46.48 9.13
C GLY B 703 -25.90 46.99 9.03
N TYR B 704 -24.99 46.13 8.55
CA TYR B 704 -23.59 46.53 8.42
C TYR B 704 -23.36 47.09 7.03
N GLU B 705 -23.80 48.33 6.81
CA GLU B 705 -23.49 48.98 5.57
C GLU B 705 -22.00 49.27 5.58
N ALA B 706 -21.31 48.78 4.56
CA ALA B 706 -19.87 48.57 4.58
C ALA B 706 -19.02 49.81 4.28
N LYS B 707 -19.46 50.60 3.32
CA LYS B 707 -18.70 51.74 2.82
C LYS B 707 -18.58 52.90 3.81
N GLU B 708 -19.51 52.95 4.77
CA GLU B 708 -19.55 53.98 5.82
C GLU B 708 -18.30 54.01 6.74
N TYR B 709 -17.23 53.35 6.31
CA TYR B 709 -15.96 53.31 7.05
C TYR B 709 -14.81 53.76 6.16
N TYR B 710 -14.75 53.20 4.95
CA TYR B 710 -13.83 53.62 3.90
C TYR B 710 -13.94 55.14 3.64
N GLU B 711 -15.07 55.74 4.00
CA GLU B 711 -15.23 57.20 4.01
C GLU B 711 -14.73 57.75 5.33
N ALA B 712 -15.13 57.09 6.42
CA ALA B 712 -14.95 57.61 7.77
C ALA B 712 -13.52 57.50 8.30
N LEU B 713 -12.66 56.76 7.59
CA LEU B 713 -11.29 56.57 8.07
C LEU B 713 -10.25 56.75 6.96
N PRO B 714 -9.44 57.81 7.05
CA PRO B 714 -8.41 58.16 6.06
C PRO B 714 -7.45 57.02 5.71
N GLU B 715 -6.84 56.40 6.73
CA GLU B 715 -5.82 55.35 6.50
C GLU B 715 -6.41 54.11 5.82
N LEU B 716 -7.54 53.62 6.32
CA LEU B 716 -8.22 52.47 5.73
C LEU B 716 -8.49 52.69 4.23
N LYS B 717 -8.98 53.88 3.89
CA LYS B 717 -9.23 54.28 2.51
C LYS B 717 -8.02 53.91 1.66
N LEU B 718 -6.85 54.38 2.09
CA LEU B 718 -5.62 54.20 1.33
C LEU B 718 -5.33 52.70 1.10
N VAL B 719 -5.44 51.92 2.17
CA VAL B 719 -5.20 50.47 2.14
C VAL B 719 -6.09 49.80 1.09
N ILE B 720 -7.40 50.05 1.20
CA ILE B 720 -8.41 49.53 0.29
C ILE B 720 -8.20 50.02 -1.15
N ASP B 721 -7.95 51.31 -1.31
CA ASP B 721 -7.66 51.89 -2.62
C ASP B 721 -6.42 51.29 -3.29
N GLN B 722 -5.47 50.83 -2.47
CA GLN B 722 -4.24 50.22 -2.95
C GLN B 722 -4.44 48.77 -3.36
N ILE B 723 -5.31 48.07 -2.65
CA ILE B 723 -5.64 46.70 -3.00
C ILE B 723 -6.50 46.72 -4.28
N ASP B 724 -7.32 47.77 -4.41
CA ASP B 724 -8.24 47.92 -5.53
C ASP B 724 -7.55 48.47 -6.78
N ASN B 725 -6.90 49.62 -6.66
CA ASN B 725 -6.26 50.28 -7.80
C ASN B 725 -4.92 49.69 -8.27
N GLY B 726 -4.37 48.75 -7.51
CA GLY B 726 -3.27 47.91 -8.01
C GLY B 726 -1.89 48.01 -7.38
N PHE B 727 -1.73 48.84 -6.36
CA PHE B 727 -0.45 49.03 -5.67
C PHE B 727 0.36 47.74 -5.53
N PHE B 728 -0.30 46.68 -5.04
CA PHE B 728 0.34 45.38 -4.78
C PHE B 728 0.11 44.41 -5.92
N SER B 729 -0.47 44.90 -6.99
CA SER B 729 -0.76 44.04 -8.12
C SER B 729 -0.52 44.74 -9.46
N PRO B 730 0.62 45.44 -9.63
CA PRO B 730 0.83 46.12 -10.90
C PRO B 730 0.40 45.30 -12.13
N LYS B 731 1.02 44.13 -12.34
CA LYS B 731 0.74 43.25 -13.50
C LYS B 731 -0.73 42.78 -13.58
N GLN B 732 -1.32 42.48 -12.42
CA GLN B 732 -2.70 42.02 -12.35
C GLN B 732 -3.51 42.92 -11.42
N PRO B 733 -3.93 44.10 -11.93
CA PRO B 733 -4.39 45.22 -11.10
C PRO B 733 -5.78 45.02 -10.52
N ASP B 734 -6.66 44.39 -11.30
CA ASP B 734 -8.02 44.09 -10.89
C ASP B 734 -8.07 42.75 -10.19
N LEU B 735 -6.96 42.00 -10.23
CA LEU B 735 -6.86 40.67 -9.63
C LEU B 735 -7.65 40.52 -8.32
N PHE B 736 -7.64 41.57 -7.51
CA PHE B 736 -8.21 41.51 -6.18
C PHE B 736 -9.70 41.92 -6.07
N LYS B 737 -10.25 42.56 -7.10
CA LYS B 737 -11.65 43.02 -7.10
C LYS B 737 -12.62 42.12 -6.36
N ASP B 738 -12.50 40.82 -6.61
CA ASP B 738 -13.31 39.80 -5.95
C ASP B 738 -13.43 39.99 -4.44
N ILE B 739 -12.35 40.50 -3.83
CA ILE B 739 -12.28 40.81 -2.39
C ILE B 739 -12.93 42.14 -2.04
N ILE B 740 -12.48 43.22 -2.69
CA ILE B 740 -13.03 44.56 -2.47
C ILE B 740 -14.54 44.47 -2.55
N ASN B 741 -15.04 43.75 -3.55
CA ASN B 741 -16.47 43.46 -3.70
C ASN B 741 -17.09 42.72 -2.50
N MET B 742 -16.38 41.70 -2.01
CA MET B 742 -16.83 40.88 -0.89
C MET B 742 -16.85 41.72 0.38
N LEU B 743 -15.82 42.55 0.57
CA LEU B 743 -15.71 43.42 1.73
C LEU B 743 -16.87 44.39 1.76
N PHE B 744 -17.10 45.03 0.63
CA PHE B 744 -18.14 46.04 0.48
C PHE B 744 -19.57 45.48 0.45
N TYR B 745 -19.73 44.28 -0.11
CA TYR B 745 -21.07 43.81 -0.41
C TYR B 745 -21.48 42.44 0.13
N HIS B 746 -20.52 41.67 0.63
CA HIS B 746 -20.80 40.31 1.13
C HIS B 746 -19.90 39.91 2.29
N ASP B 747 -19.70 40.82 3.24
CA ASP B 747 -18.77 40.55 4.34
C ASP B 747 -19.48 40.17 5.65
N ARG B 748 -19.79 38.88 5.77
CA ARG B 748 -20.47 38.35 6.95
C ARG B 748 -19.70 38.64 8.23
N PHE B 749 -18.38 38.77 8.08
CA PHE B 749 -17.48 38.79 9.22
C PHE B 749 -16.92 40.18 9.53
N LYS B 750 -17.42 41.16 8.80
CA LYS B 750 -17.26 42.58 9.15
C LYS B 750 -15.80 42.98 9.38
N VAL B 751 -14.98 42.77 8.35
CA VAL B 751 -13.56 43.09 8.38
C VAL B 751 -13.34 44.59 8.66
N PHE B 752 -14.08 45.44 7.96
CA PHE B 752 -14.09 46.88 8.23
C PHE B 752 -14.54 47.21 9.67
N ALA B 753 -15.73 46.72 10.06
CA ALA B 753 -16.32 47.01 11.36
C ALA B 753 -15.33 46.98 12.51
N ASP B 754 -14.52 45.92 12.61
CA ASP B 754 -13.55 45.85 13.71
C ASP B 754 -12.12 46.34 13.39
N TYR B 755 -11.91 46.87 12.17
CA TYR B 755 -10.60 47.44 11.75
C TYR B 755 -10.00 48.43 12.75
N GLU B 756 -10.65 49.57 12.92
CA GLU B 756 -10.15 50.65 13.77
C GLU B 756 -9.84 50.18 15.18
N ALA B 757 -10.81 49.47 15.78
CA ALA B 757 -10.63 48.89 17.11
C ALA B 757 -9.32 48.12 17.15
N TYR B 758 -9.18 47.17 16.24
CA TYR B 758 -7.97 46.38 16.06
C TYR B 758 -6.72 47.26 15.96
N VAL B 759 -6.77 48.27 15.08
CA VAL B 759 -5.59 49.10 14.81
C VAL B 759 -5.21 49.91 16.04
N LYS B 760 -6.22 50.46 16.72
CA LYS B 760 -6.01 51.13 17.98
C LYS B 760 -5.36 50.18 19.00
N CYS B 761 -5.95 48.99 19.10
CA CYS B 761 -5.45 47.92 19.96
C CYS B 761 -4.02 47.61 19.58
N GLN B 762 -3.75 47.64 18.29
CA GLN B 762 -2.42 47.38 17.78
C GLN B 762 -1.35 48.27 18.40
N ASP B 763 -1.67 49.54 18.60
CA ASP B 763 -0.74 50.52 19.18
C ASP B 763 -0.30 50.15 20.58
N LYS B 764 -1.25 49.70 21.39
CA LYS B 764 -0.95 49.28 22.75
C LYS B 764 0.04 48.11 22.78
N VAL B 765 -0.06 47.22 21.79
CA VAL B 765 0.89 46.12 21.66
C VAL B 765 2.26 46.70 21.37
N SER B 766 2.36 47.46 20.27
CA SER B 766 3.59 48.15 19.86
C SER B 766 4.24 48.91 21.00
N GLN B 767 3.43 49.67 21.74
CA GLN B 767 3.88 50.42 22.91
C GLN B 767 4.34 49.55 24.09
N LEU B 768 3.50 48.62 24.54
CA LEU B 768 3.86 47.80 25.70
C LEU B 768 5.12 47.00 25.41
N TYR B 769 5.27 46.59 24.16
CA TYR B 769 6.43 45.81 23.71
C TYR B 769 7.76 46.48 23.99
N MET B 770 7.76 47.82 23.86
CA MET B 770 8.93 48.68 24.09
C MET B 770 9.30 48.75 25.57
N ASN B 771 8.58 47.99 26.39
CA ASN B 771 8.82 47.95 27.80
C ASN B 771 9.17 46.53 28.24
N PRO B 772 10.44 46.10 28.07
CA PRO B 772 10.78 44.71 28.35
C PRO B 772 10.13 44.20 29.64
N LYS B 773 10.28 44.95 30.74
CA LYS B 773 9.73 44.52 32.03
C LYS B 773 8.20 44.41 32.06
N ALA B 774 7.50 45.46 31.66
CA ALA B 774 6.04 45.46 31.63
C ALA B 774 5.47 44.35 30.74
N TRP B 775 5.98 44.24 29.51
CA TRP B 775 5.59 43.17 28.60
C TRP B 775 5.82 41.82 29.26
N ASN B 776 7.10 41.49 29.52
CA ASN B 776 7.48 40.23 30.19
C ASN B 776 6.61 39.89 31.40
N THR B 777 6.36 40.88 32.26
CA THR B 777 5.51 40.70 33.43
C THR B 777 4.18 40.15 32.94
N MET B 778 3.60 40.81 31.95
CA MET B 778 2.36 40.36 31.34
C MET B 778 2.47 38.93 30.78
N VAL B 779 3.45 38.70 29.91
CA VAL B 779 3.71 37.36 29.42
C VAL B 779 3.70 36.31 30.54
N LEU B 780 4.28 36.67 31.69
CA LEU B 780 4.36 35.79 32.87
C LEU B 780 3.01 35.51 33.55
N LYS B 781 2.17 36.54 33.60
CA LYS B 781 0.84 36.42 34.13
C LYS B 781 0.10 35.42 33.29
N ASN B 782 0.26 35.54 31.97
CA ASN B 782 -0.37 34.61 31.03
C ASN B 782 0.03 33.15 31.30
N ILE B 783 1.32 32.87 31.19
CA ILE B 783 1.87 31.54 31.42
C ILE B 783 1.44 31.02 32.79
N ALA B 784 1.31 31.91 33.77
CA ALA B 784 0.84 31.51 35.09
C ALA B 784 -0.63 31.11 35.08
N ALA B 785 -1.46 31.93 34.42
CA ALA B 785 -2.90 31.74 34.41
C ALA B 785 -3.33 30.74 33.37
N SER B 786 -2.41 30.34 32.50
CA SER B 786 -2.67 29.35 31.43
C SER B 786 -3.17 27.99 31.93
N GLY B 787 -2.98 27.77 33.24
CA GLY B 787 -3.31 26.52 33.93
C GLY B 787 -4.51 25.76 33.40
N LYS B 788 -5.67 26.42 33.41
CA LYS B 788 -6.94 25.79 33.05
C LYS B 788 -6.99 25.15 31.66
N PHE B 789 -6.30 25.74 30.70
CA PHE B 789 -6.42 25.29 29.33
C PHE B 789 -5.67 23.99 29.04
N SER B 790 -5.56 23.16 30.07
CA SER B 790 -5.01 21.81 29.92
C SER B 790 -6.12 20.92 29.39
N SER B 791 -5.78 20.15 28.36
CA SER B 791 -6.64 19.11 27.82
C SER B 791 -6.73 17.95 28.81
N ASP B 792 -5.96 18.05 29.89
CA ASP B 792 -6.04 17.13 31.00
C ASP B 792 -7.20 17.51 31.89
N ARG B 793 -7.43 18.80 32.01
CA ARG B 793 -8.59 19.27 32.76
C ARG B 793 -9.86 19.00 31.96
N THR B 794 -9.80 19.19 30.65
CA THR B 794 -10.97 18.97 29.77
C THR B 794 -11.43 17.53 29.87
N ILE B 795 -10.48 16.59 29.77
CA ILE B 795 -10.74 15.19 30.04
C ILE B 795 -11.42 14.93 31.40
N LYS B 796 -10.86 15.44 32.51
CA LYS B 796 -11.47 15.34 33.85
C LYS B 796 -12.95 15.69 33.80
N GLU B 797 -13.27 16.76 33.07
CA GLU B 797 -14.65 17.23 32.97
C GLU B 797 -15.47 16.27 32.13
N TYR B 798 -14.92 15.84 31.00
CA TYR B 798 -15.61 14.86 30.16
C TYR B 798 -15.83 13.56 30.94
N ALA B 799 -14.78 13.07 31.60
CA ALA B 799 -14.77 11.78 32.29
C ALA B 799 -15.77 11.73 33.42
N GLN B 800 -15.95 12.87 34.07
CA GLN B 800 -16.76 12.95 35.26
C GLN B 800 -18.24 13.02 34.89
N ASN B 801 -18.58 14.03 34.09
CA ASN B 801 -19.96 14.40 33.83
C ASN B 801 -20.53 13.92 32.50
N ILE B 802 -19.76 13.12 31.77
CA ILE B 802 -20.24 12.57 30.51
C ILE B 802 -19.93 11.07 30.39
N TRP B 803 -18.66 10.68 30.48
CA TRP B 803 -18.30 9.28 30.29
C TRP B 803 -18.45 8.45 31.55
N ASN B 804 -18.57 9.14 32.69
CA ASN B 804 -18.60 8.50 34.00
C ASN B 804 -17.55 7.40 34.11
N VAL B 805 -16.30 7.83 34.28
CA VAL B 805 -15.17 6.93 34.38
C VAL B 805 -14.16 7.54 35.34
N GLU B 806 -13.35 6.68 35.96
CA GLU B 806 -12.30 7.14 36.87
C GLU B 806 -10.88 6.96 36.34
N PRO B 807 -10.07 8.02 36.43
CA PRO B 807 -8.62 7.94 36.20
C PRO B 807 -7.92 7.05 37.23
N SER B 808 -6.93 6.27 36.79
CA SER B 808 -6.06 5.46 37.67
C SER B 808 -4.65 5.32 37.07
N ASP B 809 -3.91 4.28 37.49
CA ASP B 809 -2.58 3.94 36.92
C ASP B 809 -2.16 2.48 37.15
#